data_9H89
#
_entry.id   9H89
#
_cell.length_a   1.00
_cell.length_b   1.00
_cell.length_c   1.00
_cell.angle_alpha   90.00
_cell.angle_beta   90.00
_cell.angle_gamma   90.00
#
_symmetry.space_group_name_H-M   'P 1'
#
loop_
_entity.id
_entity.type
_entity.pdbx_description
1 polymer 'Outer membrane protein assembly factor BamA'
2 polymer 'Outer membrane protein assembly factor BamB'
3 polymer 'Outer membrane protein assembly factor BamC'
4 polymer 'Outer membrane protein assembly factor BamD'
5 polymer 'Outer membrane protein assembly factor BamE'
#
loop_
_entity_poly.entity_id
_entity_poly.type
_entity_poly.pdbx_seq_one_letter_code
_entity_poly.pdbx_strand_id
1 'polypeptide(L)'
;AEGFVVKDIHFEGLQRVAVGAALLSMPVRTGDTVNDEDISNTIRALFATGNFEDVRVLRDGDTLLVQVKERPTIASITFS
GNKSVKDDMLKQNLEASGVRVGESLDRTTIADIEKGLEDFYYSVGKYSASVKAVVTPLPRNRVDLKLVFQEGVSAEIQQI
NIVGNHAFTTDELISHFQLRDEVPWWNVVGDRKYQKQKLAGDLETLRSYYLDRGYARFNIDSTQVSLTPDKKGIYVTVNI
TEGDQYKLSGVEVSGNLAGHSAEIEQLTKIEPGELYNGTKVTKMEDDIKKLLGRYGYAYPRVQSMPEINDADKTVKLRVN
VDAGNRFYVRKIRFEGNDTSKDAVLRREMRQMEGAWLGSDLVDQGKERLNRLGFFETVDTDTQRVPGSPDQVDVVYKVKE
RNTLVPRGSFNFGIGYGAESGVSFQAGVQQDNWLGTGYAVGINGTKNDYQTYAELSVTNPYFTVDGVSLGGRLFYNDFQA
DDADLSDYTNKSYGTDVTLGFPINEYNSLRAGLGYVHNSLSNMQPQVAMWRYLYSMGEHPSTSDQDNSFKTDDFTFNYGW
TYNKLDRGYFPTDGSRVNLTGKVTIPGSDNEYYKVTLDTATYVPIDDDHKWVVLGRTRWGYGDGLGGKEMPFYENFYAGG
SSTVRGFQSNTIGPKAVYFPHQASNYDPDYDYECATQDGAKDLCKSDDAVGGNAMAVASLEFITPTPFISDKYANSVRTS
FFWDMGTVWDTNWDSSQYSGYPDYSDPSNIRMSAGIALQWMSPLGPLVFSYAQPFKKYDGDKAEQFQFNIGKTW
;
A
2 'polypeptide(L)'
;CSLFNSEEDVVKMSPLPTVENQFTPTTAWSTSVGSGIGNFYSNLHPALADNVVYAADRAGLVKALNADDGKEIWSVSLAE
KDGWFSKEPALLSGGVTVSGGHVYIGSEKAQVYALNTSDGTVAWQTKVAGEALSRPVVSDGLVLIHTSNGQLQALNEADG
AVKWTVNLDMPSLSLRGESAPTTAFGAAVVGGDNGRVSAVLMEQGQMIWQQRISQATGSTEIDRLSDVDTTPVVVNGVVF
ALAYNGNLTALDLRSGQIMWKRELGSVNDFIVDGNRIYLVDQNDRVMALTIDGGVTLWTQSDLLHRLLTSPVLYNGNLVV
GDSEGYLHWINVEDGRFVAQQKVDSSGFQTEPVAADGKLLIQAKDGTVYSITR
;
B
3 'polypeptide(L)'
;CSSDSRYKRQVSGDEAYLEAAPLAELHAPAGMILPVTSGDYAIPVTNGSGAVGKALDIRPPAQPLALVSGARTQFTGDTA
SLLVENGRGNTLWPQVVSVLQAKNYTITQRDDAGQTLTTDWVQWNRLDEDEQYRGRYQISVKPQGYQQAVTVKLLNLEQA
GKPVADAASMQRYSTEMMNVISAGLDKSATDAANAAQNRASTTMDVQSAADDTGLPMLVVRGPFNVVWQRLPAALEKVGM
KVTDSTRSQGNMAVTYKPLSDSDWQELGASDPGLASGDYKLQVGDLDNRSSLQFIDPKGHTLTQSQNDALVAVFQAAFSK
;
C
4 'polypeptide(L)'
;CSGSKEEVPDNPPNEIYATAQQKLQDGNWRQAITQLEALDNRYPFGPYSQQVQLDLIYAYYKNADLPLAQAAIDRFIRLN
PTHPNIDYVMYMRGLTNMALDDSALQGFFGVDRSDRDPQHARAAFSDFSKLVRGYPNSQYTTDATKRLVFLKDRLAKYEY
SVAEYYTERGAWVAVVNRVEGMLRDYPDTQATRDALPLMENAYRQMQMNAQAEKVAKIIAANSSNT
;
D
5 'polypeptide(L)'
;CSTLERVVYRPDINQGNYLTANDVSKIRVGMTQQQVAYALGTPLMSDPFGTNTWFYVFRQQPGHEGVTQQTLTLTFNSSG
VLTNIDNKPALSGN
;
E
#
# COMPACT_ATOMS: atom_id res chain seq x y z
N PRO A 72 -35.66 -18.37 -13.45
CA PRO A 72 -35.04 -19.65 -13.06
C PRO A 72 -33.79 -19.52 -12.21
N THR A 73 -33.26 -20.66 -11.78
CA THR A 73 -32.03 -20.74 -11.02
C THR A 73 -30.91 -21.10 -11.98
N ILE A 74 -29.71 -20.60 -11.70
CA ILE A 74 -28.59 -20.66 -12.64
C ILE A 74 -27.51 -21.53 -12.03
N ALA A 75 -27.08 -22.55 -12.77
CA ALA A 75 -26.00 -23.43 -12.31
C ALA A 75 -24.62 -22.78 -12.42
N SER A 76 -24.42 -21.87 -13.37
CA SER A 76 -23.14 -21.22 -13.52
C SER A 76 -23.31 -19.90 -14.26
N ILE A 77 -22.54 -18.91 -13.85
CA ILE A 77 -22.46 -17.61 -14.53
C ILE A 77 -21.01 -17.39 -14.90
N THR A 78 -20.75 -17.15 -16.19
CA THR A 78 -19.40 -17.09 -16.72
C THR A 78 -19.19 -15.79 -17.49
N PHE A 79 -17.95 -15.29 -17.47
CA PHE A 79 -17.60 -14.05 -18.12
C PHE A 79 -16.45 -14.31 -19.09
N SER A 80 -16.59 -13.81 -20.32
CA SER A 80 -15.61 -14.07 -21.37
C SER A 80 -15.34 -12.78 -22.13
N GLY A 81 -14.15 -12.71 -22.75
CA GLY A 81 -13.73 -11.53 -23.47
C GLY A 81 -13.08 -10.45 -22.62
N ASN A 82 -13.10 -10.59 -21.31
CA ASN A 82 -12.50 -9.60 -20.44
C ASN A 82 -10.98 -9.62 -20.59
N LYS A 83 -10.39 -8.45 -20.85
CA LYS A 83 -8.94 -8.31 -20.94
C LYS A 83 -8.36 -8.07 -19.54
N SER A 84 -8.66 -9.00 -18.64
CA SER A 84 -8.17 -9.00 -17.27
C SER A 84 -8.64 -7.79 -16.47
N VAL A 85 -9.64 -7.06 -16.97
CA VAL A 85 -10.11 -5.84 -16.32
C VAL A 85 -11.14 -6.22 -15.26
N LYS A 86 -10.69 -6.42 -14.02
CA LYS A 86 -11.57 -6.58 -12.87
C LYS A 86 -12.68 -7.59 -13.14
N ASP A 87 -12.30 -8.84 -13.39
CA ASP A 87 -13.28 -9.88 -13.64
C ASP A 87 -14.16 -10.11 -12.42
N ASP A 88 -13.57 -10.07 -11.22
CA ASP A 88 -14.34 -10.33 -10.01
C ASP A 88 -15.45 -9.30 -9.81
N MET A 89 -15.15 -8.02 -10.03
CA MET A 89 -16.16 -6.98 -9.87
C MET A 89 -17.36 -7.22 -10.78
N LEU A 90 -17.19 -7.94 -11.88
CA LEU A 90 -18.34 -8.27 -12.73
C LEU A 90 -19.37 -9.07 -11.94
N LYS A 91 -18.92 -10.04 -11.15
CA LYS A 91 -19.84 -10.73 -10.25
C LYS A 91 -20.46 -9.75 -9.25
N GLN A 92 -19.66 -8.82 -8.74
CA GLN A 92 -20.17 -7.82 -7.81
C GLN A 92 -21.23 -6.95 -8.48
N ASN A 93 -21.03 -6.60 -9.75
CA ASN A 93 -22.03 -5.82 -10.46
C ASN A 93 -23.34 -6.59 -10.57
N LEU A 94 -23.27 -7.90 -10.86
CA LEU A 94 -24.47 -8.71 -10.89
C LEU A 94 -25.14 -8.77 -9.52
N GLU A 95 -24.34 -8.89 -8.46
CA GLU A 95 -24.90 -8.90 -7.11
C GLU A 95 -25.65 -7.61 -6.83
N ALA A 96 -25.06 -6.47 -7.21
CA ALA A 96 -25.77 -5.20 -7.11
C ALA A 96 -27.01 -5.20 -8.00
N SER A 97 -26.98 -5.95 -9.11
CA SER A 97 -28.12 -6.06 -10.01
C SER A 97 -29.15 -7.07 -9.53
N GLY A 98 -28.86 -7.80 -8.45
CA GLY A 98 -29.83 -8.74 -7.91
C GLY A 98 -29.81 -10.11 -8.52
N VAL A 99 -28.68 -10.54 -9.08
CA VAL A 99 -28.52 -11.88 -9.63
C VAL A 99 -27.19 -12.45 -9.16
N ARG A 100 -27.10 -13.78 -9.20
CA ARG A 100 -25.99 -14.51 -8.59
C ARG A 100 -26.13 -15.96 -8.98
N VAL A 101 -25.01 -16.70 -8.86
CA VAL A 101 -25.03 -18.12 -9.19
C VAL A 101 -26.14 -18.81 -8.41
N GLY A 102 -27.06 -19.46 -9.12
CA GLY A 102 -28.21 -20.06 -8.52
C GLY A 102 -29.33 -19.10 -8.20
N GLU A 103 -29.16 -17.80 -8.44
CA GLU A 103 -30.17 -16.82 -8.12
C GLU A 103 -31.25 -16.79 -9.20
N SER A 104 -32.37 -16.16 -8.86
CA SER A 104 -33.55 -16.11 -9.73
C SER A 104 -33.40 -14.98 -10.74
N LEU A 105 -33.17 -15.36 -11.99
CA LEU A 105 -33.18 -14.41 -13.10
C LEU A 105 -33.54 -15.15 -14.39
N ASP A 106 -34.28 -14.48 -15.26
CA ASP A 106 -34.71 -15.05 -16.53
C ASP A 106 -33.92 -14.44 -17.69
N ARG A 107 -34.18 -14.96 -18.89
CA ARG A 107 -33.45 -14.51 -20.07
C ARG A 107 -33.66 -13.03 -20.34
N THR A 108 -34.91 -12.57 -20.20
CA THR A 108 -35.20 -11.17 -20.50
C THR A 108 -34.49 -10.23 -19.53
N THR A 109 -34.61 -10.50 -18.22
CA THR A 109 -33.94 -9.66 -17.23
C THR A 109 -32.44 -9.77 -17.34
N ILE A 110 -31.92 -10.92 -17.80
CA ILE A 110 -30.48 -11.05 -18.03
C ILE A 110 -30.03 -10.03 -19.08
N ALA A 111 -30.78 -9.92 -20.17
CA ALA A 111 -30.46 -8.92 -21.18
C ALA A 111 -30.57 -7.51 -20.61
N ASP A 112 -31.60 -7.26 -19.80
CA ASP A 112 -31.74 -5.94 -19.18
C ASP A 112 -30.58 -5.65 -18.25
N ILE A 113 -30.15 -6.64 -17.47
CA ILE A 113 -29.10 -6.40 -16.48
C ILE A 113 -27.74 -6.29 -17.14
N GLU A 114 -27.56 -6.88 -18.32
CA GLU A 114 -26.27 -6.80 -18.99
C GLU A 114 -25.87 -5.34 -19.21
N LYS A 115 -26.84 -4.45 -19.30
CA LYS A 115 -26.53 -3.02 -19.40
C LYS A 115 -25.72 -2.56 -18.21
N GLY A 116 -25.99 -3.11 -17.02
CA GLY A 116 -25.23 -2.73 -15.85
C GLY A 116 -23.76 -3.08 -15.94
N LEU A 117 -23.44 -4.18 -16.64
CA LEU A 117 -22.04 -4.49 -16.90
C LEU A 117 -21.43 -3.43 -17.82
N GLU A 118 -22.18 -2.99 -18.83
CA GLU A 118 -21.74 -1.85 -19.62
C GLU A 118 -21.54 -0.63 -18.74
N ASP A 119 -22.42 -0.43 -17.75
CA ASP A 119 -22.26 0.69 -16.83
C ASP A 119 -20.95 0.58 -16.05
N PHE A 120 -20.62 -0.62 -15.57
CA PHE A 120 -19.38 -0.79 -14.83
C PHE A 120 -18.17 -0.49 -15.71
N TYR A 121 -18.16 -1.02 -16.93
CA TYR A 121 -17.03 -0.76 -17.81
C TYR A 121 -16.99 0.69 -18.29
N TYR A 122 -18.14 1.38 -18.26
CA TYR A 122 -18.12 2.82 -18.46
C TYR A 122 -17.45 3.52 -17.29
N SER A 123 -17.74 3.05 -16.08
CA SER A 123 -17.15 3.66 -14.88
C SER A 123 -15.65 3.43 -14.81
N VAL A 124 -15.17 2.27 -15.26
CA VAL A 124 -13.74 1.97 -15.19
C VAL A 124 -12.94 2.70 -16.25
N GLY A 125 -13.60 3.47 -17.12
CA GLY A 125 -12.94 4.19 -18.18
C GLY A 125 -13.09 3.58 -19.56
N LYS A 126 -13.58 2.35 -19.66
CA LYS A 126 -13.80 1.71 -20.97
C LYS A 126 -15.16 2.14 -21.53
N TYR A 127 -15.23 3.44 -21.88
CA TYR A 127 -16.47 4.01 -22.40
C TYR A 127 -16.92 3.30 -23.68
N SER A 128 -15.99 2.78 -24.47
CA SER A 128 -16.36 2.08 -25.71
C SER A 128 -17.03 0.74 -25.42
N ALA A 129 -17.00 0.26 -24.19
CA ALA A 129 -17.38 -1.11 -23.90
C ALA A 129 -18.89 -1.33 -24.06
N SER A 130 -19.24 -2.51 -24.56
CA SER A 130 -20.62 -3.00 -24.54
C SER A 130 -20.56 -4.51 -24.30
N VAL A 131 -21.63 -5.06 -23.75
CA VAL A 131 -21.64 -6.42 -23.24
C VAL A 131 -22.82 -7.18 -23.84
N LYS A 132 -22.62 -8.49 -24.03
CA LYS A 132 -23.63 -9.39 -24.57
C LYS A 132 -23.77 -10.60 -23.67
N ALA A 133 -24.93 -11.25 -23.74
CA ALA A 133 -25.26 -12.37 -22.88
C ALA A 133 -25.55 -13.61 -23.72
N VAL A 134 -25.05 -14.76 -23.26
CA VAL A 134 -25.31 -16.05 -23.90
C VAL A 134 -25.76 -17.03 -22.82
N VAL A 135 -26.84 -17.75 -23.08
CA VAL A 135 -27.48 -18.57 -22.06
C VAL A 135 -28.07 -19.81 -22.71
N THR A 136 -28.12 -20.91 -21.95
CA THR A 136 -28.70 -22.18 -22.42
C THR A 136 -29.41 -22.84 -21.23
N PRO A 137 -30.68 -23.25 -21.39
CA PRO A 137 -31.37 -23.92 -20.28
C PRO A 137 -31.07 -25.41 -20.23
N LEU A 138 -30.97 -25.94 -19.01
CA LEU A 138 -31.00 -27.39 -18.81
C LEU A 138 -32.43 -27.90 -18.99
N PRO A 139 -32.61 -29.20 -19.25
CA PRO A 139 -33.91 -29.67 -19.77
C PRO A 139 -35.09 -29.42 -18.84
N ARG A 140 -34.88 -29.08 -17.56
CA ARG A 140 -35.99 -28.78 -16.67
C ARG A 140 -35.82 -27.41 -16.04
N ASN A 141 -35.53 -26.41 -16.87
CA ASN A 141 -35.53 -25.01 -16.45
C ASN A 141 -34.50 -24.75 -15.35
N ARG A 142 -33.29 -25.22 -15.58
CA ARG A 142 -32.11 -24.77 -14.85
C ARG A 142 -31.12 -24.23 -15.87
N VAL A 143 -30.52 -23.09 -15.56
CA VAL A 143 -29.92 -22.23 -16.57
C VAL A 143 -28.41 -22.21 -16.40
N ASP A 144 -27.71 -22.18 -17.53
CA ASP A 144 -26.27 -21.96 -17.58
C ASP A 144 -26.02 -20.69 -18.39
N LEU A 145 -25.22 -19.78 -17.85
CA LEU A 145 -25.11 -18.43 -18.37
C LEU A 145 -23.66 -18.07 -18.65
N LYS A 146 -23.42 -17.49 -19.83
CA LYS A 146 -22.17 -16.87 -20.18
C LYS A 146 -22.41 -15.41 -20.50
N LEU A 147 -21.44 -14.56 -20.16
CA LEU A 147 -21.52 -13.14 -20.45
C LEU A 147 -20.29 -12.74 -21.26
N VAL A 148 -20.52 -12.08 -22.38
CA VAL A 148 -19.48 -11.80 -23.36
C VAL A 148 -19.32 -10.29 -23.48
N PHE A 149 -18.08 -9.83 -23.52
CA PHE A 149 -17.76 -8.41 -23.39
C PHE A 149 -17.05 -7.90 -24.63
N GLN A 150 -17.34 -6.65 -24.99
CA GLN A 150 -16.58 -5.91 -25.98
C GLN A 150 -15.94 -4.74 -25.24
N GLU A 151 -14.62 -4.60 -25.39
CA GLU A 151 -13.84 -3.78 -24.46
C GLU A 151 -12.79 -2.97 -25.22
N GLY A 152 -13.23 -2.24 -26.25
CA GLY A 152 -12.30 -1.51 -27.09
C GLY A 152 -11.51 -0.45 -26.32
N VAL A 153 -10.42 -0.01 -26.95
CA VAL A 153 -9.54 1.02 -26.40
C VAL A 153 -10.34 2.24 -25.98
N SER A 154 -10.00 2.82 -24.83
CA SER A 154 -10.71 3.99 -24.33
C SER A 154 -9.86 4.69 -23.28
N ALA A 155 -10.30 5.89 -22.91
CA ALA A 155 -9.78 6.63 -21.77
C ALA A 155 -8.34 7.12 -21.96
N GLU A 156 -7.90 7.29 -23.20
CA GLU A 156 -6.58 7.87 -23.44
C GLU A 156 -6.68 9.39 -23.35
N ILE A 157 -6.01 9.97 -22.35
CA ILE A 157 -6.05 11.41 -22.13
C ILE A 157 -5.18 12.06 -23.20
N GLN A 158 -5.82 12.65 -24.21
CA GLN A 158 -5.08 13.35 -25.25
C GLN A 158 -4.66 14.75 -24.82
N GLN A 159 -5.14 15.23 -23.68
CA GLN A 159 -4.75 16.53 -23.18
C GLN A 159 -5.19 16.68 -21.74
N ILE A 160 -4.38 17.42 -20.98
CA ILE A 160 -4.77 17.99 -19.69
C ILE A 160 -4.61 19.49 -19.80
N ASN A 161 -5.71 20.23 -19.64
CA ASN A 161 -5.72 21.66 -19.91
C ASN A 161 -6.02 22.41 -18.63
N ILE A 162 -5.31 23.51 -18.42
CA ILE A 162 -5.53 24.40 -17.28
C ILE A 162 -5.74 25.80 -17.84
N VAL A 163 -6.81 26.46 -17.40
CA VAL A 163 -7.19 27.77 -17.91
C VAL A 163 -7.34 28.72 -16.74
N GLY A 164 -7.15 30.01 -17.01
CA GLY A 164 -7.10 31.00 -15.96
C GLY A 164 -5.77 31.11 -15.27
N ASN A 165 -4.86 30.16 -15.48
CA ASN A 165 -3.54 30.22 -14.88
C ASN A 165 -2.74 31.38 -15.45
N HIS A 166 -2.09 32.13 -14.56
CA HIS A 166 -1.22 33.22 -14.98
C HIS A 166 0.07 33.31 -14.18
N ALA A 167 0.30 32.42 -13.21
CA ALA A 167 1.50 32.47 -12.39
C ALA A 167 2.59 31.52 -12.90
N PHE A 168 2.22 30.49 -13.65
CA PHE A 168 3.16 29.45 -14.07
C PHE A 168 2.88 29.07 -15.51
N THR A 169 3.83 28.35 -16.09
CA THR A 169 3.57 27.63 -17.34
C THR A 169 2.89 26.32 -17.02
N THR A 170 1.80 26.02 -17.74
CA THR A 170 0.96 24.89 -17.36
C THR A 170 1.74 23.58 -17.33
N ASP A 171 2.71 23.42 -18.25
CA ASP A 171 3.45 22.17 -18.32
C ASP A 171 4.04 21.79 -16.96
N GLU A 172 4.51 22.78 -16.20
CA GLU A 172 5.02 22.49 -14.87
C GLU A 172 3.91 21.94 -13.96
N LEU A 173 2.71 22.52 -14.05
CA LEU A 173 1.63 22.07 -13.18
C LEU A 173 1.18 20.66 -13.52
N ILE A 174 0.92 20.39 -14.81
CA ILE A 174 0.39 19.08 -15.18
C ILE A 174 1.44 18.00 -14.98
N SER A 175 2.73 18.35 -15.10
CA SER A 175 3.77 17.34 -14.94
C SER A 175 3.72 16.69 -13.56
N HIS A 176 3.15 17.36 -12.56
CA HIS A 176 3.02 16.79 -11.23
C HIS A 176 1.78 15.93 -11.08
N PHE A 177 0.88 15.93 -12.05
CA PHE A 177 -0.28 15.06 -12.02
C PHE A 177 0.13 13.60 -12.17
N GLN A 178 -0.69 12.71 -11.60
CA GLN A 178 -0.58 11.30 -11.94
C GLN A 178 -0.99 11.07 -13.39
N LEU A 179 -2.00 11.81 -13.84
CA LEU A 179 -2.42 11.75 -15.24
C LEU A 179 -1.37 12.41 -16.13
N ARG A 180 -1.42 12.09 -17.42
CA ARG A 180 -0.45 12.60 -18.38
C ARG A 180 -1.14 12.90 -19.70
N ASP A 181 -0.59 13.88 -20.41
CA ASP A 181 -1.02 14.19 -21.78
C ASP A 181 -0.14 13.52 -22.81
N GLU A 182 1.17 13.53 -22.59
CA GLU A 182 2.12 12.89 -23.49
C GLU A 182 3.23 12.28 -22.65
N VAL A 183 3.35 10.96 -22.70
CA VAL A 183 4.34 10.25 -21.91
C VAL A 183 5.73 10.54 -22.49
N PRO A 184 6.67 11.04 -21.71
CA PRO A 184 7.99 11.39 -22.28
C PRO A 184 8.77 10.15 -22.68
N TRP A 185 9.33 10.19 -23.89
CA TRP A 185 10.20 9.11 -24.34
C TRP A 185 11.46 9.00 -23.49
N TRP A 186 11.84 10.10 -22.81
CA TRP A 186 13.05 10.06 -21.98
C TRP A 186 12.91 9.04 -20.86
N ASN A 187 11.73 8.96 -20.24
CA ASN A 187 11.46 7.92 -19.25
C ASN A 187 9.98 7.56 -19.36
N VAL A 188 9.70 6.47 -20.07
CA VAL A 188 8.33 6.03 -20.32
C VAL A 188 7.82 5.25 -19.12
N VAL A 189 7.15 5.94 -18.20
CA VAL A 189 6.62 5.33 -16.98
C VAL A 189 5.11 5.34 -17.05
N GLY A 190 4.50 4.17 -16.87
CA GLY A 190 3.05 4.08 -16.90
C GLY A 190 2.48 4.44 -18.25
N ASP A 191 1.24 4.93 -18.25
CA ASP A 191 0.57 5.33 -19.47
C ASP A 191 -0.45 6.41 -19.14
N ARG A 192 -0.86 7.15 -20.17
CA ARG A 192 -1.81 8.25 -20.02
C ARG A 192 -3.25 7.73 -20.07
N LYS A 193 -3.64 7.04 -19.01
CA LYS A 193 -4.96 6.45 -18.89
C LYS A 193 -5.75 7.16 -17.79
N TYR A 194 -7.01 7.49 -18.09
CA TYR A 194 -7.80 8.33 -17.20
C TYR A 194 -8.37 7.53 -16.02
N GLN A 195 -8.55 8.22 -14.90
CA GLN A 195 -9.21 7.63 -13.72
C GLN A 195 -9.71 8.79 -12.87
N LYS A 196 -11.03 8.85 -12.67
CA LYS A 196 -11.65 10.05 -12.09
C LYS A 196 -11.18 10.28 -10.65
N GLN A 197 -11.06 9.21 -9.86
CA GLN A 197 -10.60 9.40 -8.48
C GLN A 197 -9.20 10.00 -8.46
N LYS A 198 -8.32 9.52 -9.35
CA LYS A 198 -7.00 10.12 -9.46
C LYS A 198 -7.09 11.54 -10.00
N LEU A 199 -8.11 11.86 -10.79
CA LEU A 199 -8.30 13.24 -11.21
C LEU A 199 -8.59 14.14 -10.01
N ALA A 200 -9.46 13.67 -9.10
CA ALA A 200 -9.72 14.44 -7.88
C ALA A 200 -8.46 14.58 -7.04
N GLY A 201 -7.71 13.48 -6.90
CA GLY A 201 -6.45 13.55 -6.18
C GLY A 201 -5.51 14.57 -6.77
N ASP A 202 -5.40 14.59 -8.10
CA ASP A 202 -4.50 15.53 -8.75
C ASP A 202 -5.01 16.96 -8.66
N LEU A 203 -6.33 17.16 -8.64
CA LEU A 203 -6.88 18.48 -8.36
C LEU A 203 -6.43 18.96 -6.99
N GLU A 204 -6.48 18.08 -5.99
CA GLU A 204 -5.99 18.42 -4.67
C GLU A 204 -4.49 18.68 -4.67
N THR A 205 -3.72 17.93 -5.47
CA THR A 205 -2.29 18.21 -5.57
C THR A 205 -2.04 19.58 -6.20
N LEU A 206 -2.84 19.95 -7.19
CA LEU A 206 -2.71 21.28 -7.81
C LEU A 206 -2.99 22.37 -6.78
N ARG A 207 -4.06 22.21 -6.01
CA ARG A 207 -4.39 23.19 -4.99
C ARG A 207 -3.28 23.26 -3.94
N SER A 208 -2.74 22.11 -3.54
CA SER A 208 -1.66 22.09 -2.56
C SER A 208 -0.40 22.75 -3.12
N TYR A 209 -0.13 22.57 -4.41
CA TYR A 209 1.00 23.25 -5.03
C TYR A 209 0.82 24.77 -5.00
N TYR A 210 -0.36 25.24 -5.40
CA TYR A 210 -0.58 26.68 -5.42
C TYR A 210 -0.52 27.28 -4.02
N LEU A 211 -1.09 26.58 -3.03
CA LEU A 211 -1.01 27.07 -1.65
C LEU A 211 0.40 27.00 -1.12
N ASP A 212 1.16 25.98 -1.50
CA ASP A 212 2.56 25.88 -1.10
C ASP A 212 3.38 27.02 -1.70
N ARG A 213 3.16 27.31 -2.99
CA ARG A 213 3.86 28.42 -3.62
C ARG A 213 3.47 29.74 -2.98
N GLY A 214 2.26 29.83 -2.43
CA GLY A 214 1.89 30.96 -1.59
C GLY A 214 0.66 31.72 -2.02
N TYR A 215 -0.06 31.23 -3.02
CA TYR A 215 -1.28 31.90 -3.48
C TYR A 215 -2.42 31.49 -2.56
N ALA A 216 -2.51 32.20 -1.43
CA ALA A 216 -3.45 31.83 -0.38
C ALA A 216 -4.89 31.85 -0.85
N ARG A 217 -5.25 32.74 -1.77
CA ARG A 217 -6.62 32.84 -2.25
C ARG A 217 -6.93 31.86 -3.38
N PHE A 218 -5.99 30.97 -3.71
CA PHE A 218 -6.17 30.09 -4.86
C PHE A 218 -7.49 29.35 -4.77
N ASN A 219 -8.08 29.08 -5.94
CA ASN A 219 -9.37 28.42 -6.03
C ASN A 219 -9.42 27.55 -7.27
N ILE A 220 -9.95 26.33 -7.11
CA ILE A 220 -10.18 25.43 -8.23
C ILE A 220 -11.66 25.51 -8.56
N ASP A 221 -11.97 25.93 -9.79
CA ASP A 221 -13.32 26.33 -10.17
C ASP A 221 -13.82 25.44 -11.29
N SER A 222 -14.92 24.73 -11.02
CA SER A 222 -15.66 23.99 -12.04
C SER A 222 -14.73 23.22 -12.98
N THR A 223 -14.08 22.21 -12.44
CA THR A 223 -13.27 21.32 -13.27
C THR A 223 -14.17 20.59 -14.27
N GLN A 224 -13.65 20.39 -15.48
CA GLN A 224 -14.40 19.82 -16.58
C GLN A 224 -13.70 18.59 -17.14
N VAL A 225 -14.48 17.58 -17.50
CA VAL A 225 -13.99 16.37 -18.14
C VAL A 225 -14.77 16.17 -19.43
N SER A 226 -14.06 15.90 -20.51
CA SER A 226 -14.67 15.80 -21.83
C SER A 226 -14.17 14.54 -22.54
N LEU A 227 -15.07 13.94 -23.34
CA LEU A 227 -14.70 12.87 -24.24
C LEU A 227 -15.26 13.18 -25.63
N THR A 228 -14.66 12.56 -26.63
CA THR A 228 -14.76 12.92 -28.03
C THR A 228 -15.91 12.18 -28.71
N PRO A 229 -16.52 12.75 -29.78
CA PRO A 229 -17.61 12.03 -30.47
C PRO A 229 -17.24 10.61 -30.85
N ASP A 230 -15.94 10.31 -30.91
CA ASP A 230 -15.46 8.95 -30.79
C ASP A 230 -14.99 8.78 -29.35
N LYS A 231 -15.54 7.77 -28.67
CA LYS A 231 -15.55 7.82 -27.22
C LYS A 231 -14.18 7.57 -26.61
N LYS A 232 -13.24 7.04 -27.38
CA LYS A 232 -11.95 6.67 -26.79
C LYS A 232 -11.16 7.90 -26.36
N GLY A 233 -11.40 9.05 -27.01
CA GLY A 233 -10.62 10.24 -26.75
C GLY A 233 -11.09 11.08 -25.58
N ILE A 234 -10.25 11.19 -24.54
CA ILE A 234 -10.55 12.01 -23.37
C ILE A 234 -9.58 13.18 -23.33
N TYR A 235 -10.07 14.32 -22.84
CA TYR A 235 -9.20 15.38 -22.35
C TYR A 235 -9.94 16.17 -21.28
N VAL A 236 -9.18 16.71 -20.33
CA VAL A 236 -9.71 17.25 -19.09
C VAL A 236 -9.27 18.70 -18.94
N THR A 237 -10.18 19.55 -18.46
CA THR A 237 -9.96 20.99 -18.32
C THR A 237 -10.19 21.39 -16.88
N VAL A 238 -9.36 22.29 -16.37
CA VAL A 238 -9.49 22.82 -15.01
C VAL A 238 -9.36 24.33 -15.09
N ASN A 239 -10.38 25.05 -14.62
CA ASN A 239 -10.30 26.50 -14.48
C ASN A 239 -9.90 26.84 -13.05
N ILE A 240 -8.93 27.74 -12.91
CA ILE A 240 -8.41 28.12 -11.60
C ILE A 240 -8.26 29.64 -11.53
N THR A 241 -8.30 30.16 -10.31
CA THR A 241 -8.10 31.58 -10.04
C THR A 241 -6.97 31.71 -9.04
N GLU A 242 -6.18 32.78 -9.16
CA GLU A 242 -4.91 32.89 -8.46
C GLU A 242 -4.85 34.00 -7.42
N GLY A 243 -5.43 35.17 -7.69
CA GLY A 243 -5.20 36.29 -6.81
C GLY A 243 -3.72 36.66 -6.82
N ASP A 244 -3.08 36.63 -5.66
CA ASP A 244 -1.65 36.90 -5.57
C ASP A 244 -1.08 36.13 -4.39
N GLN A 245 0.23 35.84 -4.48
CA GLN A 245 0.92 35.19 -3.38
C GLN A 245 1.09 36.16 -2.22
N TYR A 246 0.85 35.67 -1.01
CA TYR A 246 0.75 36.50 0.18
C TYR A 246 1.85 36.17 1.18
N LYS A 247 2.35 37.20 1.85
CA LYS A 247 3.31 37.00 2.92
C LYS A 247 2.61 36.49 4.18
N LEU A 248 3.34 35.68 4.95
CA LEU A 248 2.87 35.22 6.26
C LEU A 248 3.27 36.28 7.28
N SER A 249 2.50 37.36 7.30
CA SER A 249 2.86 38.55 8.08
C SER A 249 2.93 38.29 9.57
N GLY A 250 2.33 37.21 10.07
CA GLY A 250 2.35 36.92 11.48
C GLY A 250 1.52 35.72 11.85
N VAL A 251 1.80 35.12 13.00
CA VAL A 251 1.11 33.93 13.47
C VAL A 251 0.66 34.15 14.91
N GLU A 252 -0.58 33.77 15.20
CA GLU A 252 -1.15 33.90 16.53
C GLU A 252 -1.68 32.53 16.95
N VAL A 253 -1.32 32.11 18.17
CA VAL A 253 -1.75 30.83 18.72
C VAL A 253 -2.49 31.10 20.03
N SER A 254 -3.67 30.51 20.17
CA SER A 254 -4.53 30.79 21.30
C SER A 254 -5.17 29.49 21.80
N GLY A 255 -5.57 29.50 23.05
CA GLY A 255 -6.26 28.38 23.66
C GLY A 255 -5.51 27.88 24.89
N ASN A 256 -6.03 26.80 25.46
CA ASN A 256 -5.47 26.20 26.67
C ASN A 256 -4.31 25.31 26.26
N LEU A 257 -3.09 25.86 26.31
CA LEU A 257 -1.89 25.12 25.95
C LEU A 257 -1.25 24.40 27.13
N ALA A 258 -1.79 24.56 28.33
CA ALA A 258 -1.26 23.88 29.51
C ALA A 258 0.20 24.25 29.77
N GLY A 259 0.54 25.50 29.48
CA GLY A 259 1.87 26.01 29.78
C GLY A 259 2.94 25.69 28.77
N HIS A 260 2.62 24.93 27.73
CA HIS A 260 3.60 24.55 26.72
C HIS A 260 3.72 25.57 25.60
N SER A 261 3.31 26.82 25.85
CA SER A 261 3.31 27.84 24.79
C SER A 261 4.70 28.09 24.24
N ALA A 262 5.72 28.06 25.09
CA ALA A 262 7.07 28.44 24.64
C ALA A 262 7.54 27.52 23.50
N GLU A 263 7.36 26.21 23.66
CA GLU A 263 7.78 25.29 22.61
C GLU A 263 6.86 25.36 21.40
N ILE A 264 5.57 25.57 21.63
CA ILE A 264 4.64 25.75 20.51
C ILE A 264 5.04 26.97 19.69
N GLU A 265 5.48 28.03 20.36
CA GLU A 265 5.99 29.20 19.63
C GLU A 265 7.22 28.81 18.80
N GLN A 266 8.14 28.05 19.39
CA GLN A 266 9.31 27.61 18.64
C GLN A 266 8.90 26.83 17.40
N LEU A 267 7.82 26.05 17.50
CA LEU A 267 7.23 25.48 16.30
C LEU A 267 6.68 26.57 15.40
N THR A 268 6.06 27.60 15.98
CA THR A 268 5.46 28.68 15.23
C THR A 268 6.50 29.64 14.66
N LYS A 269 7.76 29.53 15.08
CA LYS A 269 8.79 30.50 14.71
C LYS A 269 8.89 30.63 13.20
N ILE A 270 8.72 31.86 12.70
CA ILE A 270 8.84 32.14 11.28
C ILE A 270 9.32 33.58 11.11
N GLU A 271 10.05 33.81 10.02
CA GLU A 271 10.41 35.17 9.62
C GLU A 271 9.21 35.85 8.97
N PRO A 272 8.79 37.02 9.43
CA PRO A 272 7.58 37.63 8.86
C PRO A 272 7.65 37.85 7.36
N GLY A 273 8.83 37.92 6.78
CA GLY A 273 8.97 38.02 5.34
C GLY A 273 8.72 36.73 4.60
N GLU A 274 8.53 35.63 5.32
CA GLU A 274 8.28 34.35 4.66
C GLU A 274 6.96 34.39 3.89
N LEU A 275 6.95 33.74 2.73
CA LEU A 275 5.74 33.61 1.94
C LEU A 275 4.82 32.56 2.55
N TYR A 276 3.52 32.83 2.51
CA TYR A 276 2.55 31.88 3.04
C TYR A 276 2.72 30.53 2.36
N ASN A 277 2.45 29.47 3.11
CA ASN A 277 2.65 28.10 2.61
C ASN A 277 1.64 27.19 3.28
N GLY A 278 0.74 26.60 2.48
CA GLY A 278 -0.24 25.69 3.04
C GLY A 278 0.41 24.47 3.67
N THR A 279 1.43 23.91 3.03
CA THR A 279 2.12 22.75 3.57
C THR A 279 2.78 23.09 4.90
N LYS A 280 3.37 24.29 5.00
CA LYS A 280 4.03 24.67 6.25
C LYS A 280 3.04 24.77 7.39
N VAL A 281 1.87 25.37 7.15
CA VAL A 281 0.87 25.47 8.21
C VAL A 281 0.32 24.10 8.57
N THR A 282 0.16 23.22 7.57
CA THR A 282 -0.28 21.87 7.85
C THR A 282 0.73 21.13 8.73
N LYS A 283 2.02 21.27 8.42
CA LYS A 283 3.04 20.67 9.28
C LYS A 283 3.11 21.34 10.64
N MET A 284 2.76 22.62 10.72
CA MET A 284 2.69 23.27 12.01
C MET A 284 1.60 22.65 12.88
N GLU A 285 0.43 22.40 12.29
CA GLU A 285 -0.61 21.69 13.00
C GLU A 285 -0.15 20.29 13.40
N ASP A 286 0.52 19.60 12.47
CA ASP A 286 0.99 18.25 12.76
C ASP A 286 1.96 18.24 13.94
N ASP A 287 2.89 19.19 13.96
CA ASP A 287 3.90 19.20 15.00
C ASP A 287 3.34 19.70 16.33
N ILE A 288 2.35 20.59 16.30
CA ILE A 288 1.66 20.95 17.54
C ILE A 288 0.96 19.72 18.11
N LYS A 289 0.28 18.96 17.26
CA LYS A 289 -0.31 17.70 17.70
C LYS A 289 0.75 16.77 18.26
N LYS A 290 1.91 16.70 17.60
CA LYS A 290 2.98 15.82 18.05
C LYS A 290 3.46 16.19 19.44
N LEU A 291 3.74 17.49 19.64
CA LEU A 291 4.24 17.94 20.95
C LEU A 291 3.20 17.71 22.03
N LEU A 292 1.93 18.01 21.75
CA LEU A 292 0.89 17.77 22.74
C LEU A 292 0.76 16.27 23.02
N GLY A 293 0.99 15.43 22.03
CA GLY A 293 0.96 13.99 22.26
C GLY A 293 2.10 13.52 23.13
N ARG A 294 3.30 14.07 22.92
CA ARG A 294 4.45 13.66 23.73
C ARG A 294 4.17 13.90 25.21
N TYR A 295 3.62 15.07 25.54
CA TYR A 295 3.31 15.37 26.94
C TYR A 295 2.08 14.62 27.41
N GLY A 296 1.25 14.12 26.49
CA GLY A 296 0.19 13.20 26.85
C GLY A 296 -1.20 13.59 26.42
N TYR A 297 -1.32 14.65 25.60
CA TYR A 297 -2.63 15.04 25.08
C TYR A 297 -2.85 14.27 23.78
N ALA A 298 -3.58 13.15 23.88
CA ALA A 298 -3.74 12.27 22.73
C ALA A 298 -4.57 12.93 21.63
N TYR A 299 -5.69 13.53 22.00
CA TYR A 299 -6.68 14.03 21.04
C TYR A 299 -7.03 15.48 21.33
N PRO A 300 -6.09 16.40 21.19
CA PRO A 300 -6.40 17.81 21.34
C PRO A 300 -7.08 18.36 20.10
N ARG A 301 -7.91 19.37 20.30
CA ARG A 301 -8.52 20.08 19.18
C ARG A 301 -7.53 21.13 18.67
N VAL A 302 -7.10 20.98 17.43
CA VAL A 302 -6.13 21.88 16.82
C VAL A 302 -6.75 22.46 15.55
N GLN A 303 -6.79 23.78 15.47
CA GLN A 303 -7.39 24.48 14.35
C GLN A 303 -6.43 25.54 13.84
N SER A 304 -6.39 25.70 12.53
CA SER A 304 -5.63 26.75 11.87
C SER A 304 -6.55 27.52 10.95
N MET A 305 -6.55 28.85 11.07
CA MET A 305 -7.49 29.69 10.35
C MET A 305 -6.77 30.94 9.86
N PRO A 306 -6.80 31.25 8.57
CA PRO A 306 -6.07 32.42 8.07
C PRO A 306 -6.84 33.71 8.28
N GLU A 307 -6.10 34.76 8.63
CA GLU A 307 -6.60 36.13 8.66
C GLU A 307 -5.96 36.87 7.50
N ILE A 308 -6.77 37.38 6.59
CA ILE A 308 -6.31 37.79 5.26
C ILE A 308 -6.69 39.23 4.98
N ASN A 309 -5.74 39.98 4.44
CA ASN A 309 -5.99 41.28 3.84
C ASN A 309 -5.40 41.28 2.44
N ASP A 310 -6.24 41.54 1.43
CA ASP A 310 -5.82 41.48 0.05
C ASP A 310 -5.14 42.76 -0.43
N ALA A 311 -5.42 43.90 0.21
CA ALA A 311 -4.71 45.13 -0.12
C ALA A 311 -3.27 45.08 0.36
N ASP A 312 -3.04 44.56 1.57
CA ASP A 312 -1.67 44.30 2.02
C ASP A 312 -1.08 43.08 1.33
N LYS A 313 -1.94 42.18 0.84
CA LYS A 313 -1.50 40.93 0.22
C LYS A 313 -0.62 40.14 1.18
N THR A 314 -1.07 40.04 2.43
CA THR A 314 -0.41 39.23 3.44
C THR A 314 -1.46 38.51 4.26
N VAL A 315 -1.06 37.41 4.88
CA VAL A 315 -1.95 36.59 5.68
C VAL A 315 -1.40 36.53 7.10
N LYS A 316 -2.20 37.02 8.06
CA LYS A 316 -1.96 36.67 9.45
C LYS A 316 -2.63 35.33 9.74
N LEU A 317 -1.96 34.51 10.53
CA LEU A 317 -2.36 33.12 10.72
C LEU A 317 -2.78 32.91 12.16
N ARG A 318 -3.91 32.23 12.34
CA ARG A 318 -4.48 31.96 13.65
C ARG A 318 -4.45 30.46 13.90
N VAL A 319 -4.01 30.08 15.09
CA VAL A 319 -4.05 28.69 15.53
C VAL A 319 -4.82 28.64 16.85
N ASN A 320 -5.85 27.79 16.90
CA ASN A 320 -6.67 27.63 18.08
C ASN A 320 -6.52 26.20 18.57
N VAL A 321 -6.19 26.04 19.85
CA VAL A 321 -5.82 24.75 20.40
C VAL A 321 -6.56 24.52 21.71
N ASP A 322 -7.15 23.34 21.86
CA ASP A 322 -7.65 22.86 23.14
C ASP A 322 -6.86 21.60 23.50
N ALA A 323 -6.00 21.71 24.51
CA ALA A 323 -5.14 20.59 24.86
C ALA A 323 -5.95 19.38 25.31
N GLY A 324 -7.15 19.60 25.83
CA GLY A 324 -7.95 18.49 26.29
C GLY A 324 -7.38 17.86 27.55
N ASN A 325 -7.72 16.60 27.77
CA ASN A 325 -7.29 15.90 28.97
C ASN A 325 -5.97 15.19 28.73
N ARG A 326 -5.21 15.02 29.81
CA ARG A 326 -4.02 14.16 29.77
C ARG A 326 -4.48 12.71 29.75
N PHE A 327 -4.28 12.04 28.62
CA PHE A 327 -4.80 10.69 28.44
C PHE A 327 -3.89 9.67 29.11
N TYR A 328 -4.50 8.71 29.80
CA TYR A 328 -3.78 7.65 30.48
C TYR A 328 -4.07 6.32 29.82
N VAL A 329 -3.03 5.49 29.70
CA VAL A 329 -3.13 4.21 29.00
C VAL A 329 -3.60 3.17 30.02
N ARG A 330 -4.90 2.86 30.00
CA ARG A 330 -5.44 1.85 30.90
C ARG A 330 -4.94 0.46 30.54
N LYS A 331 -4.95 0.13 29.25
CA LYS A 331 -4.60 -1.20 28.77
C LYS A 331 -3.59 -1.11 27.62
N ILE A 332 -2.63 -2.02 27.63
CA ILE A 332 -1.77 -2.28 26.47
C ILE A 332 -2.14 -3.67 25.97
N ARG A 333 -2.71 -3.74 24.76
CA ARG A 333 -3.20 -4.99 24.20
C ARG A 333 -2.42 -5.37 22.96
N PHE A 334 -1.92 -6.60 22.93
CA PHE A 334 -1.26 -7.16 21.76
C PHE A 334 -2.17 -8.21 21.14
N GLU A 335 -2.36 -8.11 19.82
CA GLU A 335 -3.28 -8.98 19.11
C GLU A 335 -2.60 -9.51 17.85
N GLY A 336 -2.99 -10.72 17.45
CA GLY A 336 -2.47 -11.33 16.25
C GLY A 336 -1.27 -12.23 16.47
N ASN A 337 -0.60 -12.14 17.61
CA ASN A 337 0.57 -12.97 17.90
C ASN A 337 0.08 -14.29 18.46
N ASP A 338 -0.19 -15.25 17.57
CA ASP A 338 -0.73 -16.53 17.98
C ASP A 338 0.30 -17.43 18.65
N THR A 339 1.59 -17.16 18.45
CA THR A 339 2.65 -18.00 19.02
C THR A 339 3.70 -17.25 19.80
N SER A 340 4.00 -16.00 19.47
CA SER A 340 5.03 -15.25 20.19
C SER A 340 4.54 -14.92 21.59
N LYS A 341 5.24 -15.41 22.61
CA LYS A 341 4.84 -15.17 23.99
C LYS A 341 4.75 -13.66 24.24
N ASP A 342 3.71 -13.27 24.98
CA ASP A 342 3.40 -11.85 25.15
C ASP A 342 4.62 -11.07 25.67
N ALA A 343 5.43 -11.70 26.51
CA ALA A 343 6.58 -11.00 27.08
C ALA A 343 7.50 -10.45 26.01
N VAL A 344 7.68 -11.17 24.91
CA VAL A 344 8.61 -10.74 23.87
C VAL A 344 8.13 -9.51 23.11
N LEU A 345 6.84 -9.20 23.20
CA LEU A 345 6.32 -7.93 22.68
C LEU A 345 6.34 -6.85 23.75
N ARG A 346 5.90 -7.19 24.96
CA ARG A 346 5.70 -6.17 25.98
C ARG A 346 7.01 -5.57 26.45
N ARG A 347 8.08 -6.37 26.54
CA ARG A 347 9.37 -5.84 26.97
C ARG A 347 10.02 -4.95 25.92
N GLU A 348 9.46 -4.88 24.71
CA GLU A 348 9.89 -3.90 23.74
C GLU A 348 9.18 -2.57 23.90
N MET A 349 8.27 -2.46 24.87
CA MET A 349 7.51 -1.23 25.04
C MET A 349 8.37 -0.17 25.72
N ARG A 350 8.24 1.07 25.25
CA ARG A 350 8.76 2.22 25.99
C ARG A 350 7.69 2.96 26.77
N GLN A 351 6.45 2.99 26.26
CA GLN A 351 5.33 3.55 27.00
C GLN A 351 4.85 2.50 27.98
N MET A 352 4.76 2.86 29.26
CA MET A 352 4.32 1.89 30.26
C MET A 352 2.81 1.96 30.46
N GLU A 353 2.22 0.81 30.78
CA GLU A 353 0.81 0.76 31.13
C GLU A 353 0.58 1.45 32.47
N GLY A 354 -0.62 1.98 32.65
CA GLY A 354 -0.92 2.72 33.86
C GLY A 354 -0.12 3.99 34.01
N ALA A 355 0.25 4.63 32.90
CA ALA A 355 1.02 5.85 32.91
C ALA A 355 0.48 6.79 31.85
N TRP A 356 0.75 8.09 32.02
CA TRP A 356 0.25 9.06 31.06
C TRP A 356 0.80 8.76 29.67
N LEU A 357 -0.07 8.87 28.68
CA LEU A 357 0.30 8.50 27.31
C LEU A 357 1.45 9.36 26.79
N GLY A 358 2.30 8.75 25.99
CA GLY A 358 3.26 9.49 25.20
C GLY A 358 3.24 9.04 23.76
N SER A 359 2.86 9.92 22.84
CA SER A 359 2.78 9.52 21.44
C SER A 359 4.13 9.05 20.93
N ASP A 360 5.20 9.75 21.30
CA ASP A 360 6.54 9.30 20.92
C ASP A 360 6.85 7.96 21.58
N LEU A 361 6.39 7.74 22.81
CA LEU A 361 6.63 6.48 23.48
C LEU A 361 5.93 5.33 22.76
N VAL A 362 4.67 5.52 22.36
CA VAL A 362 3.96 4.48 21.63
C VAL A 362 4.61 4.25 20.27
N ASP A 363 5.02 5.33 19.61
CA ASP A 363 5.69 5.17 18.31
C ASP A 363 7.00 4.43 18.45
N GLN A 364 7.75 4.69 19.52
CA GLN A 364 8.98 3.94 19.75
C GLN A 364 8.70 2.49 20.07
N GLY A 365 7.60 2.20 20.77
CA GLY A 365 7.20 0.82 20.95
C GLY A 365 6.94 0.12 19.63
N LYS A 366 6.18 0.79 18.75
CA LYS A 366 5.94 0.25 17.41
C LYS A 366 7.25 0.03 16.67
N GLU A 367 8.15 1.00 16.75
CA GLU A 367 9.42 0.89 16.04
C GLU A 367 10.26 -0.25 16.58
N ARG A 368 10.25 -0.46 17.90
CA ARG A 368 10.98 -1.57 18.49
C ARG A 368 10.39 -2.91 18.07
N LEU A 369 9.06 -2.99 18.01
CA LEU A 369 8.45 -4.22 17.51
C LEU A 369 8.87 -4.49 16.07
N ASN A 370 8.86 -3.46 15.22
CA ASN A 370 9.33 -3.63 13.85
C ASN A 370 10.80 -4.06 13.81
N ARG A 371 11.62 -3.42 14.63
CA ARG A 371 13.06 -3.68 14.63
C ARG A 371 13.37 -5.10 15.08
N LEU A 372 12.59 -5.62 16.03
CA LEU A 372 12.85 -6.97 16.52
C LEU A 372 12.80 -8.00 15.41
N GLY A 373 12.05 -7.71 14.34
CA GLY A 373 12.01 -8.57 13.18
C GLY A 373 11.11 -9.78 13.29
N PHE A 374 10.48 -9.99 14.46
CA PHE A 374 9.59 -11.13 14.62
C PHE A 374 8.29 -10.97 13.84
N PHE A 375 7.91 -9.75 13.48
CA PHE A 375 6.56 -9.44 13.06
C PHE A 375 6.56 -8.90 11.64
N GLU A 376 5.77 -9.53 10.77
CA GLU A 376 5.67 -9.07 9.38
C GLU A 376 5.06 -7.69 9.29
N THR A 377 4.02 -7.42 10.08
CA THR A 377 3.35 -6.13 10.10
C THR A 377 3.15 -5.70 11.54
N VAL A 378 3.21 -4.40 11.78
CA VAL A 378 2.93 -3.82 13.08
C VAL A 378 2.02 -2.62 12.88
N ASP A 379 0.86 -2.64 13.53
CA ASP A 379 -0.13 -1.58 13.42
C ASP A 379 -0.48 -1.12 14.83
N THR A 380 -0.72 0.18 14.97
CA THR A 380 -1.01 0.78 16.26
C THR A 380 -2.35 1.51 16.19
N ASP A 381 -3.20 1.25 17.18
CA ASP A 381 -4.46 1.96 17.34
C ASP A 381 -4.57 2.46 18.77
N THR A 382 -5.09 3.67 18.91
CA THR A 382 -5.34 4.26 20.22
C THR A 382 -6.85 4.47 20.35
N GLN A 383 -7.45 3.83 21.35
CA GLN A 383 -8.89 3.79 21.50
C GLN A 383 -9.28 4.41 22.83
N ARG A 384 -10.18 5.40 22.78
CA ARG A 384 -10.69 6.00 24.01
C ARG A 384 -11.57 4.98 24.72
N VAL A 385 -11.32 4.78 26.02
CA VAL A 385 -12.06 3.74 26.76
C VAL A 385 -13.55 4.05 26.67
N PRO A 386 -14.40 3.05 26.37
CA PRO A 386 -15.83 3.34 26.20
C PRO A 386 -16.46 4.04 27.40
N GLY A 387 -16.99 5.24 27.18
CA GLY A 387 -17.67 5.98 28.22
C GLY A 387 -16.76 6.66 29.22
N SER A 388 -15.44 6.47 29.13
CA SER A 388 -14.54 7.12 30.06
C SER A 388 -13.90 8.34 29.42
N PRO A 389 -13.72 9.44 30.17
CA PRO A 389 -13.32 10.69 29.50
C PRO A 389 -11.91 10.66 28.92
N ASP A 390 -10.93 10.14 29.65
CA ASP A 390 -9.53 10.35 29.29
C ASP A 390 -8.69 9.09 29.18
N GLN A 391 -9.19 7.93 29.61
CA GLN A 391 -8.39 6.71 29.53
C GLN A 391 -8.48 6.08 28.15
N VAL A 392 -7.36 5.52 27.69
CA VAL A 392 -7.27 4.94 26.35
C VAL A 392 -6.63 3.57 26.43
N ASP A 393 -7.05 2.69 25.52
CA ASP A 393 -6.34 1.44 25.29
C ASP A 393 -5.40 1.61 24.10
N VAL A 394 -4.20 1.06 24.23
CA VAL A 394 -3.23 1.04 23.15
C VAL A 394 -3.15 -0.37 22.61
N VAL A 395 -3.46 -0.55 21.33
CA VAL A 395 -3.59 -1.85 20.71
C VAL A 395 -2.51 -2.01 19.66
N TYR A 396 -1.65 -3.00 19.84
CA TYR A 396 -0.63 -3.35 18.86
C TYR A 396 -1.06 -4.61 18.13
N LYS A 397 -1.32 -4.49 16.83
CA LYS A 397 -1.80 -5.60 16.01
C LYS A 397 -0.67 -6.01 15.07
N VAL A 398 -0.33 -7.30 15.10
CA VAL A 398 0.86 -7.79 14.39
C VAL A 398 0.54 -9.09 13.66
N LYS A 399 1.32 -9.36 12.62
CA LYS A 399 1.34 -10.65 11.94
C LYS A 399 2.72 -11.27 12.11
N GLU A 400 2.76 -12.52 12.54
CA GLU A 400 4.02 -13.14 12.92
C GLU A 400 4.80 -13.65 11.71
N ARG A 401 6.12 -13.48 11.77
CA ARG A 401 7.02 -14.06 10.78
C ARG A 401 6.93 -15.59 10.80
N ASN A 402 6.93 -16.19 9.61
CA ASN A 402 6.91 -17.63 9.35
C ASN A 402 5.54 -18.25 9.51
N THR A 403 4.55 -17.52 10.00
CA THR A 403 3.14 -17.96 10.02
C THR A 403 3.03 -19.44 10.43
N LEU A 404 3.48 -19.71 11.65
CA LEU A 404 3.32 -21.00 12.33
C LEU A 404 4.27 -22.09 11.82
N VAL A 405 5.25 -21.75 10.99
CA VAL A 405 6.31 -22.72 10.71
C VAL A 405 7.26 -22.75 11.90
N PRO A 406 7.51 -23.90 12.52
CA PRO A 406 8.12 -23.92 13.85
C PRO A 406 9.53 -23.35 13.86
N ARG A 407 9.91 -22.80 15.02
CA ARG A 407 11.30 -22.48 15.33
C ARG A 407 11.84 -21.39 14.42
N GLY A 408 11.18 -20.23 14.44
CA GLY A 408 11.64 -19.11 13.63
C GLY A 408 11.68 -19.47 12.16
N SER A 409 12.73 -19.01 11.48
CA SER A 409 12.95 -19.38 10.09
C SER A 409 13.92 -20.56 10.04
N PHE A 410 13.48 -21.64 9.41
CA PHE A 410 14.29 -22.85 9.32
C PHE A 410 15.46 -22.59 8.39
N ASN A 411 16.67 -22.63 8.93
CA ASN A 411 17.88 -22.25 8.18
C ASN A 411 18.42 -23.47 7.45
N PHE A 412 17.94 -23.69 6.23
CA PHE A 412 18.61 -24.61 5.32
C PHE A 412 19.69 -23.81 4.59
N GLY A 413 20.94 -24.09 4.88
CA GLY A 413 22.05 -23.38 4.28
C GLY A 413 22.68 -24.22 3.20
N ILE A 414 23.01 -23.57 2.09
CA ILE A 414 23.33 -24.26 0.85
C ILE A 414 24.56 -23.64 0.22
N GLY A 415 25.27 -24.44 -0.56
CA GLY A 415 26.27 -23.94 -1.47
C GLY A 415 25.84 -24.24 -2.89
N TYR A 416 25.43 -23.19 -3.62
CA TYR A 416 24.87 -23.36 -4.95
C TYR A 416 25.19 -22.13 -5.78
N GLY A 417 25.16 -22.30 -7.08
CA GLY A 417 25.52 -21.26 -8.02
C GLY A 417 26.19 -21.88 -9.23
N ALA A 418 27.06 -21.09 -9.86
CA ALA A 418 27.84 -21.54 -11.04
C ALA A 418 28.86 -22.59 -10.59
N GLU A 419 29.29 -22.56 -9.32
CA GLU A 419 30.30 -23.50 -8.84
C GLU A 419 29.79 -24.93 -8.92
N SER A 420 30.63 -25.82 -9.43
CA SER A 420 30.31 -27.25 -9.46
C SER A 420 30.68 -27.90 -8.14
N GLY A 421 30.14 -27.37 -7.06
CA GLY A 421 30.41 -27.90 -5.73
C GLY A 421 29.18 -27.80 -4.85
N VAL A 422 29.14 -28.63 -3.81
CA VAL A 422 27.98 -28.74 -2.94
C VAL A 422 28.42 -28.54 -1.49
N SER A 423 27.63 -27.77 -0.75
CA SER A 423 27.85 -27.57 0.67
C SER A 423 26.49 -27.39 1.34
N PHE A 424 26.40 -27.81 2.61
CA PHE A 424 25.15 -27.81 3.34
C PHE A 424 25.32 -27.20 4.71
N GLN A 425 24.29 -26.48 5.17
CA GLN A 425 24.15 -26.05 6.55
C GLN A 425 22.71 -26.27 6.98
N ALA A 426 22.52 -26.68 8.23
CA ALA A 426 21.19 -26.93 8.77
C ALA A 426 21.08 -26.27 10.14
N GLY A 427 19.97 -25.58 10.38
CA GLY A 427 19.81 -24.86 11.62
C GLY A 427 18.38 -24.41 11.84
N VAL A 428 18.11 -24.01 13.08
CA VAL A 428 16.82 -23.46 13.50
C VAL A 428 17.11 -22.17 14.26
N GLN A 429 16.09 -21.31 14.37
CA GLN A 429 16.31 -19.92 14.77
C GLN A 429 15.21 -19.43 15.71
N GLN A 430 15.51 -18.28 16.32
CA GLN A 430 14.58 -17.40 17.02
C GLN A 430 13.74 -17.65 18.29
N ASP A 431 12.43 -17.88 18.10
CA ASP A 431 11.63 -17.64 19.30
C ASP A 431 11.24 -18.89 20.07
N ASN A 432 10.52 -19.83 19.45
CA ASN A 432 9.82 -20.88 20.19
C ASN A 432 10.82 -21.91 20.69
N TRP A 433 11.21 -21.76 21.96
CA TRP A 433 12.10 -22.71 22.61
C TRP A 433 11.68 -22.91 24.06
N LEU A 434 12.15 -24.01 24.65
CA LEU A 434 11.42 -24.64 25.75
C LEU A 434 11.86 -24.12 27.13
N GLY A 435 10.87 -24.00 28.01
CA GLY A 435 11.08 -24.07 29.44
C GLY A 435 11.62 -22.85 30.18
N THR A 436 12.39 -22.00 29.50
CA THR A 436 13.07 -20.92 30.20
C THR A 436 13.06 -19.59 29.44
N GLY A 437 12.31 -19.49 28.35
CA GLY A 437 12.16 -18.22 27.66
C GLY A 437 13.34 -17.82 26.81
N TYR A 438 14.35 -18.66 26.66
CA TYR A 438 15.51 -18.32 25.85
C TYR A 438 15.16 -18.37 24.37
N ALA A 439 16.05 -17.82 23.56
CA ALA A 439 16.01 -17.93 22.11
C ALA A 439 17.27 -18.65 21.66
N VAL A 440 17.11 -19.64 20.78
CA VAL A 440 18.17 -20.60 20.51
C VAL A 440 18.46 -20.64 19.02
N GLY A 441 19.72 -20.87 18.68
CA GLY A 441 20.12 -21.09 17.30
C GLY A 441 21.07 -22.25 17.21
N ILE A 442 20.83 -23.13 16.24
CA ILE A 442 21.63 -24.33 16.03
C ILE A 442 22.12 -24.33 14.59
N ASN A 443 23.31 -24.89 14.37
CA ASN A 443 23.88 -24.94 13.04
C ASN A 443 24.86 -26.09 12.93
N GLY A 444 24.65 -26.95 11.92
CA GLY A 444 25.57 -28.02 11.61
C GLY A 444 25.88 -28.03 10.12
N THR A 445 27.16 -28.06 9.76
CA THR A 445 27.55 -27.76 8.38
C THR A 445 28.72 -28.63 7.94
N LYS A 446 28.81 -28.80 6.63
CA LYS A 446 30.06 -29.12 5.95
C LYS A 446 30.22 -28.11 4.82
N ASN A 447 31.35 -27.39 4.82
CA ASN A 447 31.62 -26.36 3.83
C ASN A 447 33.01 -26.63 3.27
N ASP A 448 33.15 -26.55 1.95
CA ASP A 448 34.33 -27.11 1.31
C ASP A 448 34.45 -28.55 1.82
N TYR A 449 35.65 -28.97 2.22
CA TYR A 449 35.81 -30.22 2.95
C TYR A 449 36.02 -30.00 4.45
N GLN A 450 35.47 -28.92 4.99
CA GLN A 450 35.43 -28.70 6.43
C GLN A 450 34.16 -29.31 7.01
N THR A 451 34.22 -29.65 8.29
CA THR A 451 33.05 -30.06 9.06
C THR A 451 32.94 -29.17 10.28
N TYR A 452 31.82 -28.46 10.40
CA TYR A 452 31.68 -27.43 11.41
C TYR A 452 30.28 -27.47 11.99
N ALA A 453 30.19 -27.56 13.31
CA ALA A 453 28.92 -27.61 14.02
C ALA A 453 28.99 -26.69 15.23
N GLU A 454 27.86 -26.06 15.56
CA GLU A 454 27.81 -25.12 16.66
C GLU A 454 26.42 -25.12 17.27
N LEU A 455 26.36 -24.81 18.56
CA LEU A 455 25.11 -24.63 19.28
C LEU A 455 25.18 -23.29 20.00
N SER A 456 24.16 -22.46 19.80
CA SER A 456 24.08 -21.14 20.40
C SER A 456 22.83 -21.04 21.24
N VAL A 457 22.98 -20.60 22.49
CA VAL A 457 21.86 -20.40 23.40
C VAL A 457 21.88 -18.94 23.84
N THR A 458 20.75 -18.26 23.67
CA THR A 458 20.68 -16.84 23.92
C THR A 458 19.38 -16.49 24.63
N ASN A 459 19.45 -15.45 25.47
CA ASN A 459 18.27 -14.84 26.06
C ASN A 459 18.44 -13.33 25.85
N PRO A 460 17.71 -12.71 24.91
CA PRO A 460 17.91 -11.28 24.67
C PRO A 460 17.63 -10.42 25.88
N TYR A 461 16.89 -10.93 26.88
CA TYR A 461 16.64 -10.23 28.12
C TYR A 461 16.94 -11.18 29.28
N PHE A 462 18.21 -11.23 29.68
CA PHE A 462 18.58 -11.97 30.87
C PHE A 462 17.90 -11.41 32.11
N THR A 463 17.71 -10.09 32.15
CA THR A 463 16.75 -9.46 33.04
C THR A 463 16.07 -8.34 32.27
N VAL A 464 14.80 -8.08 32.59
CA VAL A 464 13.96 -7.22 31.78
C VAL A 464 14.55 -5.81 31.62
N ASP A 465 15.57 -5.46 32.39
CA ASP A 465 16.19 -4.14 32.23
C ASP A 465 16.79 -3.97 30.84
N GLY A 466 17.13 -5.05 30.15
CA GLY A 466 17.61 -4.96 28.79
C GLY A 466 18.90 -5.71 28.52
N VAL A 467 19.54 -6.24 29.56
CA VAL A 467 20.83 -6.90 29.38
C VAL A 467 20.61 -8.31 28.84
N SER A 468 21.22 -8.61 27.71
CA SER A 468 21.14 -9.94 27.11
C SER A 468 22.29 -10.82 27.60
N LEU A 469 22.06 -12.13 27.57
CA LEU A 469 23.07 -13.11 27.91
C LEU A 469 23.08 -14.20 26.84
N GLY A 470 24.28 -14.61 26.42
CA GLY A 470 24.40 -15.58 25.35
C GLY A 470 25.63 -16.46 25.47
N GLY A 471 25.43 -17.76 25.28
CA GLY A 471 26.52 -18.72 25.29
C GLY A 471 26.47 -19.66 24.10
N ARG A 472 27.59 -19.85 23.42
CA ARG A 472 27.65 -20.69 22.23
C ARG A 472 28.79 -21.68 22.33
N LEU A 473 28.54 -22.89 21.85
CA LEU A 473 29.51 -23.98 21.84
C LEU A 473 29.64 -24.50 20.41
N PHE A 474 30.84 -24.92 20.03
CA PHE A 474 31.07 -25.34 18.65
C PHE A 474 32.20 -26.36 18.57
N TYR A 475 32.18 -27.13 17.49
CA TYR A 475 33.25 -28.03 17.11
C TYR A 475 33.49 -27.88 15.61
N ASN A 476 34.76 -27.94 15.20
CA ASN A 476 35.13 -27.73 13.82
C ASN A 476 36.23 -28.71 13.41
N ASP A 477 36.20 -29.12 12.15
CA ASP A 477 37.18 -30.04 11.59
C ASP A 477 37.59 -29.55 10.21
N PHE A 478 38.84 -29.86 9.82
CA PHE A 478 39.38 -29.45 8.53
C PHE A 478 39.93 -30.65 7.79
N GLN A 479 39.41 -30.88 6.59
CA GLN A 479 39.99 -31.78 5.61
C GLN A 479 40.04 -31.04 4.28
N ALA A 480 41.08 -31.32 3.49
CA ALA A 480 41.55 -30.39 2.47
C ALA A 480 41.57 -31.03 1.08
N ASP A 481 40.47 -31.67 0.68
CA ASP A 481 40.34 -32.19 -0.68
C ASP A 481 39.90 -31.08 -1.62
N ASP A 482 40.81 -30.13 -1.82
CA ASP A 482 40.63 -28.99 -2.75
C ASP A 482 39.51 -28.11 -2.20
N ALA A 483 38.56 -27.67 -3.04
CA ALA A 483 37.57 -26.66 -2.63
C ALA A 483 38.25 -25.42 -2.09
N ASP A 484 39.42 -25.10 -2.67
CA ASP A 484 40.22 -23.95 -2.25
C ASP A 484 40.70 -24.08 -0.80
N LEU A 485 40.53 -25.26 -0.21
CA LEU A 485 40.99 -25.51 1.15
C LEU A 485 42.43 -26.00 1.09
N SER A 486 43.34 -25.27 1.73
CA SER A 486 44.75 -25.63 1.66
C SER A 486 44.98 -26.99 2.32
N ASP A 487 45.99 -27.70 1.81
CA ASP A 487 46.22 -29.08 2.21
C ASP A 487 46.69 -29.15 3.66
N TYR A 488 45.81 -29.64 4.54
CA TYR A 488 46.16 -29.91 5.93
C TYR A 488 44.97 -30.58 6.60
N THR A 489 45.20 -31.03 7.84
CA THR A 489 44.16 -31.58 8.71
C THR A 489 44.20 -30.83 10.04
N ASN A 490 43.06 -30.30 10.46
CA ASN A 490 42.99 -29.50 11.67
C ASN A 490 41.64 -29.67 12.34
N LYS A 491 41.64 -29.63 13.67
CA LYS A 491 40.42 -29.72 14.46
C LYS A 491 40.38 -28.56 15.43
N SER A 492 39.20 -27.96 15.59
CA SER A 492 39.02 -26.82 16.48
C SER A 492 37.67 -26.92 17.17
N TYR A 493 37.65 -26.58 18.46
CA TYR A 493 36.43 -26.51 19.23
C TYR A 493 36.61 -25.44 20.31
N GLY A 494 35.51 -24.82 20.70
CA GLY A 494 35.60 -23.73 21.66
C GLY A 494 34.22 -23.27 22.09
N THR A 495 34.22 -22.27 22.96
CA THR A 495 32.99 -21.74 23.54
C THR A 495 33.15 -20.23 23.73
N ASP A 496 32.00 -19.57 23.85
CA ASP A 496 31.95 -18.15 24.17
C ASP A 496 30.77 -17.87 25.09
N VAL A 497 31.00 -17.08 26.13
CA VAL A 497 29.94 -16.60 27.01
C VAL A 497 29.87 -15.09 26.83
N THR A 498 28.66 -14.56 26.63
CA THR A 498 28.50 -13.20 26.19
C THR A 498 27.45 -12.49 27.03
N LEU A 499 27.67 -11.20 27.24
CA LEU A 499 26.69 -10.29 27.84
C LEU A 499 26.49 -9.11 26.92
N GLY A 500 25.26 -8.61 26.87
CA GLY A 500 24.97 -7.43 26.08
C GLY A 500 23.92 -6.57 26.74
N PHE A 501 24.25 -5.30 26.98
CA PHE A 501 23.37 -4.39 27.70
C PHE A 501 23.24 -3.09 26.90
N PRO A 502 22.04 -2.69 26.51
CA PRO A 502 21.91 -1.42 25.77
C PRO A 502 22.40 -0.25 26.59
N ILE A 503 23.08 0.68 25.92
CA ILE A 503 23.51 1.92 26.55
C ILE A 503 22.61 3.08 26.15
N ASN A 504 21.88 2.96 25.04
CA ASN A 504 20.90 3.94 24.61
C ASN A 504 19.79 3.18 23.91
N GLU A 505 18.69 3.88 23.61
CA GLU A 505 17.59 3.24 22.90
C GLU A 505 18.07 2.63 21.58
N TYR A 506 19.13 3.19 21.00
CA TYR A 506 19.63 2.74 19.70
C TYR A 506 21.05 2.19 19.78
N ASN A 507 21.58 1.93 20.96
CA ASN A 507 22.94 1.44 21.13
C ASN A 507 22.94 0.18 21.98
N SER A 508 23.82 -0.76 21.62
CA SER A 508 24.05 -1.95 22.42
C SER A 508 25.55 -2.20 22.52
N LEU A 509 25.99 -2.58 23.71
CA LEU A 509 27.40 -2.82 23.99
C LEU A 509 27.54 -4.20 24.62
N ARG A 510 28.57 -4.93 24.20
CA ARG A 510 28.72 -6.34 24.56
C ARG A 510 30.09 -6.60 25.18
N ALA A 511 30.13 -7.56 26.09
CA ALA A 511 31.36 -8.11 26.64
C ALA A 511 31.22 -9.62 26.68
N GLY A 512 32.31 -10.33 26.46
CA GLY A 512 32.27 -11.78 26.41
C GLY A 512 33.62 -12.40 26.69
N LEU A 513 33.59 -13.65 27.13
CA LEU A 513 34.79 -14.45 27.36
C LEU A 513 34.70 -15.70 26.50
N GLY A 514 35.80 -16.03 25.82
CA GLY A 514 35.80 -17.13 24.88
C GLY A 514 36.97 -18.07 25.05
N TYR A 515 36.74 -19.36 24.82
CA TYR A 515 37.73 -20.40 25.02
C TYR A 515 37.76 -21.30 23.79
N VAL A 516 38.97 -21.56 23.29
CA VAL A 516 39.15 -22.35 22.08
C VAL A 516 40.40 -23.23 22.24
N HIS A 517 40.32 -24.44 21.72
CA HIS A 517 41.45 -25.35 21.63
C HIS A 517 41.56 -25.88 20.20
N ASN A 518 42.79 -26.08 19.75
CA ASN A 518 43.03 -26.53 18.38
C ASN A 518 44.16 -27.54 18.36
N SER A 519 44.06 -28.49 17.44
CA SER A 519 45.13 -29.44 17.16
C SER A 519 45.25 -29.56 15.65
N LEU A 520 46.49 -29.63 15.17
CA LEU A 520 46.79 -29.61 13.75
C LEU A 520 47.71 -30.78 13.40
N SER A 521 47.48 -31.36 12.22
CA SER A 521 48.26 -32.50 11.76
C SER A 521 48.15 -32.59 10.24
N ASN A 522 49.02 -33.41 9.65
CA ASN A 522 49.12 -33.49 8.19
C ASN A 522 49.36 -32.11 7.60
N MET A 523 50.18 -31.32 8.29
CA MET A 523 50.40 -29.91 7.92
C MET A 523 51.29 -29.85 6.70
N GLN A 524 50.67 -29.74 5.53
CA GLN A 524 51.43 -29.47 4.32
C GLN A 524 52.07 -28.09 4.46
N PRO A 525 53.36 -27.94 4.15
CA PRO A 525 54.04 -26.68 4.48
C PRO A 525 53.52 -25.54 3.62
N GLN A 526 53.36 -24.38 4.24
CA GLN A 526 52.63 -23.27 3.63
C GLN A 526 53.13 -21.97 4.24
N VAL A 527 53.61 -21.05 3.39
CA VAL A 527 54.32 -19.86 3.88
C VAL A 527 53.43 -19.02 4.77
N ALA A 528 52.21 -18.69 4.33
CA ALA A 528 51.36 -17.78 5.09
C ALA A 528 51.08 -18.31 6.49
N MET A 529 50.59 -19.55 6.57
CA MET A 529 50.36 -20.15 7.88
C MET A 529 51.67 -20.34 8.62
N TRP A 530 52.72 -20.77 7.91
CA TRP A 530 54.00 -21.01 8.59
C TRP A 530 54.62 -19.73 9.12
N ARG A 531 54.26 -18.57 8.57
CA ARG A 531 54.67 -17.32 9.19
C ARG A 531 54.19 -17.27 10.63
N TYR A 532 52.93 -17.65 10.87
CA TYR A 532 52.42 -17.72 12.23
C TYR A 532 53.10 -18.84 13.01
N LEU A 533 53.19 -20.03 12.42
CA LEU A 533 53.81 -21.14 13.13
C LEU A 533 55.28 -20.88 13.42
N TYR A 534 56.00 -20.30 12.46
CA TYR A 534 57.42 -20.01 12.67
C TYR A 534 57.61 -19.01 13.82
N SER A 535 56.79 -17.97 13.85
CA SER A 535 56.89 -16.98 14.92
C SER A 535 56.37 -17.53 16.24
N MET A 536 55.40 -18.44 16.21
CA MET A 536 54.83 -18.99 17.44
C MET A 536 55.89 -19.73 18.26
N GLY A 537 56.96 -20.18 17.63
CA GLY A 537 57.86 -21.13 18.25
C GLY A 537 57.48 -22.55 17.87
N GLU A 538 58.35 -23.49 18.26
CA GLU A 538 58.23 -24.87 17.81
C GLU A 538 58.13 -24.92 16.28
N HIS A 539 59.00 -24.16 15.64
CA HIS A 539 58.99 -23.99 14.20
C HIS A 539 59.00 -25.34 13.50
N PRO A 540 58.04 -25.63 12.63
CA PRO A 540 58.03 -26.92 11.94
C PRO A 540 59.14 -27.03 10.91
N SER A 541 59.44 -28.27 10.54
CA SER A 541 60.52 -28.56 9.59
C SER A 541 59.98 -28.44 8.17
N THR A 542 60.61 -27.59 7.37
CA THR A 542 60.16 -27.39 6.00
C THR A 542 60.37 -28.63 5.16
N SER A 543 59.60 -28.74 4.07
CA SER A 543 59.72 -29.82 3.10
C SER A 543 59.18 -31.14 3.64
N ASP A 544 58.76 -31.17 4.89
CA ASP A 544 58.05 -32.33 5.41
C ASP A 544 56.54 -32.11 5.28
N GLN A 545 55.84 -33.12 4.77
CA GLN A 545 54.42 -32.97 4.54
C GLN A 545 53.63 -32.96 5.84
N ASP A 546 54.17 -33.53 6.91
CA ASP A 546 53.46 -33.67 8.17
C ASP A 546 54.17 -32.90 9.27
N ASN A 547 53.41 -32.05 9.97
CA ASN A 547 53.87 -31.38 11.17
C ASN A 547 52.65 -31.17 12.06
N SER A 548 52.87 -31.12 13.37
CA SER A 548 51.77 -31.04 14.33
C SER A 548 51.95 -29.84 15.25
N PHE A 549 50.83 -29.26 15.65
CA PHE A 549 50.83 -28.12 16.56
C PHE A 549 49.54 -28.12 17.37
N LYS A 550 49.59 -27.46 18.53
CA LYS A 550 48.49 -27.41 19.46
C LYS A 550 48.37 -25.99 20.03
N THR A 551 47.17 -25.62 20.47
CA THR A 551 46.95 -24.31 21.05
C THR A 551 45.85 -24.36 22.11
N ASP A 552 46.11 -23.71 23.24
CA ASP A 552 45.09 -23.41 24.24
C ASP A 552 44.79 -21.92 24.18
N ASP A 553 43.50 -21.58 24.17
CA ASP A 553 43.11 -20.21 23.90
C ASP A 553 42.07 -19.73 24.92
N PHE A 554 42.26 -18.50 25.39
CA PHE A 554 41.27 -17.75 26.14
C PHE A 554 41.21 -16.35 25.55
N THR A 555 39.99 -15.84 25.38
CA THR A 555 39.80 -14.57 24.68
C THR A 555 38.74 -13.73 25.40
N PHE A 556 38.99 -12.42 25.44
CA PHE A 556 38.02 -11.45 25.93
C PHE A 556 37.18 -10.99 24.75
N ASN A 557 36.10 -11.70 24.47
CA ASN A 557 35.23 -11.34 23.36
C ASN A 557 34.45 -10.07 23.71
N TYR A 558 34.43 -9.12 22.78
CA TYR A 558 33.76 -7.86 23.01
C TYR A 558 33.21 -7.34 21.70
N GLY A 559 32.23 -6.44 21.80
CA GLY A 559 31.57 -5.92 20.62
C GLY A 559 30.84 -4.64 20.93
N TRP A 560 30.26 -4.06 19.89
CA TRP A 560 29.55 -2.79 19.99
C TRP A 560 28.58 -2.71 18.83
N THR A 561 27.40 -2.15 19.10
CA THR A 561 26.32 -2.16 18.11
C THR A 561 25.53 -0.87 18.17
N TYR A 562 25.10 -0.42 16.99
CA TYR A 562 24.10 0.63 16.83
C TYR A 562 23.07 0.11 15.85
N ASN A 563 21.79 0.17 16.22
CA ASN A 563 20.75 -0.45 15.42
C ASN A 563 19.53 0.47 15.39
N LYS A 564 19.16 0.89 14.19
CA LYS A 564 17.94 1.66 13.98
C LYS A 564 17.47 1.35 12.56
N LEU A 565 16.32 0.71 12.45
CA LEU A 565 15.86 0.21 11.16
C LEU A 565 14.35 0.20 11.10
N ASP A 566 13.81 0.56 9.95
CA ASP A 566 12.42 0.23 9.66
C ASP A 566 12.32 -1.27 9.43
N ARG A 567 11.33 -1.89 10.08
CA ARG A 567 11.28 -3.35 10.14
C ARG A 567 12.57 -3.89 10.73
N GLY A 568 12.72 -5.22 10.73
CA GLY A 568 13.98 -5.85 11.06
C GLY A 568 14.52 -6.60 9.86
N TYR A 569 13.85 -6.42 8.73
CA TYR A 569 14.15 -7.15 7.50
C TYR A 569 13.68 -6.29 6.33
N PHE A 570 14.30 -6.51 5.17
CA PHE A 570 14.03 -5.69 4.01
C PHE A 570 13.92 -4.23 4.41
N PRO A 571 14.88 -3.68 5.14
CA PRO A 571 14.71 -2.36 5.73
C PRO A 571 14.55 -1.27 4.67
N THR A 572 14.14 -0.10 5.13
CA THR A 572 13.87 1.03 4.25
C THR A 572 14.60 2.28 4.71
N ASP A 573 14.81 2.42 6.02
CA ASP A 573 15.42 3.61 6.57
C ASP A 573 16.23 3.24 7.80
N GLY A 574 17.13 4.14 8.18
CA GLY A 574 18.00 3.91 9.31
C GLY A 574 19.30 3.25 8.93
N SER A 575 20.00 2.74 9.94
CA SER A 575 21.29 2.11 9.72
C SER A 575 21.53 1.07 10.80
N ARG A 576 22.40 0.12 10.50
CA ARG A 576 22.90 -0.84 11.48
C ARG A 576 24.41 -0.85 11.43
N VAL A 577 25.05 -0.70 12.58
CA VAL A 577 26.49 -0.80 12.71
C VAL A 577 26.78 -1.85 13.78
N ASN A 578 27.62 -2.82 13.44
CA ASN A 578 27.93 -3.92 14.34
C ASN A 578 29.44 -4.11 14.35
N LEU A 579 30.03 -4.01 15.53
CA LEU A 579 31.47 -4.09 15.70
C LEU A 579 31.78 -5.26 16.62
N THR A 580 32.60 -6.18 16.15
CA THR A 580 32.98 -7.37 16.91
C THR A 580 34.50 -7.44 16.99
N GLY A 581 35.01 -7.68 18.18
CA GLY A 581 36.45 -7.77 18.38
C GLY A 581 36.77 -8.68 19.53
N LYS A 582 37.94 -9.32 19.43
CA LYS A 582 38.43 -10.21 20.48
C LYS A 582 39.91 -9.95 20.69
N VAL A 583 40.36 -10.17 21.92
CA VAL A 583 41.76 -10.08 22.28
C VAL A 583 42.08 -11.23 23.23
N THR A 584 43.22 -11.87 23.00
CA THR A 584 43.64 -12.97 23.85
C THR A 584 44.14 -12.43 25.19
N ILE A 585 43.61 -12.98 26.29
CA ILE A 585 44.12 -12.65 27.62
C ILE A 585 45.40 -13.45 27.85
N PRO A 586 46.46 -12.85 28.37
CA PRO A 586 47.70 -13.60 28.58
C PRO A 586 47.44 -14.91 29.32
N GLY A 587 48.31 -15.89 29.07
CA GLY A 587 48.03 -17.28 29.31
C GLY A 587 47.48 -17.97 28.07
N SER A 588 46.83 -17.21 27.19
CA SER A 588 46.48 -17.72 25.88
C SER A 588 47.74 -17.87 25.04
N ASP A 589 47.75 -18.88 24.17
CA ASP A 589 48.92 -19.14 23.35
C ASP A 589 49.05 -18.13 22.22
N ASN A 590 47.94 -17.61 21.71
CA ASN A 590 47.95 -16.85 20.47
C ASN A 590 48.38 -15.39 20.65
N GLU A 591 48.05 -14.77 21.78
CA GLU A 591 48.61 -13.45 22.13
C GLU A 591 48.37 -12.44 21.01
N TYR A 592 47.11 -12.26 20.62
CA TYR A 592 46.77 -11.38 19.50
C TYR A 592 45.43 -10.70 19.77
N TYR A 593 45.10 -9.74 18.90
CA TYR A 593 43.82 -9.06 18.92
C TYR A 593 43.35 -8.82 17.49
N LYS A 594 42.03 -8.86 17.27
CA LYS A 594 41.46 -8.55 15.97
C LYS A 594 40.16 -7.79 16.16
N VAL A 595 39.84 -6.95 15.18
CA VAL A 595 38.68 -6.07 15.22
C VAL A 595 37.87 -6.26 13.95
N THR A 596 36.55 -6.31 14.09
CA THR A 596 35.62 -6.44 12.97
C THR A 596 34.60 -5.33 13.03
N LEU A 597 34.29 -4.76 11.87
CA LEU A 597 33.26 -3.74 11.73
C LEU A 597 32.31 -4.15 10.63
N ASP A 598 31.01 -4.05 10.91
CA ASP A 598 29.96 -4.32 9.93
C ASP A 598 29.01 -3.14 9.93
N THR A 599 28.58 -2.74 8.73
CA THR A 599 27.75 -1.56 8.58
C THR A 599 26.79 -1.75 7.43
N ALA A 600 25.52 -1.44 7.68
CA ALA A 600 24.51 -1.39 6.63
C ALA A 600 23.70 -0.12 6.82
N THR A 601 23.44 0.57 5.71
CA THR A 601 22.68 1.82 5.74
C THR A 601 21.60 1.76 4.67
N TYR A 602 20.44 2.33 4.99
CA TYR A 602 19.29 2.33 4.10
C TYR A 602 18.78 3.75 3.94
N VAL A 603 18.28 4.06 2.75
CA VAL A 603 17.76 5.40 2.48
C VAL A 603 16.49 5.26 1.63
N PRO A 604 15.38 5.91 2.00
CA PRO A 604 14.19 5.88 1.15
C PRO A 604 14.34 6.84 -0.02
N ILE A 605 14.28 6.30 -1.23
CA ILE A 605 14.45 7.13 -2.43
C ILE A 605 13.33 8.16 -2.47
N ASP A 606 13.71 9.43 -2.65
CA ASP A 606 12.75 10.52 -2.67
C ASP A 606 11.97 10.61 -1.36
N ASP A 607 12.58 10.10 -0.29
CA ASP A 607 11.95 10.09 1.04
C ASP A 607 10.63 9.32 1.05
N ASP A 608 10.48 8.38 0.12
CA ASP A 608 9.36 7.44 0.11
C ASP A 608 9.92 6.04 0.34
N HIS A 609 9.46 5.39 1.41
CA HIS A 609 10.07 4.13 1.84
C HIS A 609 9.71 2.95 0.95
N LYS A 610 8.76 3.12 0.03
CA LYS A 610 8.45 2.03 -0.90
C LYS A 610 9.57 1.81 -1.90
N TRP A 611 10.53 2.72 -1.98
CA TRP A 611 11.63 2.66 -2.94
C TRP A 611 12.92 2.96 -2.18
N VAL A 612 13.88 2.05 -2.24
CA VAL A 612 14.99 2.05 -1.29
C VAL A 612 16.32 1.86 -2.00
N VAL A 613 17.41 2.24 -1.32
CA VAL A 613 18.82 2.05 -1.82
C VAL A 613 19.69 1.70 -0.61
N LEU A 614 20.44 0.59 -0.64
CA LEU A 614 21.19 0.09 0.55
C LEU A 614 22.70 0.24 0.41
N GLY A 615 23.37 0.83 1.39
CA GLY A 615 24.83 0.92 1.41
C GLY A 615 25.43 0.10 2.53
N ARG A 616 26.29 -0.85 2.18
CA ARG A 616 26.79 -1.84 3.13
C ARG A 616 28.31 -1.93 3.02
N THR A 617 28.98 -2.03 4.17
CA THR A 617 30.42 -2.19 4.21
C THR A 617 30.82 -3.05 5.40
N ARG A 618 31.94 -3.75 5.24
CA ARG A 618 32.55 -4.50 6.34
C ARG A 618 34.05 -4.21 6.34
N TRP A 619 34.62 -4.14 7.53
CA TRP A 619 36.04 -3.84 7.69
C TRP A 619 36.61 -4.73 8.78
N GLY A 620 37.88 -5.12 8.62
CA GLY A 620 38.51 -5.99 9.60
C GLY A 620 40.03 -5.87 9.64
N TYR A 621 40.59 -5.97 10.83
CA TYR A 621 42.04 -6.00 11.04
C TYR A 621 42.35 -6.92 12.20
N GLY A 622 43.54 -7.53 12.16
CA GLY A 622 44.00 -8.36 13.24
C GLY A 622 45.50 -8.47 13.28
N ASP A 623 46.11 -8.17 14.44
CA ASP A 623 47.57 -8.19 14.56
C ASP A 623 47.95 -8.76 15.91
N GLY A 624 49.18 -9.26 15.98
CA GLY A 624 49.66 -9.89 17.20
C GLY A 624 50.21 -8.87 18.18
N LEU A 625 49.81 -8.98 19.44
CA LEU A 625 50.30 -8.06 20.46
C LEU A 625 51.73 -8.38 20.86
N GLY A 626 52.08 -9.67 20.93
CA GLY A 626 53.42 -10.09 21.29
C GLY A 626 54.28 -10.42 20.10
N GLY A 627 53.90 -9.92 18.92
CA GLY A 627 54.61 -10.24 17.70
C GLY A 627 54.21 -11.53 17.05
N LYS A 628 53.24 -12.25 17.60
CA LYS A 628 52.79 -13.52 17.04
C LYS A 628 51.85 -13.35 15.85
N GLU A 629 51.67 -12.13 15.35
CA GLU A 629 50.61 -11.83 14.38
C GLU A 629 49.35 -12.56 14.78
N MET A 630 48.66 -13.21 13.83
CA MET A 630 47.41 -13.89 14.13
C MET A 630 47.46 -15.34 13.68
N PRO A 631 46.79 -16.24 14.40
CA PRO A 631 46.58 -17.60 13.88
C PRO A 631 45.67 -17.55 12.65
N PHE A 632 46.10 -18.24 11.59
CA PHE A 632 45.37 -18.19 10.33
C PHE A 632 43.93 -18.65 10.48
N TYR A 633 43.66 -19.60 11.39
CA TYR A 633 42.34 -20.19 11.47
C TYR A 633 41.28 -19.21 11.98
N GLU A 634 41.65 -17.96 12.27
CA GLU A 634 40.70 -16.90 12.54
C GLU A 634 40.82 -15.76 11.52
N ASN A 635 41.39 -16.06 10.35
CA ASN A 635 41.52 -15.07 9.30
C ASN A 635 40.16 -14.76 8.69
N PHE A 636 40.05 -13.60 8.06
CA PHE A 636 38.81 -13.21 7.43
C PHE A 636 38.67 -13.81 6.03
N TYR A 637 37.46 -13.73 5.51
CA TYR A 637 37.15 -14.25 4.18
C TYR A 637 36.00 -13.45 3.61
N ALA A 638 35.80 -13.60 2.30
CA ALA A 638 34.59 -13.11 1.65
C ALA A 638 34.38 -13.88 0.35
N GLY A 639 33.16 -13.84 -0.14
CA GLY A 639 32.80 -14.57 -1.34
C GLY A 639 31.41 -15.15 -1.24
N GLY A 640 30.96 -15.42 -0.01
CA GLY A 640 29.58 -15.83 0.19
C GLY A 640 28.62 -14.71 -0.15
N SER A 641 27.38 -15.10 -0.46
CA SER A 641 26.35 -14.13 -0.82
C SER A 641 26.07 -13.13 0.28
N SER A 642 26.38 -13.48 1.54
CA SER A 642 26.18 -12.52 2.62
C SER A 642 27.16 -11.36 2.55
N THR A 643 28.35 -11.59 2.00
CA THR A 643 29.41 -10.60 2.06
C THR A 643 29.73 -10.02 0.68
N VAL A 644 30.11 -10.88 -0.27
CA VAL A 644 30.42 -10.47 -1.64
C VAL A 644 29.81 -11.49 -2.59
N ARG A 645 28.78 -11.07 -3.31
CA ARG A 645 28.15 -11.94 -4.30
C ARG A 645 29.13 -12.23 -5.44
N GLY A 646 28.99 -13.42 -6.03
CA GLY A 646 29.67 -13.74 -7.27
C GLY A 646 30.97 -14.49 -7.14
N PHE A 647 31.25 -15.10 -5.99
CA PHE A 647 32.48 -15.86 -5.82
C PHE A 647 32.21 -17.07 -4.96
N GLN A 648 33.03 -18.11 -5.13
CA GLN A 648 33.03 -19.22 -4.20
C GLN A 648 33.24 -18.71 -2.79
N SER A 649 32.63 -19.39 -1.82
CA SER A 649 32.40 -18.80 -0.51
C SER A 649 33.65 -18.18 0.09
N ASN A 650 34.81 -18.83 -0.06
CA ASN A 650 36.03 -18.38 0.59
C ASN A 650 37.22 -18.25 -0.36
N THR A 651 36.98 -18.11 -1.67
CA THR A 651 38.08 -18.11 -2.62
C THR A 651 38.83 -16.78 -2.62
N ILE A 652 38.19 -15.68 -2.23
CA ILE A 652 38.77 -14.35 -2.42
C ILE A 652 40.04 -14.21 -1.59
N GLY A 653 40.90 -13.29 -2.01
CA GLY A 653 42.00 -12.85 -1.18
C GLY A 653 43.31 -13.56 -1.47
N PRO A 654 44.25 -13.45 -0.53
CA PRO A 654 45.55 -14.11 -0.70
C PRO A 654 45.40 -15.61 -0.94
N LYS A 655 46.23 -16.14 -1.83
CA LYS A 655 46.22 -17.55 -2.16
C LYS A 655 47.31 -18.29 -1.38
N ALA A 656 47.07 -19.58 -1.14
CA ALA A 656 47.93 -20.42 -0.31
C ALA A 656 49.13 -20.87 -1.15
N VAL A 657 50.25 -20.17 -0.98
CA VAL A 657 51.50 -20.57 -1.60
C VAL A 657 52.14 -21.66 -0.73
N TYR A 658 52.39 -22.83 -1.31
CA TYR A 658 52.99 -23.94 -0.58
C TYR A 658 54.51 -23.93 -0.72
N PHE A 659 55.18 -24.59 0.23
CA PHE A 659 56.57 -24.98 0.05
C PHE A 659 56.65 -26.27 -0.76
N PRO A 660 57.79 -26.55 -1.38
CA PRO A 660 58.02 -27.91 -1.89
C PRO A 660 58.17 -28.89 -0.74
N HIS A 661 57.62 -30.08 -0.91
CA HIS A 661 57.67 -31.09 0.16
C HIS A 661 57.70 -32.47 -0.47
N GLN A 662 58.13 -33.44 0.34
CA GLN A 662 58.47 -34.79 -0.15
C GLN A 662 57.39 -35.82 0.20
N ALA A 663 56.16 -35.38 0.43
CA ALA A 663 55.01 -36.28 0.53
C ALA A 663 55.21 -37.36 1.59
N SER A 664 55.62 -36.97 2.79
CA SER A 664 55.74 -37.94 3.88
C SER A 664 54.43 -38.66 4.13
N ASN A 665 53.33 -37.92 4.25
CA ASN A 665 51.99 -38.47 4.27
C ASN A 665 51.31 -38.06 2.97
N TYR A 666 50.88 -39.06 2.19
CA TYR A 666 50.40 -38.78 0.84
C TYR A 666 49.54 -39.96 0.38
N ASP A 667 48.70 -39.68 -0.62
CA ASP A 667 47.88 -40.69 -1.29
C ASP A 667 48.05 -40.52 -2.78
N PRO A 668 48.57 -41.52 -3.50
CA PRO A 668 48.79 -41.34 -4.96
C PRO A 668 47.51 -41.11 -5.73
N ASP A 669 46.34 -41.39 -5.16
CA ASP A 669 45.08 -41.13 -5.83
C ASP A 669 44.79 -39.64 -5.97
N TYR A 670 45.48 -38.79 -5.21
CA TYR A 670 45.22 -37.36 -5.19
C TYR A 670 46.38 -36.62 -5.84
N ASP A 671 46.05 -35.65 -6.70
CA ASP A 671 47.04 -34.73 -7.23
C ASP A 671 47.21 -33.56 -6.27
N TYR A 672 47.61 -33.86 -5.04
CA TYR A 672 47.73 -32.83 -4.03
C TYR A 672 48.71 -31.74 -4.47
N GLU A 673 48.46 -30.52 -4.02
CA GLU A 673 49.18 -29.38 -4.56
C GLU A 673 50.68 -29.49 -4.25
N CYS A 674 51.48 -29.50 -5.30
CA CYS A 674 52.91 -29.20 -5.23
C CYS A 674 53.69 -30.18 -4.35
N ALA A 675 53.21 -31.41 -4.16
CA ALA A 675 54.04 -32.44 -3.56
C ALA A 675 55.24 -32.68 -4.46
N THR A 676 56.45 -32.40 -3.95
CA THR A 676 57.62 -32.25 -4.82
C THR A 676 57.93 -33.51 -5.61
N GLN A 677 57.59 -34.70 -5.10
CA GLN A 677 57.88 -35.91 -5.86
C GLN A 677 57.15 -35.92 -7.18
N ASP A 678 56.07 -35.15 -7.30
CA ASP A 678 55.35 -34.96 -8.56
C ASP A 678 55.40 -33.52 -9.04
N GLY A 679 55.20 -32.56 -8.15
CA GLY A 679 55.12 -31.15 -8.51
C GLY A 679 56.46 -30.44 -8.49
N ALA A 680 56.39 -29.12 -8.34
CA ALA A 680 57.58 -28.28 -8.39
C ALA A 680 58.44 -28.46 -7.14
N LYS A 681 59.71 -28.05 -7.26
CA LYS A 681 60.66 -28.06 -6.16
C LYS A 681 60.94 -26.66 -5.64
N ASP A 682 59.96 -25.76 -5.75
CA ASP A 682 60.10 -24.39 -5.26
C ASP A 682 58.74 -23.93 -4.76
N LEU A 683 58.69 -22.73 -4.21
CA LEU A 683 57.44 -22.20 -3.68
C LEU A 683 56.37 -22.19 -4.78
N CYS A 684 55.13 -22.54 -4.38
CA CYS A 684 54.12 -22.99 -5.31
C CYS A 684 52.80 -22.27 -5.05
N LYS A 685 52.16 -21.78 -6.12
CA LYS A 685 50.82 -21.22 -6.03
C LYS A 685 49.75 -22.33 -6.10
N SER A 686 48.52 -21.93 -5.80
CA SER A 686 47.38 -22.81 -5.94
C SER A 686 46.11 -21.98 -5.82
N ASP A 687 44.97 -22.60 -6.18
CA ASP A 687 43.69 -21.93 -6.04
C ASP A 687 43.29 -21.76 -4.59
N ASP A 688 43.95 -22.46 -3.66
CA ASP A 688 43.57 -22.41 -2.27
C ASP A 688 43.73 -21.00 -1.71
N ALA A 689 42.84 -20.63 -0.79
CA ALA A 689 42.82 -19.31 -0.17
C ALA A 689 43.07 -19.44 1.32
N VAL A 690 43.97 -18.62 1.85
CA VAL A 690 44.22 -18.55 3.28
C VAL A 690 43.50 -17.37 3.92
N GLY A 691 42.58 -16.75 3.21
CA GLY A 691 41.96 -15.55 3.72
C GLY A 691 42.99 -14.45 3.91
N GLY A 692 42.70 -13.55 4.84
CA GLY A 692 43.64 -12.47 5.15
C GLY A 692 43.40 -11.93 6.54
N ASN A 693 44.48 -11.40 7.11
CA ASN A 693 44.44 -10.77 8.43
C ASN A 693 43.90 -9.35 8.37
N ALA A 694 43.47 -8.91 7.19
CA ALA A 694 42.80 -7.63 7.02
C ALA A 694 41.72 -7.81 5.97
N MET A 695 40.71 -6.95 6.02
CA MET A 695 39.56 -7.09 5.14
C MET A 695 38.90 -5.75 4.91
N ALA A 696 38.37 -5.56 3.71
CA ALA A 696 37.52 -4.42 3.39
C ALA A 696 36.53 -4.87 2.34
N VAL A 697 35.24 -4.67 2.61
CA VAL A 697 34.16 -5.09 1.72
C VAL A 697 33.12 -3.99 1.69
N ALA A 698 32.54 -3.75 0.52
CA ALA A 698 31.55 -2.70 0.35
C ALA A 698 30.51 -3.17 -0.65
N SER A 699 29.29 -2.64 -0.51
CA SER A 699 28.21 -2.95 -1.42
C SER A 699 27.25 -1.76 -1.47
N LEU A 700 26.83 -1.41 -2.68
CA LEU A 700 25.81 -0.41 -2.91
C LEU A 700 24.71 -1.06 -3.74
N GLU A 701 23.47 -0.90 -3.29
CA GLU A 701 22.37 -1.73 -3.79
C GLU A 701 21.16 -0.85 -4.07
N PHE A 702 20.35 -1.28 -5.04
CA PHE A 702 19.21 -0.52 -5.50
C PHE A 702 18.02 -1.48 -5.55
N ILE A 703 16.93 -1.12 -4.90
CA ILE A 703 15.84 -2.06 -4.61
C ILE A 703 14.59 -1.60 -5.36
N THR A 704 13.88 -2.55 -5.95
CA THR A 704 12.76 -2.26 -6.84
C THR A 704 11.70 -3.35 -6.68
N PRO A 705 10.47 -3.06 -7.09
CA PRO A 705 9.44 -4.11 -7.16
C PRO A 705 9.52 -4.89 -8.46
N THR A 706 8.77 -6.00 -8.50
CA THR A 706 8.66 -6.83 -9.69
C THR A 706 7.35 -7.60 -9.60
N PRO A 707 6.27 -7.09 -10.19
CA PRO A 707 4.96 -7.70 -9.99
C PRO A 707 4.89 -9.14 -10.47
N PHE A 708 4.11 -9.94 -9.74
CA PHE A 708 3.81 -11.32 -10.09
C PHE A 708 2.65 -11.74 -9.20
N ILE A 709 2.01 -12.86 -9.55
CA ILE A 709 0.91 -13.35 -8.72
C ILE A 709 1.28 -13.31 -7.25
N SER A 710 2.54 -13.60 -6.92
CA SER A 710 3.10 -13.27 -5.63
C SER A 710 4.00 -12.05 -5.80
N ASP A 711 3.74 -11.00 -5.03
CA ASP A 711 4.39 -9.72 -5.26
C ASP A 711 4.59 -9.01 -3.92
N LYS A 712 5.01 -7.74 -4.00
CA LYS A 712 5.25 -6.94 -2.82
C LYS A 712 4.05 -6.90 -1.91
N TYR A 713 2.84 -6.88 -2.47
CA TYR A 713 1.62 -6.82 -1.68
C TYR A 713 1.20 -8.18 -1.14
N ALA A 714 1.28 -9.21 -1.97
CA ALA A 714 0.86 -10.55 -1.56
C ALA A 714 1.88 -11.23 -0.66
N ASN A 715 3.18 -11.04 -0.93
CA ASN A 715 4.21 -11.76 -0.19
C ASN A 715 5.40 -10.90 0.20
N SER A 716 5.44 -9.63 -0.15
CA SER A 716 6.52 -8.73 0.26
C SER A 716 7.88 -9.19 -0.27
N VAL A 717 7.90 -9.77 -1.46
CA VAL A 717 9.15 -10.17 -2.07
C VAL A 717 10.00 -8.94 -2.39
N ARG A 718 11.32 -9.10 -2.35
CA ARG A 718 12.26 -8.03 -2.63
C ARG A 718 13.24 -8.45 -3.72
N THR A 719 13.57 -7.51 -4.60
CA THR A 719 14.57 -7.70 -5.64
C THR A 719 15.45 -6.46 -5.70
N SER A 720 16.71 -6.64 -6.07
CA SER A 720 17.70 -5.58 -5.95
C SER A 720 18.68 -5.59 -7.11
N PHE A 721 19.06 -4.40 -7.57
CA PHE A 721 20.21 -4.20 -8.44
C PHE A 721 21.34 -3.66 -7.57
N PHE A 722 22.53 -4.23 -7.70
CA PHE A 722 23.58 -3.96 -6.73
C PHE A 722 24.97 -4.08 -7.35
N TRP A 723 25.94 -3.46 -6.68
CA TRP A 723 27.35 -3.55 -7.01
C TRP A 723 28.10 -3.87 -5.72
N ASP A 724 28.99 -4.86 -5.78
CA ASP A 724 29.80 -5.24 -4.63
C ASP A 724 31.28 -4.96 -4.90
N MET A 725 31.95 -4.41 -3.90
CA MET A 725 33.40 -4.24 -3.93
C MET A 725 33.99 -5.05 -2.78
N GLY A 726 34.95 -5.89 -3.10
CA GLY A 726 35.56 -6.75 -2.09
C GLY A 726 37.06 -6.82 -2.26
N THR A 727 37.77 -6.87 -1.14
CA THR A 727 39.22 -6.99 -1.15
C THR A 727 39.69 -7.59 0.16
N VAL A 728 40.71 -8.42 0.08
CA VAL A 728 41.34 -9.03 1.25
C VAL A 728 42.83 -9.04 1.02
N TRP A 729 43.59 -8.67 2.05
CA TRP A 729 45.04 -8.59 1.92
C TRP A 729 45.68 -8.99 3.24
N ASP A 730 46.94 -9.40 3.15
CA ASP A 730 47.72 -9.86 4.30
C ASP A 730 48.76 -8.80 4.63
N THR A 731 48.69 -8.26 5.85
CA THR A 731 49.61 -7.19 6.25
C THR A 731 51.04 -7.68 6.39
N ASN A 732 51.26 -8.98 6.60
CA ASN A 732 52.58 -9.51 6.89
C ASN A 732 53.17 -10.29 5.72
N TRP A 733 52.59 -10.19 4.53
CA TRP A 733 53.23 -10.75 3.35
C TRP A 733 54.53 -10.00 3.07
N ASP A 734 55.63 -10.75 2.95
CA ASP A 734 56.95 -10.16 2.74
C ASP A 734 57.06 -9.68 1.29
N SER A 735 56.47 -8.50 1.05
CA SER A 735 56.45 -7.93 -0.29
C SER A 735 57.86 -7.81 -0.88
N SER A 736 58.85 -7.49 -0.05
CA SER A 736 60.20 -7.32 -0.55
C SER A 736 60.88 -8.65 -0.84
N GLN A 737 60.84 -9.57 0.14
CA GLN A 737 61.56 -10.84 -0.01
C GLN A 737 60.96 -11.70 -1.11
N TYR A 738 59.64 -11.70 -1.23
CA TYR A 738 58.93 -12.59 -2.16
C TYR A 738 58.54 -11.89 -3.45
N SER A 739 59.41 -11.02 -3.96
CA SER A 739 59.11 -10.29 -5.19
C SER A 739 58.75 -11.21 -6.35
N GLY A 740 59.16 -12.49 -6.29
CA GLY A 740 58.87 -13.43 -7.36
C GLY A 740 57.47 -13.98 -7.37
N TYR A 741 56.61 -13.58 -6.45
CA TYR A 741 55.26 -14.07 -6.34
C TYR A 741 54.31 -12.91 -6.11
N PRO A 742 53.02 -13.09 -6.36
CA PRO A 742 52.07 -11.97 -6.23
C PRO A 742 52.17 -11.32 -4.85
N ASP A 743 52.19 -9.99 -4.84
CA ASP A 743 52.38 -9.22 -3.62
C ASP A 743 51.02 -8.97 -2.97
N TYR A 744 50.71 -9.72 -1.91
CA TYR A 744 49.46 -9.56 -1.19
C TYR A 744 49.41 -8.34 -0.30
N SER A 745 50.53 -7.64 -0.10
CA SER A 745 50.60 -6.60 0.92
C SER A 745 49.74 -5.38 0.61
N ASP A 746 49.28 -5.21 -0.64
CA ASP A 746 48.54 -4.02 -1.02
C ASP A 746 47.05 -4.34 -1.17
N PRO A 747 46.16 -3.57 -0.55
CA PRO A 747 44.72 -3.86 -0.68
C PRO A 747 44.13 -3.46 -2.02
N SER A 748 44.85 -2.72 -2.86
CA SER A 748 44.28 -2.22 -4.11
C SER A 748 43.98 -3.32 -5.12
N ASN A 749 44.17 -4.59 -4.78
CA ASN A 749 43.75 -5.69 -5.65
C ASN A 749 42.26 -5.97 -5.45
N ILE A 750 41.46 -4.98 -5.85
CA ILE A 750 40.03 -5.00 -5.56
C ILE A 750 39.32 -6.01 -6.46
N ARG A 751 38.52 -6.88 -5.86
CA ARG A 751 37.55 -7.67 -6.60
C ARG A 751 36.24 -6.90 -6.69
N MET A 752 35.44 -7.22 -7.70
CA MET A 752 34.13 -6.58 -7.85
C MET A 752 33.15 -7.57 -8.48
N SER A 753 31.87 -7.30 -8.25
CA SER A 753 30.78 -8.01 -8.90
C SER A 753 29.53 -7.12 -8.86
N ALA A 754 28.61 -7.39 -9.78
CA ALA A 754 27.39 -6.61 -9.87
C ALA A 754 26.34 -7.41 -10.64
N GLY A 755 25.07 -7.15 -10.33
CA GLY A 755 23.99 -7.83 -11.00
C GLY A 755 22.66 -7.74 -10.28
N ILE A 756 21.88 -8.83 -10.33
CA ILE A 756 20.53 -8.88 -9.78
C ILE A 756 20.50 -9.84 -8.61
N ALA A 757 19.74 -9.49 -7.58
CA ALA A 757 19.50 -10.36 -6.44
C ALA A 757 18.01 -10.37 -6.09
N LEU A 758 17.54 -11.51 -5.58
CA LEU A 758 16.14 -11.71 -5.24
C LEU A 758 16.05 -12.34 -3.85
N GLN A 759 15.00 -11.96 -3.12
CA GLN A 759 14.74 -12.53 -1.80
C GLN A 759 13.24 -12.72 -1.61
N TRP A 760 12.86 -13.88 -1.11
CA TRP A 760 11.46 -14.23 -0.91
C TRP A 760 11.29 -14.84 0.47
N MET A 761 10.34 -14.31 1.24
CA MET A 761 10.09 -14.77 2.61
C MET A 761 9.10 -15.95 2.58
N SER A 762 9.57 -17.06 2.02
CA SER A 762 8.76 -18.26 2.01
C SER A 762 8.50 -18.73 3.44
N PRO A 763 7.43 -19.50 3.66
CA PRO A 763 7.16 -19.98 5.01
C PRO A 763 8.32 -20.72 5.63
N LEU A 764 9.12 -21.41 4.82
CA LEU A 764 10.33 -22.03 5.33
C LEU A 764 11.30 -20.98 5.86
N GLY A 765 11.47 -19.88 5.13
CA GLY A 765 12.37 -18.84 5.52
C GLY A 765 12.83 -18.01 4.33
N PRO A 766 13.78 -17.11 4.56
CA PRO A 766 14.24 -16.22 3.48
C PRO A 766 15.05 -16.97 2.43
N LEU A 767 14.49 -17.10 1.24
CA LEU A 767 15.25 -17.53 0.08
C LEU A 767 16.04 -16.35 -0.46
N VAL A 768 17.22 -16.63 -1.01
CA VAL A 768 18.03 -15.59 -1.64
C VAL A 768 18.57 -16.11 -2.97
N PHE A 769 18.39 -15.31 -4.02
CA PHE A 769 18.78 -15.63 -5.37
C PHE A 769 19.49 -14.43 -5.97
N SER A 770 20.59 -14.66 -6.68
CA SER A 770 21.31 -13.55 -7.28
C SER A 770 22.24 -14.04 -8.39
N TYR A 771 22.27 -13.26 -9.46
CA TYR A 771 23.25 -13.38 -10.53
C TYR A 771 24.08 -12.10 -10.53
N ALA A 772 25.40 -12.25 -10.39
CA ALA A 772 26.29 -11.10 -10.37
C ALA A 772 27.64 -11.54 -10.92
N GLN A 773 27.94 -11.12 -12.14
CA GLN A 773 29.20 -11.51 -12.77
C GLN A 773 30.37 -10.85 -12.06
N PRO A 774 31.40 -11.60 -11.66
CA PRO A 774 32.59 -10.96 -11.10
C PRO A 774 33.42 -10.28 -12.19
N PHE A 775 32.99 -9.07 -12.57
CA PHE A 775 33.57 -8.39 -13.72
C PHE A 775 34.97 -7.87 -13.47
N LYS A 776 35.40 -7.74 -12.22
CA LYS A 776 36.80 -7.44 -11.91
C LYS A 776 37.32 -8.55 -11.01
N LYS A 777 38.52 -9.03 -11.31
CA LYS A 777 38.96 -10.32 -10.80
C LYS A 777 40.48 -10.36 -10.76
N TYR A 778 41.01 -11.26 -9.95
CA TYR A 778 42.44 -11.48 -9.86
C TYR A 778 42.74 -12.98 -9.94
N ASP A 779 44.03 -13.31 -9.93
CA ASP A 779 44.49 -14.67 -10.15
C ASP A 779 43.87 -15.64 -9.14
N GLY A 780 43.32 -16.74 -9.67
CA GLY A 780 42.89 -17.85 -8.83
C GLY A 780 41.57 -17.67 -8.13
N ASP A 781 40.88 -16.55 -8.31
CA ASP A 781 39.57 -16.38 -7.70
C ASP A 781 38.54 -17.24 -8.42
N LYS A 782 37.98 -18.22 -7.72
CA LYS A 782 37.05 -19.15 -8.34
C LYS A 782 35.69 -18.47 -8.49
N ALA A 783 35.43 -17.96 -9.68
CA ALA A 783 34.22 -17.17 -9.92
C ALA A 783 32.99 -18.04 -9.99
N GLU A 784 31.84 -17.46 -9.63
CA GLU A 784 30.53 -18.05 -9.93
C GLU A 784 29.57 -16.87 -10.10
N GLN A 785 29.21 -16.57 -11.35
CA GLN A 785 28.38 -15.40 -11.63
C GLN A 785 26.98 -15.52 -11.05
N PHE A 786 26.56 -16.70 -10.63
CA PHE A 786 25.25 -16.90 -10.03
C PHE A 786 25.41 -17.67 -8.73
N GLN A 787 24.52 -17.40 -7.78
CA GLN A 787 24.57 -18.00 -6.46
C GLN A 787 23.17 -18.05 -5.90
N PHE A 788 22.90 -19.09 -5.11
CA PHE A 788 21.61 -19.29 -4.48
C PHE A 788 21.80 -19.81 -3.05
N ASN A 789 20.90 -19.41 -2.16
CA ASN A 789 20.93 -19.90 -0.79
C ASN A 789 19.59 -19.62 -0.13
N ILE A 790 19.43 -20.14 1.08
CA ILE A 790 18.26 -19.89 1.90
C ILE A 790 18.69 -19.58 3.32
N GLY A 791 18.01 -18.62 3.93
CA GLY A 791 18.13 -18.37 5.36
C GLY A 791 18.98 -17.15 5.67
N LYS A 792 19.90 -17.30 6.62
CA LYS A 792 20.74 -16.24 7.18
C LYS A 792 19.97 -15.33 8.12
N THR A 793 18.63 -15.35 8.06
CA THR A 793 17.77 -14.94 9.17
C THR A 793 18.00 -13.50 9.64
N TRP A 794 18.97 -12.81 9.07
CA TRP A 794 19.48 -11.56 9.64
C TRP A 794 20.73 -11.09 8.90
N LEU B 3 4.80 -9.63 -24.21
CA LEU B 3 4.28 -9.72 -22.81
C LEU B 3 2.76 -9.79 -22.79
N PHE B 4 2.11 -8.73 -23.28
CA PHE B 4 0.66 -8.60 -23.20
C PHE B 4 0.00 -8.10 -24.47
N ASN B 5 0.76 -7.82 -25.53
CA ASN B 5 0.24 -7.08 -26.67
C ASN B 5 -0.70 -7.88 -27.56
N SER B 6 -0.86 -9.19 -27.33
CA SER B 6 -1.52 -10.05 -28.29
C SER B 6 -3.02 -9.83 -28.42
N GLU B 7 -3.66 -9.07 -27.51
CA GLU B 7 -5.12 -9.01 -27.50
C GLU B 7 -5.65 -7.60 -27.28
N GLU B 8 -5.07 -6.60 -27.95
CA GLU B 8 -5.64 -5.26 -27.93
C GLU B 8 -6.96 -5.23 -28.71
N ASP B 9 -7.94 -4.51 -28.20
CA ASP B 9 -9.30 -4.52 -28.73
C ASP B 9 -9.64 -3.19 -29.37
N VAL B 10 -10.24 -3.24 -30.56
CA VAL B 10 -10.74 -2.05 -31.26
C VAL B 10 -11.95 -2.47 -32.10
N VAL B 11 -12.94 -1.59 -32.17
CA VAL B 11 -14.12 -1.82 -32.99
C VAL B 11 -13.86 -1.28 -34.39
N LYS B 12 -14.28 -2.04 -35.41
CA LYS B 12 -13.85 -1.78 -36.78
C LYS B 12 -14.76 -0.78 -37.48
N MET B 13 -14.16 -0.01 -38.39
CA MET B 13 -14.92 0.85 -39.28
C MET B 13 -15.26 0.10 -40.57
N SER B 14 -16.35 0.51 -41.20
CA SER B 14 -16.76 -0.12 -42.44
C SER B 14 -15.73 0.15 -43.53
N PRO B 15 -15.42 -0.82 -44.40
CA PRO B 15 -14.45 -0.58 -45.47
C PRO B 15 -14.93 0.51 -46.42
N LEU B 16 -14.02 0.91 -47.31
CA LEU B 16 -14.28 2.02 -48.21
C LEU B 16 -15.44 1.66 -49.16
N PRO B 17 -16.29 2.63 -49.53
CA PRO B 17 -17.39 2.34 -50.46
C PRO B 17 -16.93 2.01 -51.88
N THR B 18 -17.89 1.82 -52.78
CA THR B 18 -17.58 1.51 -54.17
C THR B 18 -16.78 2.64 -54.80
N VAL B 19 -15.87 2.29 -55.72
CA VAL B 19 -14.93 3.27 -56.26
C VAL B 19 -15.54 4.05 -57.42
N GLU B 20 -16.42 3.42 -58.21
CA GLU B 20 -16.91 4.07 -59.42
C GLU B 20 -17.56 5.41 -59.10
N ASN B 21 -17.29 6.39 -59.95
CA ASN B 21 -17.67 7.78 -59.70
C ASN B 21 -18.30 8.38 -60.95
N GLN B 22 -19.36 9.17 -60.75
CA GLN B 22 -20.01 9.86 -61.87
C GLN B 22 -19.15 11.02 -62.39
N PHE B 23 -18.48 11.74 -61.49
CA PHE B 23 -17.57 12.81 -61.86
C PHE B 23 -16.28 12.65 -61.07
N THR B 24 -15.18 13.12 -61.65
CA THR B 24 -13.87 12.94 -61.03
C THR B 24 -13.49 14.21 -60.28
N PRO B 25 -13.42 14.19 -58.95
CA PRO B 25 -12.95 15.37 -58.22
C PRO B 25 -11.44 15.51 -58.30
N THR B 26 -10.97 16.74 -58.08
CA THR B 26 -9.55 17.05 -58.15
C THR B 26 -9.22 18.14 -57.15
N THR B 27 -7.98 18.13 -56.68
CA THR B 27 -7.50 19.20 -55.82
C THR B 27 -7.08 20.40 -56.66
N ALA B 28 -7.57 21.58 -56.31
CA ALA B 28 -7.15 22.80 -56.99
C ALA B 28 -5.78 23.24 -56.50
N TRP B 29 -5.57 23.24 -55.19
CA TRP B 29 -4.28 23.56 -54.60
C TRP B 29 -4.29 23.14 -53.15
N SER B 30 -3.10 22.99 -52.58
CA SER B 30 -2.95 22.61 -51.19
C SER B 30 -1.70 23.27 -50.63
N THR B 31 -1.75 23.59 -49.34
CA THR B 31 -0.65 24.30 -48.68
C THR B 31 -0.61 23.89 -47.22
N SER B 32 0.58 23.89 -46.64
CA SER B 32 0.74 23.58 -45.23
C SER B 32 0.55 24.83 -44.39
N VAL B 33 -0.56 24.90 -43.65
CA VAL B 33 -0.77 26.00 -42.72
C VAL B 33 0.26 25.95 -41.60
N GLY B 34 0.61 24.75 -41.16
CA GLY B 34 1.60 24.59 -40.11
C GLY B 34 1.55 23.19 -39.56
N SER B 35 2.07 23.03 -38.35
CA SER B 35 1.96 21.74 -37.67
C SER B 35 0.48 21.42 -37.46
N GLY B 36 0.15 20.14 -37.60
CA GLY B 36 -1.24 19.74 -37.62
C GLY B 36 -1.87 19.62 -36.25
N ILE B 37 -3.19 19.41 -36.26
CA ILE B 37 -3.93 19.20 -35.03
C ILE B 37 -3.38 18.00 -34.27
N GLY B 38 -3.02 16.95 -34.99
CA GLY B 38 -2.51 15.75 -34.35
C GLY B 38 -3.61 15.02 -33.60
N ASN B 39 -3.19 14.14 -32.70
CA ASN B 39 -4.14 13.37 -31.89
C ASN B 39 -4.77 14.36 -30.92
N PHE B 40 -5.68 15.16 -31.46
CA PHE B 40 -6.20 16.34 -30.80
C PHE B 40 -7.55 16.66 -31.42
N TYR B 41 -8.50 17.09 -30.60
CA TYR B 41 -9.89 17.19 -31.03
C TYR B 41 -10.47 18.55 -30.63
N SER B 42 -10.58 19.44 -31.60
CA SER B 42 -11.24 20.73 -31.39
C SER B 42 -11.72 21.27 -32.72
N ASN B 43 -12.77 22.07 -32.68
CA ASN B 43 -13.34 22.65 -33.88
C ASN B 43 -12.39 23.73 -34.41
N LEU B 44 -11.84 23.51 -35.60
CA LEU B 44 -10.98 24.50 -36.24
C LEU B 44 -10.95 24.22 -37.72
N HIS B 45 -11.52 25.13 -38.52
CA HIS B 45 -11.66 24.91 -39.95
C HIS B 45 -11.44 26.23 -40.67
N PRO B 46 -10.99 26.19 -41.93
CA PRO B 46 -10.78 27.43 -42.68
C PRO B 46 -12.06 28.20 -42.89
N ALA B 47 -11.91 29.44 -43.36
CA ALA B 47 -13.02 30.33 -43.65
C ALA B 47 -12.75 31.04 -44.96
N LEU B 48 -13.81 31.60 -45.55
CA LEU B 48 -13.69 32.32 -46.80
C LEU B 48 -14.57 33.55 -46.78
N ALA B 49 -14.05 34.65 -47.31
CA ALA B 49 -14.85 35.82 -47.63
C ALA B 49 -14.10 36.62 -48.69
N ASP B 50 -14.76 36.87 -49.81
CA ASP B 50 -14.19 37.67 -50.90
C ASP B 50 -12.82 37.14 -51.31
N ASN B 51 -12.78 35.84 -51.60
CA ASN B 51 -11.67 35.20 -52.29
C ASN B 51 -10.40 35.11 -51.44
N VAL B 52 -10.46 35.47 -50.16
CA VAL B 52 -9.29 35.43 -49.29
C VAL B 52 -9.52 34.32 -48.26
N VAL B 53 -8.65 33.32 -48.28
CA VAL B 53 -8.75 32.19 -47.35
C VAL B 53 -8.10 32.57 -46.03
N TYR B 54 -8.69 32.11 -44.93
CA TYR B 54 -8.11 32.27 -43.61
C TYR B 54 -8.10 30.91 -42.92
N ALA B 55 -6.95 30.52 -42.39
CA ALA B 55 -6.79 29.21 -41.77
C ALA B 55 -5.78 29.32 -40.64
N ALA B 56 -5.83 28.35 -39.73
CA ALA B 56 -4.93 28.34 -38.59
C ALA B 56 -4.89 26.93 -38.02
N ASP B 57 -3.98 26.72 -37.08
CA ASP B 57 -3.84 25.42 -36.45
C ASP B 57 -3.40 25.59 -35.00
N ARG B 58 -3.25 24.44 -34.33
CA ARG B 58 -3.05 24.45 -32.88
C ARG B 58 -1.84 25.27 -32.47
N ALA B 59 -0.74 25.19 -33.23
CA ALA B 59 0.48 25.86 -32.81
C ALA B 59 0.30 27.36 -32.67
N GLY B 60 -0.72 27.92 -33.33
CA GLY B 60 -0.96 29.35 -33.34
C GLY B 60 -0.68 30.02 -34.66
N LEU B 61 -0.16 29.29 -35.64
CA LEU B 61 0.07 29.86 -36.96
C LEU B 61 -1.25 30.20 -37.61
N VAL B 62 -1.31 31.38 -38.23
CA VAL B 62 -2.49 31.83 -38.95
C VAL B 62 -2.04 32.26 -40.34
N LYS B 63 -2.79 31.83 -41.36
CA LYS B 63 -2.45 32.08 -42.75
C LYS B 63 -3.63 32.68 -43.48
N ALA B 64 -3.36 33.72 -44.26
CA ALA B 64 -4.32 34.29 -45.18
C ALA B 64 -3.87 34.02 -46.61
N LEU B 65 -4.76 33.45 -47.42
CA LEU B 65 -4.38 32.96 -48.74
C LEU B 65 -5.43 33.34 -49.77
N ASN B 66 -4.98 33.48 -51.01
CA ASN B 66 -5.89 33.64 -52.14
C ASN B 66 -6.63 32.34 -52.41
N ALA B 67 -7.86 32.46 -52.91
CA ALA B 67 -8.69 31.27 -53.12
C ALA B 67 -8.54 30.65 -54.50
N ASP B 68 -8.26 31.46 -55.54
CA ASP B 68 -7.99 30.87 -56.84
C ASP B 68 -6.73 30.02 -56.80
N ASP B 69 -5.71 30.51 -56.11
CA ASP B 69 -4.46 29.78 -55.95
C ASP B 69 -3.89 30.08 -54.55
N GLY B 70 -2.95 29.24 -54.13
CA GLY B 70 -2.48 29.26 -52.76
C GLY B 70 -1.52 30.38 -52.41
N LYS B 71 -1.56 31.49 -53.15
CA LYS B 71 -0.71 32.63 -52.82
C LYS B 71 -1.10 33.18 -51.45
N GLU B 72 -0.09 33.39 -50.60
CA GLU B 72 -0.34 33.89 -49.26
C GLU B 72 -0.58 35.40 -49.29
N ILE B 73 -1.53 35.85 -48.47
CA ILE B 73 -1.72 37.29 -48.28
C ILE B 73 -0.86 37.78 -47.12
N TRP B 74 -0.93 37.09 -45.99
CA TRP B 74 -0.05 37.38 -44.85
C TRP B 74 -0.09 36.18 -43.91
N SER B 75 0.88 36.13 -43.01
CA SER B 75 0.97 35.07 -42.02
C SER B 75 1.52 35.65 -40.72
N VAL B 76 1.02 35.13 -39.60
CA VAL B 76 1.45 35.56 -38.28
C VAL B 76 1.32 34.39 -37.32
N SER B 77 2.11 34.42 -36.25
CA SER B 77 2.07 33.41 -35.21
C SER B 77 1.66 34.06 -33.89
N LEU B 78 0.65 33.49 -33.25
CA LEU B 78 0.16 33.98 -31.97
C LEU B 78 0.85 33.35 -30.78
N ALA B 79 1.89 32.53 -31.01
CA ALA B 79 2.58 31.89 -29.91
C ALA B 79 3.25 32.93 -29.01
N GLU B 80 3.38 32.58 -27.74
CA GLU B 80 3.92 33.49 -26.74
C GLU B 80 5.43 33.64 -26.90
N LYS B 81 5.94 34.82 -26.54
CA LYS B 81 7.37 35.02 -26.46
C LYS B 81 7.94 34.22 -25.30
N ASP B 82 9.01 33.47 -25.57
CA ASP B 82 9.49 32.48 -24.61
C ASP B 82 10.16 33.10 -23.39
N GLY B 83 10.79 34.26 -23.53
CA GLY B 83 11.49 34.87 -22.41
C GLY B 83 12.55 33.96 -21.83
N TRP B 84 13.05 33.04 -22.66
CA TRP B 84 14.03 32.02 -22.28
C TRP B 84 13.48 31.00 -21.29
N PHE B 85 12.21 31.08 -20.93
CA PHE B 85 11.56 30.00 -20.20
C PHE B 85 10.81 29.12 -21.21
N SER B 86 10.02 28.16 -20.70
CA SER B 86 9.31 27.24 -21.57
C SER B 86 8.42 27.99 -22.55
N LYS B 87 8.75 27.95 -23.84
CA LYS B 87 7.95 28.62 -24.84
C LYS B 87 6.55 28.00 -24.89
N GLU B 88 5.53 28.85 -24.93
CA GLU B 88 4.15 28.40 -24.85
C GLU B 88 3.46 28.56 -26.19
N PRO B 89 3.00 27.48 -26.83
CA PRO B 89 2.20 27.64 -28.05
C PRO B 89 0.82 28.20 -27.74
N ALA B 90 0.22 28.81 -28.76
CA ALA B 90 -1.10 29.38 -28.58
C ALA B 90 -2.15 28.33 -28.25
N LEU B 91 -1.89 27.06 -28.55
CA LEU B 91 -2.85 25.98 -28.36
C LEU B 91 -4.19 26.38 -28.96
N LEU B 92 -4.16 26.65 -30.26
CA LEU B 92 -5.29 27.27 -30.93
C LEU B 92 -6.45 26.29 -31.12
N SER B 93 -7.66 26.82 -31.04
CA SER B 93 -8.87 26.04 -31.28
C SER B 93 -10.02 27.02 -31.47
N GLY B 94 -11.17 26.48 -31.86
CA GLY B 94 -12.38 27.28 -31.95
C GLY B 94 -12.57 27.98 -33.27
N GLY B 95 -12.31 27.28 -34.37
CA GLY B 95 -12.69 27.76 -35.69
C GLY B 95 -12.08 29.10 -36.04
N VAL B 96 -12.41 29.54 -37.26
CA VAL B 96 -12.00 30.82 -37.79
C VAL B 96 -13.22 31.50 -38.39
N THR B 97 -13.43 32.77 -38.06
CA THR B 97 -14.55 33.53 -38.57
C THR B 97 -14.05 34.88 -39.04
N VAL B 98 -14.72 35.43 -40.04
CA VAL B 98 -14.32 36.70 -40.64
C VAL B 98 -15.55 37.57 -40.87
N SER B 99 -15.37 38.87 -40.71
CA SER B 99 -16.41 39.84 -41.00
C SER B 99 -15.76 41.21 -41.11
N GLY B 100 -15.98 41.89 -42.22
CA GLY B 100 -15.39 43.19 -42.44
C GLY B 100 -13.89 43.21 -42.24
N GLY B 101 -13.43 43.97 -41.25
CA GLY B 101 -12.03 44.21 -41.03
C GLY B 101 -11.32 43.29 -40.05
N HIS B 102 -11.95 42.20 -39.61
CA HIS B 102 -11.40 41.42 -38.51
C HIS B 102 -11.52 39.92 -38.78
N VAL B 103 -10.66 39.17 -38.08
CA VAL B 103 -10.66 37.71 -38.11
C VAL B 103 -10.69 37.25 -36.66
N TYR B 104 -11.66 36.40 -36.33
CA TYR B 104 -11.90 35.98 -34.95
C TYR B 104 -11.47 34.53 -34.78
N ILE B 105 -10.65 34.28 -33.76
CA ILE B 105 -10.11 32.96 -33.49
C ILE B 105 -10.16 32.71 -31.99
N GLY B 106 -10.62 31.52 -31.60
CA GLY B 106 -10.59 31.11 -30.22
C GLY B 106 -9.25 30.51 -29.85
N SER B 107 -9.24 29.86 -28.69
CA SER B 107 -8.05 29.15 -28.24
C SER B 107 -8.44 28.10 -27.23
N GLU B 108 -7.59 27.07 -27.11
CA GLU B 108 -7.77 26.09 -26.04
C GLU B 108 -7.45 26.68 -24.67
N LYS B 109 -6.94 27.91 -24.62
CA LYS B 109 -6.76 28.64 -23.38
C LYS B 109 -7.62 29.90 -23.43
N ALA B 110 -7.56 30.70 -22.38
CA ALA B 110 -8.58 31.70 -22.13
C ALA B 110 -8.68 32.72 -23.26
N GLN B 111 -7.61 32.92 -24.02
CA GLN B 111 -7.59 34.00 -25.00
C GLN B 111 -8.51 33.73 -26.18
N VAL B 112 -9.14 34.80 -26.67
CA VAL B 112 -9.77 34.84 -27.99
C VAL B 112 -9.16 36.00 -28.74
N TYR B 113 -8.63 35.73 -29.92
CA TYR B 113 -7.86 36.71 -30.68
C TYR B 113 -8.69 37.29 -31.81
N ALA B 114 -8.53 38.59 -32.04
CA ALA B 114 -9.12 39.29 -33.18
C ALA B 114 -7.98 39.71 -34.12
N LEU B 115 -8.02 39.24 -35.36
CA LEU B 115 -6.98 39.52 -36.33
C LEU B 115 -7.57 40.24 -37.54
N ASN B 116 -6.80 41.18 -38.09
CA ASN B 116 -7.24 41.90 -39.26
C ASN B 116 -7.20 41.00 -40.50
N THR B 117 -8.11 41.27 -41.42
CA THR B 117 -8.15 40.52 -42.67
C THR B 117 -7.05 41.00 -43.63
N SER B 118 -7.03 42.30 -43.91
CA SER B 118 -6.03 42.83 -44.84
C SER B 118 -4.62 42.83 -44.24
N ASP B 119 -4.50 42.70 -42.92
CA ASP B 119 -3.21 42.74 -42.25
C ASP B 119 -3.12 41.64 -41.22
N GLY B 120 -1.89 41.20 -40.94
CA GLY B 120 -1.65 40.27 -39.86
C GLY B 120 -1.77 40.90 -38.47
N THR B 121 -2.03 42.20 -38.41
CA THR B 121 -2.08 42.91 -37.14
C THR B 121 -3.11 42.30 -36.21
N VAL B 122 -2.71 42.11 -34.95
CA VAL B 122 -3.66 41.69 -33.92
C VAL B 122 -4.43 42.92 -33.46
N ALA B 123 -5.75 42.90 -33.63
CA ALA B 123 -6.57 44.04 -33.23
C ALA B 123 -6.76 44.05 -31.71
N TRP B 124 -7.27 42.96 -31.15
CA TRP B 124 -7.41 42.85 -29.70
C TRP B 124 -7.57 41.40 -29.33
N GLN B 125 -7.25 41.09 -28.08
CA GLN B 125 -7.49 39.76 -27.52
C GLN B 125 -8.03 39.90 -26.12
N THR B 126 -9.02 39.07 -25.78
CA THR B 126 -9.78 39.23 -24.56
C THR B 126 -9.87 37.89 -23.85
N LYS B 127 -9.90 37.93 -22.53
CA LYS B 127 -10.06 36.72 -21.74
C LYS B 127 -11.53 36.39 -21.56
N VAL B 128 -11.86 35.10 -21.65
CA VAL B 128 -13.21 34.61 -21.49
C VAL B 128 -13.22 33.45 -20.49
N ALA B 129 -14.39 33.19 -19.91
CA ALA B 129 -14.51 32.15 -18.90
C ALA B 129 -14.45 30.77 -19.53
N GLY B 130 -13.30 30.11 -19.41
CA GLY B 130 -13.09 28.82 -20.04
C GLY B 130 -12.63 28.96 -21.48
N GLU B 131 -11.93 27.93 -21.95
CA GLU B 131 -11.40 27.96 -23.31
C GLU B 131 -12.54 27.99 -24.32
N ALA B 132 -12.34 28.78 -25.37
CA ALA B 132 -13.35 28.98 -26.40
C ALA B 132 -13.24 27.90 -27.48
N LEU B 133 -13.61 26.68 -27.09
CA LEU B 133 -13.59 25.57 -28.03
C LEU B 133 -14.55 25.79 -29.19
N SER B 134 -15.55 26.65 -29.01
CA SER B 134 -16.61 26.80 -30.00
C SER B 134 -16.25 27.85 -31.04
N ARG B 135 -16.74 27.62 -32.26
CA ARG B 135 -16.55 28.56 -33.34
C ARG B 135 -17.24 29.88 -33.00
N PRO B 136 -16.50 30.97 -32.83
CA PRO B 136 -17.16 32.26 -32.56
C PRO B 136 -17.96 32.72 -33.77
N VAL B 137 -19.03 33.45 -33.49
CA VAL B 137 -19.94 33.96 -34.52
C VAL B 137 -20.10 35.46 -34.33
N VAL B 138 -20.44 36.14 -35.43
CA VAL B 138 -20.59 37.58 -35.45
C VAL B 138 -22.07 37.91 -35.64
N SER B 139 -22.56 38.89 -34.88
CA SER B 139 -23.97 39.27 -34.97
C SER B 139 -24.16 40.68 -34.43
N ASP B 140 -24.53 41.59 -35.32
CA ASP B 140 -24.93 42.95 -34.94
C ASP B 140 -23.88 43.61 -34.04
N GLY B 141 -22.63 43.60 -34.50
CA GLY B 141 -21.57 44.31 -33.81
C GLY B 141 -21.02 43.61 -32.58
N LEU B 142 -21.29 42.32 -32.41
CA LEU B 142 -20.76 41.55 -31.30
C LEU B 142 -20.18 40.24 -31.80
N VAL B 143 -19.32 39.65 -30.97
CA VAL B 143 -18.81 38.30 -31.20
C VAL B 143 -19.34 37.43 -30.08
N LEU B 144 -20.13 36.43 -30.43
CA LEU B 144 -20.73 35.52 -29.46
C LEU B 144 -19.90 34.25 -29.39
N ILE B 145 -19.56 33.83 -28.18
CA ILE B 145 -18.62 32.74 -27.95
C ILE B 145 -19.22 31.79 -26.93
N HIS B 146 -19.02 30.50 -27.14
CA HIS B 146 -19.38 29.47 -26.19
C HIS B 146 -18.10 28.75 -25.78
N THR B 147 -18.06 28.29 -24.54
CA THR B 147 -16.83 27.82 -23.93
C THR B 147 -16.97 26.40 -23.42
N SER B 148 -15.82 25.74 -23.26
CA SER B 148 -15.80 24.42 -22.66
C SER B 148 -16.40 24.43 -21.26
N ASN B 149 -16.30 25.57 -20.57
CA ASN B 149 -16.82 25.70 -19.22
C ASN B 149 -18.33 25.94 -19.19
N GLY B 150 -19.00 25.86 -20.34
CA GLY B 150 -20.43 26.05 -20.39
C GLY B 150 -20.90 27.48 -20.33
N GLN B 151 -19.99 28.46 -20.32
CA GLN B 151 -20.38 29.86 -20.24
C GLN B 151 -20.34 30.50 -21.61
N LEU B 152 -21.37 31.29 -21.91
CA LEU B 152 -21.49 32.01 -23.17
C LEU B 152 -21.17 33.48 -22.94
N GLN B 153 -20.27 34.03 -23.77
CA GLN B 153 -19.83 35.40 -23.66
C GLN B 153 -20.13 36.14 -24.96
N ALA B 154 -20.50 37.41 -24.82
CA ALA B 154 -20.64 38.32 -25.94
C ALA B 154 -19.62 39.44 -25.81
N LEU B 155 -18.82 39.63 -26.85
CA LEU B 155 -17.73 40.59 -26.84
C LEU B 155 -18.04 41.74 -27.80
N ASN B 156 -17.80 42.97 -27.35
CA ASN B 156 -17.95 44.12 -28.23
C ASN B 156 -16.98 44.01 -29.39
N GLU B 157 -17.53 43.86 -30.60
CA GLU B 157 -16.68 43.65 -31.76
C GLU B 157 -15.70 44.80 -31.97
N ALA B 158 -16.09 46.01 -31.58
CA ALA B 158 -15.23 47.17 -31.78
C ALA B 158 -13.96 47.12 -30.93
N ASP B 159 -14.05 46.59 -29.71
CA ASP B 159 -12.89 46.57 -28.82
C ASP B 159 -12.68 45.23 -28.12
N GLY B 160 -13.57 44.26 -28.29
CA GLY B 160 -13.42 42.96 -27.66
C GLY B 160 -13.82 42.89 -26.20
N ALA B 161 -14.33 43.97 -25.63
CA ALA B 161 -14.74 43.95 -24.23
C ALA B 161 -15.99 43.11 -24.05
N VAL B 162 -16.07 42.41 -22.91
CA VAL B 162 -17.21 41.55 -22.62
C VAL B 162 -18.43 42.41 -22.37
N LYS B 163 -19.55 42.06 -23.01
CA LYS B 163 -20.81 42.78 -22.80
C LYS B 163 -21.72 42.07 -21.81
N TRP B 164 -21.80 40.74 -21.86
CA TRP B 164 -22.63 40.01 -20.92
C TRP B 164 -22.12 38.57 -20.84
N THR B 165 -22.57 37.86 -19.82
CA THR B 165 -22.28 36.45 -19.64
C THR B 165 -23.56 35.70 -19.33
N VAL B 166 -23.67 34.48 -19.85
CA VAL B 166 -24.84 33.63 -19.62
C VAL B 166 -24.35 32.21 -19.34
N ASN B 167 -24.85 31.61 -18.27
CA ASN B 167 -24.40 30.28 -17.87
C ASN B 167 -25.31 29.22 -18.49
N LEU B 168 -24.69 28.22 -19.12
CA LEU B 168 -25.37 27.01 -19.54
C LEU B 168 -24.80 25.83 -18.76
N ASP B 169 -25.68 25.09 -18.08
CA ASP B 169 -25.24 24.03 -17.20
C ASP B 169 -24.59 22.89 -17.99
N MET B 170 -23.61 22.24 -17.36
CA MET B 170 -22.92 21.10 -17.94
C MET B 170 -22.70 20.03 -16.88
N PRO B 171 -22.72 18.75 -17.26
CA PRO B 171 -22.35 17.70 -16.30
C PRO B 171 -20.83 17.56 -16.21
N SER B 172 -20.39 16.81 -15.20
CA SER B 172 -18.97 16.60 -15.01
C SER B 172 -18.32 15.90 -16.19
N LEU B 173 -19.08 15.12 -16.95
CA LEU B 173 -18.62 14.45 -18.16
C LEU B 173 -19.53 14.91 -19.29
N SER B 174 -19.13 15.97 -19.97
CA SER B 174 -20.01 16.72 -20.86
C SER B 174 -19.65 16.55 -22.34
N LEU B 175 -19.10 15.41 -22.73
CA LEU B 175 -18.70 15.23 -24.12
C LEU B 175 -17.74 16.37 -24.46
N ARG B 176 -17.72 16.81 -25.72
CA ARG B 176 -16.96 18.00 -26.09
C ARG B 176 -17.81 19.23 -25.81
N GLY B 177 -17.32 20.11 -24.95
CA GLY B 177 -18.08 21.29 -24.59
C GLY B 177 -18.06 22.34 -25.67
N GLU B 178 -18.71 22.05 -26.79
CA GLU B 178 -18.71 22.94 -27.95
C GLU B 178 -20.10 23.02 -28.53
N SER B 179 -20.54 24.24 -28.82
CA SER B 179 -21.73 24.48 -29.63
C SER B 179 -21.71 25.92 -30.08
N ALA B 180 -21.76 26.13 -31.38
CA ALA B 180 -21.67 27.49 -31.92
C ALA B 180 -23.07 28.11 -31.99
N PRO B 181 -23.30 29.25 -31.36
CA PRO B 181 -24.61 29.88 -31.46
C PRO B 181 -24.86 30.49 -32.82
N THR B 182 -26.15 30.72 -33.12
CA THR B 182 -26.55 31.36 -34.36
C THR B 182 -27.60 32.41 -34.03
N THR B 183 -27.74 33.38 -34.94
CA THR B 183 -28.59 34.54 -34.69
C THR B 183 -29.53 34.76 -35.87
N ALA B 184 -30.78 35.09 -35.56
CA ALA B 184 -31.77 35.44 -36.56
C ALA B 184 -33.02 35.94 -35.85
N PHE B 185 -33.79 36.77 -36.55
CA PHE B 185 -35.07 37.28 -36.05
C PHE B 185 -34.85 38.12 -34.79
N GLY B 186 -33.59 38.53 -34.56
CA GLY B 186 -33.28 39.35 -33.40
C GLY B 186 -32.99 38.58 -32.14
N ALA B 187 -32.62 37.30 -32.24
CA ALA B 187 -32.28 36.50 -31.08
C ALA B 187 -31.15 35.56 -31.46
N ALA B 188 -30.44 35.08 -30.44
CA ALA B 188 -29.30 34.17 -30.62
C ALA B 188 -29.61 32.83 -30.00
N VAL B 189 -29.58 31.77 -30.82
CA VAL B 189 -29.79 30.42 -30.34
C VAL B 189 -28.47 29.85 -29.83
N VAL B 190 -28.55 29.00 -28.81
CA VAL B 190 -27.37 28.41 -28.20
C VAL B 190 -27.71 27.00 -27.73
N GLY B 191 -26.70 26.15 -27.72
CA GLY B 191 -26.83 24.81 -27.17
C GLY B 191 -25.86 24.59 -26.04
N GLY B 192 -26.32 23.92 -25.01
CA GLY B 192 -25.51 23.65 -23.84
C GLY B 192 -25.37 22.16 -23.59
N ASP B 193 -24.21 21.77 -23.06
CA ASP B 193 -23.90 20.37 -22.91
C ASP B 193 -25.00 19.62 -22.16
N ASN B 194 -25.65 20.26 -21.21
CA ASN B 194 -26.69 19.61 -20.42
C ASN B 194 -28.02 19.60 -21.16
N GLY B 195 -28.02 19.18 -22.43
CA GLY B 195 -29.26 19.04 -23.16
C GLY B 195 -30.09 20.29 -23.24
N ARG B 196 -29.48 21.46 -23.15
CA ARG B 196 -30.19 22.73 -23.07
C ARG B 196 -30.02 23.51 -24.36
N VAL B 197 -30.92 23.28 -25.32
CA VAL B 197 -31.05 24.18 -26.45
C VAL B 197 -31.83 25.41 -25.99
N SER B 198 -31.26 26.59 -26.24
CA SER B 198 -31.81 27.81 -25.68
C SER B 198 -31.56 28.98 -26.62
N ALA B 199 -32.32 30.05 -26.41
CA ALA B 199 -32.22 31.28 -27.18
C ALA B 199 -31.96 32.45 -26.24
N VAL B 200 -31.17 33.42 -26.72
CA VAL B 200 -30.81 34.59 -25.93
C VAL B 200 -31.08 35.83 -26.77
N LEU B 201 -31.41 36.93 -26.09
CA LEU B 201 -31.84 38.14 -26.78
C LEU B 201 -30.75 38.74 -27.67
N MET B 202 -29.49 38.34 -27.49
CA MET B 202 -28.37 38.96 -28.20
C MET B 202 -28.26 40.43 -27.78
N GLU B 203 -28.75 40.72 -26.58
CA GLU B 203 -28.67 42.04 -25.96
C GLU B 203 -28.87 41.89 -24.47
N GLN B 204 -27.98 42.51 -23.69
CA GLN B 204 -28.02 42.47 -22.23
C GLN B 204 -28.09 41.04 -21.70
N GLY B 205 -27.69 40.05 -22.49
CA GLY B 205 -27.69 38.67 -22.03
C GLY B 205 -29.05 38.16 -21.59
N GLN B 206 -30.13 38.67 -22.16
CA GLN B 206 -31.46 38.33 -21.67
C GLN B 206 -31.91 36.98 -22.19
N MET B 207 -32.34 36.11 -21.27
CA MET B 207 -32.84 34.79 -21.60
C MET B 207 -34.21 34.89 -22.25
N ILE B 208 -34.43 34.09 -23.30
CA ILE B 208 -35.72 34.05 -24.00
C ILE B 208 -36.49 32.81 -23.59
N TRP B 209 -35.93 31.63 -23.88
CA TRP B 209 -36.57 30.38 -23.50
C TRP B 209 -35.51 29.28 -23.43
N GLN B 210 -35.82 28.22 -22.66
CA GLN B 210 -34.93 27.06 -22.47
C GLN B 210 -35.76 25.79 -22.59
N GLN B 211 -35.85 25.26 -23.82
CA GLN B 211 -36.57 24.02 -24.08
C GLN B 211 -35.63 22.82 -23.91
N ARG B 212 -35.23 22.59 -22.66
CA ARG B 212 -34.28 21.52 -22.37
C ARG B 212 -34.81 20.18 -22.84
N ILE B 213 -33.91 19.36 -23.39
CA ILE B 213 -34.26 18.03 -23.91
C ILE B 213 -33.91 17.03 -22.82
N SER B 214 -34.90 16.73 -21.97
CA SER B 214 -34.74 15.70 -20.94
C SER B 214 -34.95 14.30 -21.48
N GLN B 215 -35.27 14.15 -22.76
CA GLN B 215 -35.64 12.87 -23.34
C GLN B 215 -34.49 11.87 -23.39
N ALA B 216 -33.28 12.28 -23.02
CA ALA B 216 -32.17 11.32 -22.99
C ALA B 216 -32.42 10.22 -21.96
N THR B 217 -32.82 10.61 -20.74
CA THR B 217 -33.18 9.65 -19.69
C THR B 217 -32.11 8.59 -19.51
N GLY B 218 -30.85 9.02 -19.48
CA GLY B 218 -29.74 8.09 -19.33
C GLY B 218 -29.52 7.65 -17.89
N SER B 219 -29.88 6.41 -17.59
CA SER B 219 -29.66 5.88 -16.25
C SER B 219 -28.18 5.84 -15.90
N THR B 220 -27.37 5.29 -16.81
CA THR B 220 -25.92 5.29 -16.63
C THR B 220 -25.33 6.57 -17.21
N GLU B 221 -24.20 6.99 -16.64
CA GLU B 221 -23.63 8.30 -16.97
C GLU B 221 -23.27 8.41 -18.44
N ILE B 222 -22.67 7.37 -19.02
CA ILE B 222 -22.29 7.45 -20.43
C ILE B 222 -23.53 7.55 -21.31
N ASP B 223 -24.59 6.80 -20.99
CA ASP B 223 -25.85 6.96 -21.69
C ASP B 223 -26.43 8.36 -21.45
N ARG B 224 -26.13 8.96 -20.31
CA ARG B 224 -26.50 10.35 -20.03
C ARG B 224 -25.47 11.34 -20.57
N LEU B 225 -24.68 10.93 -21.55
CA LEU B 225 -23.68 11.82 -22.11
C LEU B 225 -24.34 13.09 -22.65
N SER B 226 -23.68 14.22 -22.45
CA SER B 226 -24.22 15.51 -22.87
C SER B 226 -24.72 15.42 -24.31
N ASP B 227 -25.93 15.94 -24.54
CA ASP B 227 -26.64 15.67 -25.79
C ASP B 227 -26.16 16.59 -26.92
N VAL B 228 -26.38 17.89 -26.77
CA VAL B 228 -26.22 18.81 -27.89
C VAL B 228 -24.80 19.36 -27.94
N ASP B 229 -24.22 19.31 -29.13
CA ASP B 229 -22.95 19.97 -29.41
C ASP B 229 -22.95 20.67 -30.77
N THR B 230 -24.03 20.64 -31.51
CA THR B 230 -24.07 21.09 -32.90
C THR B 230 -24.52 22.54 -33.02
N THR B 231 -24.05 23.17 -34.09
CA THR B 231 -24.53 24.49 -34.51
C THR B 231 -25.99 24.40 -34.92
N PRO B 232 -26.93 24.98 -34.17
CA PRO B 232 -28.32 25.00 -34.63
C PRO B 232 -28.50 25.98 -35.79
N VAL B 233 -29.56 25.77 -36.55
CA VAL B 233 -29.89 26.61 -37.70
C VAL B 233 -31.36 27.00 -37.61
N VAL B 234 -31.72 28.05 -38.32
CA VAL B 234 -33.04 28.65 -38.22
C VAL B 234 -33.54 29.05 -39.61
N VAL B 235 -34.83 28.83 -39.85
CA VAL B 235 -35.52 29.38 -41.00
C VAL B 235 -37.01 29.46 -40.66
N ASN B 236 -37.66 30.52 -41.13
CA ASN B 236 -39.08 30.75 -40.85
C ASN B 236 -39.36 30.77 -39.36
N GLY B 237 -38.40 31.24 -38.57
CA GLY B 237 -38.56 31.25 -37.13
C GLY B 237 -38.64 29.89 -36.50
N VAL B 238 -38.10 28.87 -37.15
CA VAL B 238 -38.12 27.50 -36.65
C VAL B 238 -36.68 27.08 -36.37
N VAL B 239 -36.43 26.62 -35.16
CA VAL B 239 -35.10 26.19 -34.74
C VAL B 239 -34.97 24.70 -34.99
N PHE B 240 -33.77 24.28 -35.41
CA PHE B 240 -33.43 22.87 -35.56
C PHE B 240 -32.17 22.60 -34.76
N ALA B 241 -32.15 21.48 -34.04
CA ALA B 241 -31.04 21.16 -33.15
C ALA B 241 -30.80 19.65 -33.18
N LEU B 242 -29.67 19.26 -32.59
CA LEU B 242 -29.18 17.89 -32.63
C LEU B 242 -28.83 17.41 -31.24
N ALA B 243 -28.70 16.09 -31.10
CA ALA B 243 -28.36 15.47 -29.82
C ALA B 243 -27.43 14.29 -30.07
N TYR B 244 -26.26 14.30 -29.41
CA TYR B 244 -25.36 13.16 -29.50
C TYR B 244 -25.99 11.91 -28.88
N ASN B 245 -26.80 12.07 -27.85
CA ASN B 245 -27.55 10.96 -27.28
C ASN B 245 -28.82 11.54 -26.70
N GLY B 246 -29.94 11.35 -27.41
CA GLY B 246 -31.17 12.02 -27.07
C GLY B 246 -32.15 12.01 -28.22
N ASN B 247 -32.61 13.18 -28.66
CA ASN B 247 -33.64 13.28 -29.68
C ASN B 247 -33.44 14.53 -30.51
N LEU B 248 -33.30 14.36 -31.82
CA LEU B 248 -33.35 15.49 -32.74
C LEU B 248 -34.72 16.17 -32.64
N THR B 249 -34.73 17.49 -32.73
CA THR B 249 -35.97 18.24 -32.55
C THR B 249 -35.94 19.51 -33.37
N ALA B 250 -37.13 19.91 -33.83
CA ALA B 250 -37.35 21.19 -34.47
C ALA B 250 -38.24 22.04 -33.56
N LEU B 251 -37.83 23.27 -33.33
CA LEU B 251 -38.42 24.08 -32.26
C LEU B 251 -38.91 25.42 -32.81
N ASP B 252 -39.93 25.95 -32.15
CA ASP B 252 -40.30 27.34 -32.34
C ASP B 252 -39.18 28.25 -31.87
N LEU B 253 -39.02 29.40 -32.53
CA LEU B 253 -38.05 30.40 -32.12
C LEU B 253 -38.68 31.57 -31.38
N ARG B 254 -39.97 31.80 -31.55
CA ARG B 254 -40.67 32.77 -30.72
C ARG B 254 -40.79 32.25 -29.29
N SER B 255 -41.48 31.13 -29.13
CA SER B 255 -41.41 30.35 -27.90
C SER B 255 -40.46 29.17 -28.12
N GLY B 256 -40.18 28.44 -27.05
CA GLY B 256 -39.34 27.27 -27.14
C GLY B 256 -40.07 25.98 -27.47
N GLN B 257 -41.37 26.05 -27.70
CA GLN B 257 -42.19 24.84 -27.79
C GLN B 257 -41.78 23.97 -28.98
N ILE B 258 -42.12 22.69 -28.89
CA ILE B 258 -41.71 21.73 -29.91
C ILE B 258 -42.49 21.97 -31.19
N MET B 259 -41.76 22.00 -32.32
CA MET B 259 -42.38 21.86 -33.62
C MET B 259 -42.32 20.43 -34.12
N TRP B 260 -41.19 19.75 -33.89
CA TRP B 260 -41.07 18.33 -34.16
C TRP B 260 -39.97 17.74 -33.31
N LYS B 261 -40.01 16.42 -33.14
CA LYS B 261 -39.01 15.70 -32.36
C LYS B 261 -38.82 14.33 -32.99
N ARG B 262 -37.57 13.85 -32.97
CA ARG B 262 -37.21 12.61 -33.64
C ARG B 262 -36.33 11.78 -32.72
N GLU B 263 -36.32 10.47 -32.98
CA GLU B 263 -35.57 9.52 -32.17
C GLU B 263 -34.06 9.62 -32.35
N LEU B 264 -33.59 10.43 -33.29
CA LEU B 264 -32.18 10.40 -33.69
C LEU B 264 -31.29 10.91 -32.56
N GLY B 265 -30.43 10.03 -32.04
CA GLY B 265 -29.27 10.43 -31.28
C GLY B 265 -28.01 10.24 -32.09
N SER B 266 -26.88 10.16 -31.39
CA SER B 266 -25.58 9.88 -32.01
C SER B 266 -25.33 10.80 -33.21
N VAL B 267 -25.73 12.06 -33.10
CA VAL B 267 -25.64 13.00 -34.22
C VAL B 267 -25.04 14.31 -33.74
N ASN B 268 -24.14 14.87 -34.55
CA ASN B 268 -23.36 16.04 -34.14
C ASN B 268 -23.23 17.11 -35.21
N ASP B 269 -23.69 16.88 -36.44
CA ASP B 269 -23.53 17.87 -37.51
C ASP B 269 -24.66 17.71 -38.51
N PHE B 270 -25.02 18.81 -39.17
CA PHE B 270 -26.05 18.76 -40.21
C PHE B 270 -26.06 20.08 -40.96
N ILE B 271 -26.67 20.06 -42.16
CA ILE B 271 -26.86 21.23 -42.99
C ILE B 271 -28.27 21.13 -43.56
N VAL B 272 -28.85 22.27 -43.93
CA VAL B 272 -30.28 22.33 -44.26
C VAL B 272 -30.45 22.77 -45.71
N ASP B 273 -31.29 22.04 -46.43
CA ASP B 273 -31.92 22.52 -47.64
C ASP B 273 -33.27 23.14 -47.29
N GLY B 274 -33.86 23.86 -48.25
CA GLY B 274 -35.13 24.52 -48.03
C GLY B 274 -36.17 23.67 -47.30
N ASN B 275 -36.13 22.36 -47.52
CA ASN B 275 -37.01 21.44 -46.79
C ASN B 275 -36.33 20.16 -46.32
N ARG B 276 -35.11 19.85 -46.77
CA ARG B 276 -34.46 18.59 -46.44
C ARG B 276 -33.31 18.85 -45.49
N ILE B 277 -33.36 18.22 -44.31
CA ILE B 277 -32.19 18.14 -43.44
C ILE B 277 -31.21 17.13 -44.01
N TYR B 278 -29.93 17.48 -43.99
CA TYR B 278 -28.86 16.54 -44.33
C TYR B 278 -27.98 16.39 -43.10
N LEU B 279 -27.88 15.15 -42.61
CA LEU B 279 -27.48 14.89 -41.24
C LEU B 279 -26.46 13.76 -41.20
N VAL B 280 -25.57 13.81 -40.21
CA VAL B 280 -24.50 12.83 -40.05
C VAL B 280 -24.58 12.23 -38.65
N ASP B 281 -24.74 10.91 -38.59
CA ASP B 281 -24.70 10.17 -37.34
C ASP B 281 -23.25 9.93 -36.91
N GLN B 282 -23.06 9.75 -35.60
CA GLN B 282 -21.75 9.35 -35.09
C GLN B 282 -21.49 7.87 -35.33
N ASN B 283 -22.53 7.10 -35.61
CA ASN B 283 -22.36 5.84 -36.33
C ASN B 283 -22.00 6.07 -37.80
N ASP B 284 -21.87 7.33 -38.21
CA ASP B 284 -21.50 7.72 -39.56
C ASP B 284 -22.55 7.30 -40.58
N ARG B 285 -23.76 7.02 -40.12
CA ARG B 285 -24.90 6.92 -41.03
C ARG B 285 -25.23 8.31 -41.55
N VAL B 286 -25.53 8.38 -42.85
CA VAL B 286 -25.88 9.64 -43.50
C VAL B 286 -27.28 9.50 -44.07
N MET B 287 -28.13 10.48 -43.79
CA MET B 287 -29.54 10.40 -44.14
C MET B 287 -30.07 11.80 -44.43
N ALA B 288 -31.13 11.86 -45.24
CA ALA B 288 -31.81 13.10 -45.57
C ALA B 288 -33.19 13.08 -44.93
N LEU B 289 -33.51 14.12 -44.17
CA LEU B 289 -34.74 14.16 -43.38
C LEU B 289 -35.51 15.43 -43.69
N THR B 290 -36.82 15.29 -43.82
CA THR B 290 -37.68 16.46 -44.02
C THR B 290 -37.82 17.25 -42.72
N ILE B 291 -37.75 18.57 -42.82
CA ILE B 291 -37.95 19.39 -41.63
C ILE B 291 -39.31 19.13 -41.02
N ASP B 292 -40.34 18.99 -41.85
CA ASP B 292 -41.67 18.69 -41.36
C ASP B 292 -41.84 17.17 -41.22
N GLY B 293 -42.18 16.73 -40.01
CA GLY B 293 -42.47 15.34 -39.76
C GLY B 293 -41.26 14.45 -39.54
N GLY B 294 -40.05 14.94 -39.78
CA GLY B 294 -38.86 14.13 -39.60
C GLY B 294 -38.92 12.85 -40.39
N VAL B 295 -39.19 12.96 -41.69
CA VAL B 295 -39.35 11.80 -42.56
C VAL B 295 -38.14 11.73 -43.47
N THR B 296 -37.76 10.50 -43.82
CA THR B 296 -36.49 10.22 -44.49
C THR B 296 -36.69 10.22 -46.00
N LEU B 297 -35.97 11.10 -46.68
CA LEU B 297 -35.88 11.03 -48.14
C LEU B 297 -35.00 9.87 -48.58
N TRP B 298 -33.86 9.69 -47.90
CA TRP B 298 -32.93 8.62 -48.22
C TRP B 298 -31.96 8.44 -47.05
N THR B 299 -31.44 7.23 -46.93
CA THR B 299 -30.46 6.92 -45.90
C THR B 299 -29.51 5.84 -46.41
N GLN B 300 -28.23 5.99 -46.05
CA GLN B 300 -27.23 4.97 -46.29
C GLN B 300 -26.19 5.05 -45.19
N SER B 301 -25.54 3.92 -44.91
CA SER B 301 -24.61 3.81 -43.79
C SER B 301 -23.33 3.07 -44.19
N ASP B 302 -22.95 3.10 -45.47
CA ASP B 302 -21.78 2.36 -45.92
C ASP B 302 -20.50 2.84 -45.24
N LEU B 303 -20.46 4.09 -44.78
CA LEU B 303 -19.31 4.63 -44.07
C LEU B 303 -19.45 4.50 -42.56
N LEU B 304 -20.16 3.49 -42.09
CA LEU B 304 -20.43 3.34 -40.66
C LEU B 304 -19.13 3.33 -39.85
N HIS B 305 -19.13 4.08 -38.76
CA HIS B 305 -18.00 4.20 -37.83
C HIS B 305 -16.73 4.70 -38.52
N ARG B 306 -16.87 5.55 -39.54
CA ARG B 306 -15.71 6.14 -40.20
C ARG B 306 -15.32 7.50 -39.64
N LEU B 307 -16.00 7.99 -38.59
CA LEU B 307 -15.71 9.31 -38.04
C LEU B 307 -15.88 10.39 -39.11
N LEU B 308 -17.11 10.52 -39.61
CA LEU B 308 -17.38 11.46 -40.68
C LEU B 308 -17.22 12.90 -40.23
N THR B 309 -16.88 13.76 -41.19
CA THR B 309 -16.90 15.19 -40.98
C THR B 309 -18.35 15.68 -40.97
N SER B 310 -18.52 16.97 -40.71
CA SER B 310 -19.82 17.58 -40.92
C SER B 310 -20.12 17.59 -42.42
N PRO B 311 -21.38 17.37 -42.82
CA PRO B 311 -21.71 17.44 -44.24
C PRO B 311 -22.02 18.85 -44.69
N VAL B 312 -21.66 19.14 -45.94
CA VAL B 312 -21.96 20.43 -46.56
C VAL B 312 -22.46 20.17 -47.98
N LEU B 313 -23.19 21.14 -48.51
CA LEU B 313 -23.77 21.04 -49.84
C LEU B 313 -22.92 21.86 -50.81
N TYR B 314 -22.39 21.20 -51.84
CA TYR B 314 -21.45 21.84 -52.75
C TYR B 314 -21.65 21.29 -54.15
N ASN B 315 -21.76 22.20 -55.12
CA ASN B 315 -21.90 21.85 -56.53
C ASN B 315 -23.00 20.81 -56.73
N GLY B 316 -24.14 21.02 -56.07
CA GLY B 316 -25.27 20.14 -56.25
C GLY B 316 -25.11 18.77 -55.65
N ASN B 317 -24.14 18.58 -54.76
CA ASN B 317 -23.90 17.29 -54.11
C ASN B 317 -23.69 17.51 -52.62
N LEU B 318 -24.09 16.50 -51.84
CA LEU B 318 -23.67 16.44 -50.44
C LEU B 318 -22.27 15.85 -50.39
N VAL B 319 -21.40 16.49 -49.61
CA VAL B 319 -19.99 16.11 -49.56
C VAL B 319 -19.58 16.00 -48.10
N VAL B 320 -18.85 14.93 -47.79
CA VAL B 320 -18.46 14.64 -46.41
C VAL B 320 -17.14 13.87 -46.44
N GLY B 321 -16.29 14.16 -45.45
CA GLY B 321 -15.03 13.46 -45.27
C GLY B 321 -15.11 12.44 -44.15
N ASP B 322 -13.95 11.92 -43.79
CA ASP B 322 -13.84 10.92 -42.73
C ASP B 322 -12.45 11.02 -42.11
N SER B 323 -12.30 10.40 -40.94
CA SER B 323 -11.03 10.41 -40.22
C SER B 323 -10.00 9.47 -40.83
N GLU B 324 -10.34 8.74 -41.89
CA GLU B 324 -9.40 7.83 -42.52
C GLU B 324 -8.55 8.52 -43.57
N GLY B 325 -9.11 9.49 -44.29
CA GLY B 325 -8.36 10.21 -45.29
C GLY B 325 -9.06 10.30 -46.63
N TYR B 326 -10.35 9.95 -46.66
CA TYR B 326 -11.11 9.87 -47.91
C TYR B 326 -12.22 10.90 -47.91
N LEU B 327 -12.63 11.29 -49.11
CA LEU B 327 -13.64 12.31 -49.33
C LEU B 327 -14.69 11.76 -50.28
N HIS B 328 -15.96 11.98 -49.94
CA HIS B 328 -17.07 11.32 -50.64
C HIS B 328 -18.13 12.34 -51.01
N TRP B 329 -18.72 12.16 -52.19
CA TRP B 329 -19.87 12.94 -52.63
C TRP B 329 -21.10 12.05 -52.64
N ILE B 330 -22.19 12.53 -52.06
CA ILE B 330 -23.46 11.83 -52.02
C ILE B 330 -24.49 12.63 -52.81
N ASN B 331 -25.33 11.93 -53.56
CA ASN B 331 -26.36 12.60 -54.35
C ASN B 331 -27.38 13.26 -53.43
N VAL B 332 -27.89 14.40 -53.87
CA VAL B 332 -28.78 15.19 -53.01
C VAL B 332 -30.07 14.44 -52.72
N GLU B 333 -30.67 13.80 -53.73
CA GLU B 333 -31.95 13.12 -53.55
C GLU B 333 -31.93 11.65 -53.95
N ASP B 334 -30.97 11.19 -54.75
CA ASP B 334 -30.89 9.76 -55.05
C ASP B 334 -30.30 8.96 -53.89
N GLY B 335 -29.59 9.62 -52.97
CA GLY B 335 -29.06 8.93 -51.80
C GLY B 335 -28.06 7.84 -52.11
N ARG B 336 -27.13 8.11 -53.03
CA ARG B 336 -26.07 7.16 -53.34
C ARG B 336 -24.79 7.95 -53.64
N PHE B 337 -23.65 7.26 -53.50
CA PHE B 337 -22.36 7.90 -53.72
C PHE B 337 -22.25 8.41 -55.15
N VAL B 338 -21.93 9.70 -55.30
CA VAL B 338 -21.67 10.25 -56.62
C VAL B 338 -20.21 10.07 -57.00
N ALA B 339 -19.31 10.23 -56.03
CA ALA B 339 -17.88 10.05 -56.27
C ALA B 339 -17.19 9.81 -54.95
N GLN B 340 -15.97 9.28 -55.02
CA GLN B 340 -15.17 8.99 -53.85
C GLN B 340 -13.71 9.28 -54.15
N GLN B 341 -12.99 9.80 -53.16
CA GLN B 341 -11.62 10.26 -53.35
C GLN B 341 -10.83 10.08 -52.07
N LYS B 342 -9.51 9.95 -52.24
CA LYS B 342 -8.54 9.99 -51.14
C LYS B 342 -7.67 11.21 -51.34
N VAL B 343 -7.48 11.99 -50.27
CA VAL B 343 -6.74 13.24 -50.37
C VAL B 343 -5.67 13.32 -49.28
N ASP B 344 -5.78 12.48 -48.25
CA ASP B 344 -4.87 12.53 -47.12
C ASP B 344 -4.65 11.13 -46.56
N SER B 345 -3.48 10.95 -45.93
CA SER B 345 -3.14 9.70 -45.28
C SER B 345 -3.15 9.79 -43.76
N SER B 346 -3.12 11.01 -43.20
CA SER B 346 -2.98 11.20 -41.76
C SER B 346 -4.31 11.33 -41.04
N GLY B 347 -5.10 12.35 -41.38
CA GLY B 347 -6.36 12.59 -40.69
C GLY B 347 -7.10 13.80 -41.23
N PHE B 348 -8.43 13.70 -41.29
CA PHE B 348 -9.27 14.66 -42.01
C PHE B 348 -10.56 14.93 -41.22
N GLN B 349 -10.42 15.22 -39.93
CA GLN B 349 -11.56 15.20 -39.01
C GLN B 349 -12.40 16.48 -39.09
N THR B 350 -11.76 17.65 -39.02
CA THR B 350 -12.52 18.91 -38.97
C THR B 350 -13.39 19.06 -40.21
N GLU B 351 -14.46 19.84 -40.07
CA GLU B 351 -15.52 19.88 -41.08
C GLU B 351 -15.08 20.68 -42.31
N PRO B 352 -15.61 20.36 -43.49
CA PRO B 352 -15.37 21.21 -44.66
C PRO B 352 -16.16 22.51 -44.58
N VAL B 353 -15.79 23.46 -45.44
CA VAL B 353 -16.51 24.72 -45.59
C VAL B 353 -16.72 24.96 -47.08
N ALA B 354 -17.95 25.29 -47.47
CA ALA B 354 -18.30 25.57 -48.85
C ALA B 354 -18.82 27.01 -48.95
N ALA B 355 -18.11 27.84 -49.69
CA ALA B 355 -18.51 29.22 -49.85
C ALA B 355 -17.78 29.82 -51.05
N ASP B 356 -18.38 30.86 -51.62
CA ASP B 356 -17.78 31.60 -52.75
C ASP B 356 -17.43 30.66 -53.90
N GLY B 357 -18.16 29.55 -54.03
CA GLY B 357 -17.88 28.58 -55.06
C GLY B 357 -16.74 27.64 -54.76
N LYS B 358 -16.04 27.82 -53.64
CA LYS B 358 -14.93 26.96 -53.27
C LYS B 358 -15.39 25.91 -52.26
N LEU B 359 -14.66 24.80 -52.22
CA LEU B 359 -14.76 23.82 -51.15
C LEU B 359 -13.38 23.73 -50.50
N LEU B 360 -13.31 23.98 -49.20
CA LEU B 360 -12.06 23.98 -48.46
C LEU B 360 -12.12 22.99 -47.31
N ILE B 361 -10.95 22.46 -46.96
CA ILE B 361 -10.83 21.46 -45.91
C ILE B 361 -9.44 21.61 -45.28
N GLN B 362 -9.37 21.28 -43.99
CA GLN B 362 -8.09 21.28 -43.29
C GLN B 362 -7.88 19.92 -42.67
N ALA B 363 -6.71 19.34 -42.91
CA ALA B 363 -6.42 18.01 -42.43
C ALA B 363 -6.15 18.01 -40.94
N LYS B 364 -6.22 16.82 -40.35
CA LYS B 364 -5.77 16.63 -38.98
C LYS B 364 -4.27 16.81 -38.86
N ASP B 365 -3.56 16.89 -40.00
CA ASP B 365 -2.11 17.01 -39.99
C ASP B 365 -1.64 18.32 -40.64
N GLY B 366 -2.42 19.39 -40.48
CA GLY B 366 -1.92 20.74 -40.70
C GLY B 366 -1.98 21.28 -42.11
N THR B 367 -2.48 20.52 -43.08
CA THR B 367 -2.47 20.94 -44.47
C THR B 367 -3.89 21.20 -44.98
N VAL B 368 -4.05 22.30 -45.70
CA VAL B 368 -5.33 22.67 -46.29
C VAL B 368 -5.39 22.16 -47.73
N TYR B 369 -6.61 21.90 -48.21
CA TYR B 369 -6.82 21.55 -49.61
C TYR B 369 -8.01 22.34 -50.15
N SER B 370 -7.91 22.79 -51.39
CA SER B 370 -9.03 23.36 -52.12
C SER B 370 -9.49 22.33 -53.15
N ILE B 371 -10.78 22.00 -53.11
CA ILE B 371 -11.32 20.87 -53.88
C ILE B 371 -12.35 21.40 -54.86
N THR B 372 -12.48 20.69 -55.98
CA THR B 372 -13.46 21.03 -57.00
C THR B 372 -13.93 19.75 -57.69
N ARG B 373 -15.16 19.81 -58.21
CA ARG B 373 -15.73 18.70 -58.96
C ARG B 373 -16.74 19.21 -59.98
N CYS C 1 -1.57 -35.30 2.85
CA CYS C 1 -2.34 -35.65 4.04
C CYS C 1 -1.98 -37.05 4.48
N SER C 2 -1.76 -37.22 5.79
CA SER C 2 -1.52 -38.53 6.38
C SER C 2 -1.97 -38.49 7.83
N SER C 3 -2.68 -39.53 8.25
CA SER C 3 -3.22 -39.60 9.59
C SER C 3 -3.68 -41.03 9.86
N ASP C 4 -4.06 -41.28 11.12
CA ASP C 4 -4.57 -42.59 11.54
C ASP C 4 -6.07 -42.78 11.22
N SER C 5 -6.71 -41.79 10.60
CA SER C 5 -8.10 -41.90 10.13
C SER C 5 -9.11 -41.80 11.27
N ARG C 6 -8.68 -41.33 12.44
CA ARG C 6 -9.56 -41.20 13.60
C ARG C 6 -9.37 -39.79 14.16
N TYR C 7 -9.84 -39.58 15.40
CA TYR C 7 -9.97 -38.24 16.00
C TYR C 7 -10.77 -37.33 15.07
N LYS C 8 -11.91 -37.84 14.61
CA LYS C 8 -12.80 -37.10 13.72
C LYS C 8 -13.47 -35.92 14.41
N ARG C 9 -13.23 -35.73 15.71
CA ARG C 9 -13.89 -34.67 16.48
C ARG C 9 -12.92 -33.70 17.14
N GLN C 10 -11.78 -34.19 17.62
CA GLN C 10 -10.91 -33.36 18.45
C GLN C 10 -10.09 -32.39 17.61
N VAL C 11 -9.55 -31.37 18.29
CA VAL C 11 -8.67 -30.41 17.63
C VAL C 11 -7.28 -31.01 17.46
N SER C 12 -6.52 -30.43 16.54
CA SER C 12 -5.14 -30.86 16.34
C SER C 12 -4.29 -30.66 17.58
N GLY C 13 -4.67 -29.72 18.44
CA GLY C 13 -3.90 -29.37 19.62
C GLY C 13 -4.30 -30.13 20.86
N ASP C 14 -4.00 -29.54 22.01
CA ASP C 14 -4.21 -30.18 23.30
C ASP C 14 -5.65 -29.97 23.76
N GLU C 15 -6.37 -31.08 23.97
CA GLU C 15 -7.69 -31.03 24.59
C GLU C 15 -7.56 -31.15 26.11
N ALA C 16 -6.79 -30.26 26.72
CA ALA C 16 -6.54 -30.33 28.16
C ALA C 16 -7.73 -29.90 29.00
N TYR C 17 -8.72 -29.23 28.41
CA TYR C 17 -9.88 -28.77 29.17
C TYR C 17 -10.59 -29.91 29.86
N LEU C 18 -10.42 -31.14 29.39
CA LEU C 18 -11.09 -32.28 29.99
C LEU C 18 -10.71 -32.48 31.45
N GLU C 19 -9.57 -31.95 31.88
CA GLU C 19 -9.06 -32.16 33.22
C GLU C 19 -8.17 -30.98 33.60
N ALA C 20 -7.77 -30.94 34.87
CA ALA C 20 -6.92 -29.86 35.39
C ALA C 20 -7.55 -28.49 35.16
N ALA C 21 -8.81 -28.33 35.57
CA ALA C 21 -9.49 -27.04 35.51
C ALA C 21 -10.58 -26.98 36.58
N PRO C 22 -10.19 -27.04 37.85
CA PRO C 22 -11.19 -26.82 38.92
C PRO C 22 -11.32 -25.34 39.23
N LEU C 23 -12.57 -24.88 39.32
CA LEU C 23 -12.87 -23.47 39.55
C LEU C 23 -12.82 -23.18 41.05
N ALA C 24 -11.59 -23.11 41.57
CA ALA C 24 -11.39 -22.74 42.97
C ALA C 24 -12.01 -21.39 43.22
N GLU C 25 -12.81 -21.29 44.29
CA GLU C 25 -13.50 -20.06 44.60
C GLU C 25 -12.64 -19.17 45.49
N LEU C 26 -13.06 -17.92 45.62
CA LEU C 26 -12.37 -16.93 46.44
C LEU C 26 -13.34 -16.38 47.48
N HIS C 27 -12.83 -16.19 48.70
CA HIS C 27 -13.67 -15.84 49.84
C HIS C 27 -13.22 -14.52 50.42
N ALA C 28 -14.19 -13.70 50.84
CA ALA C 28 -13.92 -12.35 51.31
C ALA C 28 -13.69 -12.36 52.81
N PRO C 29 -12.57 -11.83 53.31
CA PRO C 29 -12.39 -11.74 54.75
C PRO C 29 -13.35 -10.73 55.36
N ALA C 30 -13.69 -10.95 56.62
CA ALA C 30 -14.58 -10.02 57.31
C ALA C 30 -14.01 -8.62 57.33
N GLY C 31 -14.84 -7.63 56.99
CA GLY C 31 -14.46 -6.24 57.01
C GLY C 31 -14.02 -5.68 55.68
N MET C 32 -13.75 -6.53 54.69
CA MET C 32 -13.44 -6.10 53.34
C MET C 32 -14.49 -6.62 52.37
N ILE C 33 -14.80 -5.79 51.37
CA ILE C 33 -15.70 -6.14 50.29
C ILE C 33 -14.85 -6.29 49.03
N LEU C 34 -14.91 -7.48 48.42
CA LEU C 34 -14.16 -7.70 47.19
C LEU C 34 -14.86 -7.03 46.01
N PRO C 35 -14.14 -6.77 44.92
CA PRO C 35 -14.77 -6.14 43.75
C PRO C 35 -15.79 -7.06 43.10
N VAL C 36 -16.77 -6.45 42.44
CA VAL C 36 -17.88 -7.20 41.88
C VAL C 36 -17.43 -8.03 40.68
N THR C 37 -18.20 -9.08 40.39
CA THR C 37 -17.84 -10.03 39.33
C THR C 37 -17.88 -9.42 37.95
N SER C 38 -18.63 -8.34 37.75
CA SER C 38 -18.61 -7.55 36.51
C SER C 38 -18.95 -8.39 35.27
N GLY C 39 -20.17 -8.93 35.28
CA GLY C 39 -20.84 -9.24 34.02
C GLY C 39 -20.48 -10.59 33.42
N ASP C 40 -20.04 -10.56 32.17
CA ASP C 40 -20.11 -11.73 31.30
C ASP C 40 -19.32 -12.93 31.83
N TYR C 41 -18.13 -12.68 32.40
CA TYR C 41 -17.21 -13.77 32.71
C TYR C 41 -17.61 -14.60 33.92
N ALA C 42 -18.86 -14.47 34.37
CA ALA C 42 -19.43 -15.46 35.28
C ALA C 42 -19.92 -16.67 34.48
N ILE C 43 -19.88 -17.84 35.11
CA ILE C 43 -20.38 -19.07 34.49
C ILE C 43 -21.66 -19.48 35.22
N PRO C 44 -22.77 -19.66 34.50
CA PRO C 44 -24.02 -20.05 35.18
C PRO C 44 -24.02 -21.53 35.54
N VAL C 45 -25.06 -21.92 36.28
CA VAL C 45 -25.27 -23.30 36.68
C VAL C 45 -25.39 -24.17 35.43
N THR C 46 -25.04 -25.45 35.56
CA THR C 46 -25.05 -26.37 34.43
C THR C 46 -25.63 -27.71 34.88
N ASN C 47 -26.19 -28.43 33.91
CA ASN C 47 -26.87 -29.69 34.22
C ASN C 47 -25.89 -30.72 34.78
N GLY C 48 -24.72 -30.87 34.15
CA GLY C 48 -23.73 -31.83 34.58
C GLY C 48 -23.93 -33.24 34.08
N SER C 49 -25.02 -33.52 33.38
CA SER C 49 -25.29 -34.86 32.87
C SER C 49 -24.75 -35.08 31.46
N GLY C 50 -24.59 -34.03 30.67
CA GLY C 50 -24.13 -34.19 29.31
C GLY C 50 -22.73 -34.77 29.25
N ALA C 51 -22.47 -35.57 28.22
CA ALA C 51 -21.16 -36.17 28.03
C ALA C 51 -20.13 -35.09 27.72
N VAL C 52 -18.86 -35.48 27.79
CA VAL C 52 -17.75 -34.57 27.56
C VAL C 52 -17.09 -34.97 26.24
N GLY C 53 -16.18 -34.12 25.77
CA GLY C 53 -15.71 -34.18 24.39
C GLY C 53 -14.99 -35.45 23.99
N LYS C 54 -14.42 -36.21 24.92
CA LYS C 54 -13.77 -37.46 24.52
C LYS C 54 -14.76 -38.49 23.99
N ALA C 55 -16.04 -38.35 24.32
CA ALA C 55 -17.05 -39.28 23.85
C ALA C 55 -18.20 -38.55 23.17
N LEU C 56 -18.46 -37.32 23.59
CA LEU C 56 -19.58 -36.57 23.04
C LEU C 56 -19.39 -36.33 21.54
N ASP C 57 -20.50 -36.36 20.80
CA ASP C 57 -20.48 -36.24 19.35
C ASP C 57 -20.72 -34.79 18.94
N ILE C 58 -19.94 -34.32 17.98
CA ILE C 58 -20.02 -32.95 17.49
C ILE C 58 -20.49 -32.90 16.04
N ARG C 59 -20.97 -34.01 15.50
CA ARG C 59 -21.58 -33.99 14.17
C ARG C 59 -22.88 -33.19 14.24
N PRO C 60 -23.29 -32.55 13.14
CA PRO C 60 -24.52 -31.76 13.16
C PRO C 60 -25.73 -32.65 13.37
N PRO C 61 -26.79 -32.14 14.00
CA PRO C 61 -27.97 -32.98 14.24
C PRO C 61 -28.65 -33.41 12.95
N ALA C 62 -29.45 -34.46 13.06
CA ALA C 62 -30.18 -35.02 11.92
C ALA C 62 -31.44 -34.19 11.62
N GLN C 63 -31.21 -33.02 11.06
CA GLN C 63 -32.31 -32.13 10.70
C GLN C 63 -33.20 -32.80 9.65
N PRO C 64 -34.52 -32.62 9.73
CA PRO C 64 -35.39 -33.14 8.66
C PRO C 64 -35.08 -32.47 7.33
N LEU C 65 -35.58 -33.09 6.26
CA LEU C 65 -35.23 -32.68 4.90
C LEU C 65 -36.47 -32.74 4.01
N ALA C 66 -36.41 -31.96 2.93
CA ALA C 66 -37.46 -31.97 1.92
C ALA C 66 -36.93 -31.28 0.66
N LEU C 67 -37.58 -31.57 -0.46
CA LEU C 67 -37.23 -30.93 -1.73
C LEU C 67 -38.28 -31.23 -2.79
N GLU D 7 -15.05 -29.87 -10.33
CA GLU D 7 -14.82 -31.11 -9.54
C GLU D 7 -16.00 -32.06 -9.63
N VAL D 8 -17.16 -31.62 -9.17
CA VAL D 8 -18.37 -32.43 -9.12
C VAL D 8 -19.33 -31.93 -10.20
N PRO D 9 -19.86 -32.81 -11.05
CA PRO D 9 -20.83 -32.37 -12.05
C PRO D 9 -22.20 -32.13 -11.43
N ASP D 10 -23.15 -31.77 -12.30
CA ASP D 10 -24.50 -31.43 -11.86
C ASP D 10 -25.37 -32.68 -11.68
N ASN D 11 -24.94 -33.52 -10.75
CA ASN D 11 -25.76 -34.65 -10.35
C ASN D 11 -26.93 -34.14 -9.50
N PRO D 12 -27.99 -34.94 -9.38
CA PRO D 12 -29.14 -34.51 -8.57
C PRO D 12 -28.73 -34.20 -7.15
N PRO D 13 -29.36 -33.19 -6.52
CA PRO D 13 -28.93 -32.81 -5.16
C PRO D 13 -28.98 -33.96 -4.17
N ASN D 14 -29.95 -34.86 -4.29
CA ASN D 14 -30.08 -35.94 -3.32
C ASN D 14 -28.89 -36.90 -3.38
N GLU D 15 -28.49 -37.29 -4.60
CA GLU D 15 -27.33 -38.17 -4.74
C GLU D 15 -26.07 -37.48 -4.22
N ILE D 16 -25.89 -36.20 -4.55
CA ILE D 16 -24.72 -35.47 -4.07
C ILE D 16 -24.70 -35.46 -2.55
N TYR D 17 -25.85 -35.19 -1.92
CA TYR D 17 -25.89 -35.15 -0.47
C TYR D 17 -25.62 -36.52 0.13
N ALA D 18 -26.19 -37.57 -0.44
CA ALA D 18 -25.96 -38.91 0.10
C ALA D 18 -24.49 -39.28 0.03
N THR D 19 -23.86 -39.06 -1.13
CA THR D 19 -22.45 -39.40 -1.29
C THR D 19 -21.57 -38.51 -0.41
N ALA D 20 -21.95 -37.24 -0.22
CA ALA D 20 -21.18 -36.36 0.65
C ALA D 20 -21.28 -36.81 2.11
N GLN D 21 -22.47 -37.24 2.54
CA GLN D 21 -22.61 -37.79 3.88
C GLN D 21 -21.74 -39.03 4.05
N GLN D 22 -21.75 -39.90 3.04
CA GLN D 22 -20.86 -41.06 3.07
C GLN D 22 -19.41 -40.63 3.23
N LYS D 23 -18.99 -39.64 2.43
CA LYS D 23 -17.61 -39.17 2.50
C LYS D 23 -17.28 -38.58 3.86
N LEU D 24 -18.24 -37.88 4.47
CA LEU D 24 -18.06 -37.41 5.84
C LEU D 24 -17.82 -38.59 6.78
N GLN D 25 -18.61 -39.65 6.62
CA GLN D 25 -18.42 -40.82 7.47
C GLN D 25 -17.10 -41.52 7.17
N ASP D 26 -16.63 -41.45 5.93
CA ASP D 26 -15.32 -42.00 5.60
C ASP D 26 -14.18 -41.08 6.05
N GLY D 27 -14.50 -39.88 6.52
CA GLY D 27 -13.47 -38.95 6.93
C GLY D 27 -12.72 -38.31 5.79
N ASN D 28 -13.23 -38.38 4.56
CA ASN D 28 -12.63 -37.72 3.41
C ASN D 28 -12.97 -36.23 3.43
N TRP D 29 -12.31 -35.52 4.35
CA TRP D 29 -12.71 -34.16 4.69
C TRP D 29 -12.58 -33.21 3.49
N ARG D 30 -11.48 -33.32 2.74
CA ARG D 30 -11.29 -32.39 1.63
C ARG D 30 -12.35 -32.57 0.54
N GLN D 31 -12.51 -33.81 0.07
CA GLN D 31 -13.49 -34.06 -0.98
C GLN D 31 -14.90 -33.85 -0.46
N ALA D 32 -15.13 -34.15 0.81
CA ALA D 32 -16.41 -33.82 1.42
C ALA D 32 -16.67 -32.32 1.33
N ILE D 33 -15.68 -31.51 1.64
CA ILE D 33 -15.87 -30.06 1.60
C ILE D 33 -16.17 -29.62 0.17
N THR D 34 -15.41 -30.14 -0.78
CA THR D 34 -15.68 -29.78 -2.18
C THR D 34 -17.10 -30.15 -2.58
N GLN D 35 -17.56 -31.35 -2.20
CA GLN D 35 -18.87 -31.79 -2.64
C GLN D 35 -19.98 -30.96 -2.00
N LEU D 36 -19.90 -30.69 -0.69
CA LEU D 36 -20.92 -29.83 -0.08
C LEU D 36 -20.85 -28.40 -0.62
N GLU D 37 -19.64 -27.90 -0.94
CA GLU D 37 -19.55 -26.57 -1.51
C GLU D 37 -20.23 -26.52 -2.87
N ALA D 38 -20.01 -27.54 -3.71
CA ALA D 38 -20.69 -27.59 -5.01
C ALA D 38 -22.20 -27.69 -4.82
N LEU D 39 -22.64 -28.50 -3.87
CA LEU D 39 -24.08 -28.65 -3.62
C LEU D 39 -24.68 -27.31 -3.20
N ASP D 40 -24.00 -26.59 -2.31
CA ASP D 40 -24.47 -25.28 -1.89
C ASP D 40 -24.51 -24.30 -3.06
N ASN D 41 -23.46 -24.30 -3.89
CA ASN D 41 -23.41 -23.36 -5.01
C ASN D 41 -24.54 -23.62 -5.99
N ARG D 42 -24.76 -24.88 -6.37
CA ARG D 42 -25.77 -25.18 -7.38
C ARG D 42 -27.19 -25.09 -6.81
N TYR D 43 -27.37 -25.50 -5.55
CA TYR D 43 -28.70 -25.60 -4.95
C TYR D 43 -28.76 -24.93 -3.58
N PRO D 44 -28.53 -23.62 -3.52
CA PRO D 44 -28.67 -22.91 -2.24
C PRO D 44 -30.11 -22.55 -1.91
N PHE D 45 -31.01 -22.59 -2.90
CA PHE D 45 -32.38 -22.15 -2.68
C PHE D 45 -33.22 -23.21 -1.98
N GLY D 46 -32.95 -24.49 -2.27
CA GLY D 46 -33.80 -25.56 -1.78
C GLY D 46 -33.68 -25.76 -0.29
N PRO D 47 -34.61 -26.55 0.29
CA PRO D 47 -34.56 -26.77 1.74
C PRO D 47 -33.30 -27.46 2.21
N TYR D 48 -32.55 -28.11 1.32
CA TYR D 48 -31.29 -28.73 1.71
C TYR D 48 -30.26 -27.70 2.18
N SER D 49 -30.48 -26.41 1.88
CA SER D 49 -29.49 -25.39 2.19
C SER D 49 -29.07 -25.44 3.66
N GLN D 50 -30.05 -25.44 4.57
CA GLN D 50 -29.73 -25.41 5.99
C GLN D 50 -28.90 -26.62 6.39
N GLN D 51 -29.35 -27.82 6.00
CA GLN D 51 -28.61 -29.03 6.34
C GLN D 51 -27.23 -29.01 5.69
N VAL D 52 -27.16 -28.58 4.43
CA VAL D 52 -25.87 -28.42 3.77
C VAL D 52 -25.01 -27.41 4.51
N GLN D 53 -25.63 -26.34 5.03
CA GLN D 53 -24.87 -25.36 5.79
C GLN D 53 -24.27 -25.98 7.05
N LEU D 54 -25.05 -26.78 7.77
CA LEU D 54 -24.53 -27.44 8.97
C LEU D 54 -23.41 -28.40 8.62
N ASP D 55 -23.58 -29.18 7.55
CA ASP D 55 -22.54 -30.12 7.15
C ASP D 55 -21.28 -29.38 6.75
N LEU D 56 -21.41 -28.27 6.03
CA LEU D 56 -20.27 -27.44 5.68
C LEU D 56 -19.58 -26.91 6.94
N ILE D 57 -20.37 -26.48 7.93
CA ILE D 57 -19.81 -25.98 9.18
C ILE D 57 -18.93 -27.05 9.82
N TYR D 58 -19.49 -28.25 9.98
CA TYR D 58 -18.75 -29.32 10.63
C TYR D 58 -17.50 -29.67 9.83
N ALA D 59 -17.63 -29.79 8.51
CA ALA D 59 -16.49 -30.18 7.68
C ALA D 59 -15.38 -29.13 7.74
N TYR D 60 -15.75 -27.85 7.65
CA TYR D 60 -14.76 -26.79 7.78
C TYR D 60 -14.04 -26.88 9.12
N TYR D 61 -14.79 -27.07 10.20
CA TYR D 61 -14.14 -27.14 11.52
C TYR D 61 -13.17 -28.32 11.57
N LYS D 62 -13.63 -29.51 11.19
CA LYS D 62 -12.78 -30.68 11.30
C LYS D 62 -11.66 -30.66 10.27
N ASN D 63 -11.92 -30.17 9.06
CA ASN D 63 -10.88 -30.06 8.05
C ASN D 63 -9.84 -29.00 8.38
N ALA D 64 -9.91 -28.38 9.57
CA ALA D 64 -8.94 -27.40 10.03
C ALA D 64 -9.01 -26.08 9.24
N ASP D 65 -10.12 -25.86 8.53
CA ASP D 65 -10.35 -24.57 7.86
C ASP D 65 -11.10 -23.64 8.79
N LEU D 66 -10.51 -23.29 9.94
CA LEU D 66 -11.26 -22.57 10.96
C LEU D 66 -11.82 -21.24 10.48
N PRO D 67 -11.08 -20.38 9.76
CA PRO D 67 -11.68 -19.12 9.30
C PRO D 67 -12.93 -19.34 8.44
N LEU D 68 -12.89 -20.33 7.56
CA LEU D 68 -14.05 -20.64 6.74
C LEU D 68 -15.17 -21.23 7.57
N ALA D 69 -14.83 -22.06 8.57
CA ALA D 69 -15.86 -22.56 9.48
C ALA D 69 -16.56 -21.41 10.20
N GLN D 70 -15.79 -20.44 10.69
CA GLN D 70 -16.37 -19.30 11.39
C GLN D 70 -17.25 -18.47 10.45
N ALA D 71 -16.78 -18.27 9.21
CA ALA D 71 -17.58 -17.51 8.25
C ALA D 71 -18.88 -18.23 7.93
N ALA D 72 -18.83 -19.56 7.75
CA ALA D 72 -20.04 -20.33 7.49
C ALA D 72 -20.98 -20.29 8.68
N ILE D 73 -20.43 -20.34 9.90
CA ILE D 73 -21.26 -20.23 11.09
C ILE D 73 -21.98 -18.90 11.12
N ASP D 74 -21.25 -17.81 10.83
CA ASP D 74 -21.86 -16.49 10.78
C ASP D 74 -22.96 -16.46 9.73
N ARG D 75 -22.71 -17.04 8.56
CA ARG D 75 -23.71 -17.07 7.50
C ARG D 75 -24.96 -17.82 7.95
N PHE D 76 -24.78 -18.99 8.58
CA PHE D 76 -25.92 -19.77 9.04
C PHE D 76 -26.73 -18.99 10.06
N ILE D 77 -26.05 -18.35 11.01
CA ILE D 77 -26.75 -17.59 12.04
C ILE D 77 -27.51 -16.43 11.40
N ARG D 78 -26.93 -15.78 10.41
CA ARG D 78 -27.63 -14.71 9.71
C ARG D 78 -28.87 -15.23 9.02
N LEU D 79 -28.76 -16.39 8.36
CA LEU D 79 -29.91 -16.95 7.64
C LEU D 79 -30.94 -17.52 8.61
N ASN D 80 -30.50 -18.00 9.78
CA ASN D 80 -31.38 -18.70 10.72
C ASN D 80 -31.23 -18.12 12.11
N PRO D 81 -31.84 -16.95 12.36
CA PRO D 81 -31.87 -16.45 13.75
C PRO D 81 -32.58 -17.38 14.71
N THR D 82 -33.55 -18.16 14.23
CA THR D 82 -34.21 -19.19 15.02
C THR D 82 -34.20 -20.49 14.23
N HIS D 83 -33.73 -21.57 14.85
CA HIS D 83 -33.63 -22.85 14.16
C HIS D 83 -33.35 -23.94 15.20
N PRO D 84 -33.91 -25.14 15.05
CA PRO D 84 -33.78 -26.16 16.12
C PRO D 84 -32.35 -26.52 16.48
N ASN D 85 -31.35 -26.09 15.72
CA ASN D 85 -29.97 -26.49 15.92
C ASN D 85 -29.07 -25.31 16.28
N ILE D 86 -29.63 -24.15 16.60
CA ILE D 86 -28.82 -22.97 16.87
C ILE D 86 -27.87 -23.24 18.04
N ASP D 87 -28.29 -24.06 19.00
CA ASP D 87 -27.39 -24.42 20.09
C ASP D 87 -26.13 -25.09 19.55
N TYR D 88 -26.30 -26.03 18.62
CA TYR D 88 -25.14 -26.72 18.04
C TYR D 88 -24.25 -25.75 17.28
N VAL D 89 -24.84 -24.82 16.53
CA VAL D 89 -24.03 -23.91 15.74
C VAL D 89 -23.27 -22.94 16.62
N MET D 90 -23.90 -22.48 17.72
CA MET D 90 -23.18 -21.61 18.65
C MET D 90 -22.06 -22.39 19.34
N TYR D 91 -22.32 -23.65 19.71
CA TYR D 91 -21.26 -24.49 20.23
C TYR D 91 -20.12 -24.63 19.22
N MET D 92 -20.47 -24.75 17.94
CA MET D 92 -19.46 -24.87 16.90
C MET D 92 -18.64 -23.59 16.79
N ARG D 93 -19.28 -22.44 16.88
CA ARG D 93 -18.55 -21.18 16.87
C ARG D 93 -17.56 -21.12 18.03
N GLY D 94 -18.05 -21.46 19.22
CA GLY D 94 -17.16 -21.49 20.38
C GLY D 94 -15.99 -22.44 20.19
N LEU D 95 -16.28 -23.65 19.68
CA LEU D 95 -15.23 -24.64 19.49
C LEU D 95 -14.24 -24.21 18.42
N THR D 96 -14.72 -23.54 17.37
CA THR D 96 -13.81 -23.06 16.33
C THR D 96 -12.85 -22.03 16.88
N ASN D 97 -13.39 -21.03 17.59
CA ASN D 97 -12.51 -20.00 18.13
C ASN D 97 -11.60 -20.57 19.22
N MET D 98 -12.04 -21.61 19.93
CA MET D 98 -11.18 -22.27 20.90
C MET D 98 -10.04 -23.00 20.19
N ALA D 99 -10.39 -23.81 19.17
CA ALA D 99 -9.41 -24.57 18.43
C ALA D 99 -8.42 -23.68 17.70
N LEU D 100 -8.80 -22.43 17.41
CA LEU D 100 -7.88 -21.52 16.73
C LEU D 100 -6.63 -21.25 17.56
N ASP D 101 -6.64 -21.56 18.85
CA ASP D 101 -5.48 -21.30 19.71
C ASP D 101 -4.44 -22.41 19.60
N ASP D 102 -4.83 -23.65 19.86
CA ASP D 102 -3.89 -24.77 19.96
C ASP D 102 -3.41 -25.15 18.56
N SER D 103 -2.28 -24.55 18.19
CA SER D 103 -1.88 -24.52 16.79
C SER D 103 -1.12 -25.77 16.33
N ALA D 104 -0.07 -26.18 17.03
CA ALA D 104 0.85 -27.16 16.47
C ALA D 104 1.48 -27.99 17.58
N LEU D 105 2.26 -28.99 17.15
CA LEU D 105 2.82 -29.97 18.09
C LEU D 105 3.83 -29.34 19.05
N GLN D 106 4.72 -28.49 18.53
CA GLN D 106 5.85 -28.04 19.35
C GLN D 106 5.38 -27.38 20.63
N GLY D 107 4.24 -26.69 20.60
CA GLY D 107 3.63 -26.24 21.84
C GLY D 107 3.03 -27.38 22.65
N PHE D 108 2.56 -28.42 21.95
CA PHE D 108 1.89 -29.54 22.61
C PHE D 108 2.84 -30.23 23.59
N PHE D 109 4.04 -30.59 23.13
CA PHE D 109 4.99 -31.28 24.01
C PHE D 109 5.91 -30.26 24.68
N GLY D 110 6.12 -29.11 24.05
CA GLY D 110 7.18 -28.21 24.49
C GLY D 110 6.76 -27.29 25.63
N VAL D 111 5.81 -26.40 25.38
CA VAL D 111 5.60 -25.23 26.23
C VAL D 111 4.11 -25.01 26.44
N ASP D 112 3.79 -24.37 27.58
CA ASP D 112 2.43 -23.88 27.81
C ASP D 112 2.09 -22.78 26.81
N ARG D 113 0.83 -22.73 26.40
CA ARG D 113 0.37 -21.79 25.39
C ARG D 113 -0.77 -20.93 25.93
N SER D 114 -0.61 -20.42 27.16
CA SER D 114 -1.68 -19.66 27.80
C SER D 114 -1.56 -18.16 27.60
N ASP D 115 -0.37 -17.65 27.27
CA ASP D 115 -0.14 -16.21 27.24
C ASP D 115 0.35 -15.75 25.87
N ARG D 116 -0.23 -16.27 24.80
CA ARG D 116 0.09 -15.81 23.45
C ARG D 116 -0.88 -14.73 22.99
N ASP D 117 -2.17 -15.04 22.94
CA ASP D 117 -3.18 -14.07 22.51
C ASP D 117 -4.54 -14.50 23.05
N PRO D 118 -5.26 -13.63 23.77
CA PRO D 118 -6.56 -14.03 24.31
C PRO D 118 -7.73 -13.79 23.37
N GLN D 119 -7.54 -13.04 22.29
CA GLN D 119 -8.69 -12.62 21.49
C GLN D 119 -9.50 -13.81 21.01
N HIS D 120 -8.84 -14.83 20.48
CA HIS D 120 -9.56 -16.04 20.07
C HIS D 120 -10.21 -16.70 21.28
N ALA D 121 -9.43 -16.89 22.35
CA ALA D 121 -9.98 -17.50 23.55
C ALA D 121 -11.11 -16.68 24.14
N ARG D 122 -10.96 -15.35 24.14
CA ARG D 122 -11.96 -14.50 24.76
C ARG D 122 -13.26 -14.50 23.95
N ALA D 123 -13.15 -14.45 22.62
CA ALA D 123 -14.34 -14.53 21.79
C ALA D 123 -15.02 -15.89 21.95
N ALA D 124 -14.23 -16.96 21.99
CA ALA D 124 -14.79 -18.29 22.20
C ALA D 124 -15.51 -18.36 23.55
N PHE D 125 -14.92 -17.77 24.58
CA PHE D 125 -15.56 -17.77 25.89
C PHE D 125 -16.88 -17.02 25.87
N SER D 126 -16.90 -15.86 25.20
CA SER D 126 -18.15 -15.12 25.10
C SER D 126 -19.22 -15.93 24.38
N ASP D 127 -18.83 -16.63 23.32
CA ASP D 127 -19.81 -17.42 22.57
C ASP D 127 -20.31 -18.59 23.39
N PHE D 128 -19.41 -19.28 24.12
CA PHE D 128 -19.84 -20.34 25.01
C PHE D 128 -20.73 -19.81 26.12
N SER D 129 -20.47 -18.60 26.60
CA SER D 129 -21.33 -17.97 27.60
C SER D 129 -22.72 -17.78 27.03
N LYS D 130 -22.82 -17.28 25.79
CA LYS D 130 -24.11 -17.16 25.14
C LYS D 130 -24.80 -18.52 25.06
N LEU D 131 -24.07 -19.55 24.65
CA LEU D 131 -24.65 -20.88 24.51
C LEU D 131 -25.21 -21.38 25.84
N VAL D 132 -24.40 -21.32 26.90
CA VAL D 132 -24.82 -21.88 28.18
C VAL D 132 -25.94 -21.06 28.79
N ARG D 133 -25.90 -19.74 28.65
CA ARG D 133 -26.93 -18.90 29.25
C ARG D 133 -28.26 -19.05 28.53
N GLY D 134 -28.24 -19.01 27.20
CA GLY D 134 -29.49 -19.00 26.46
C GLY D 134 -30.13 -20.37 26.35
N TYR D 135 -29.30 -21.42 26.25
CA TYR D 135 -29.83 -22.75 25.94
C TYR D 135 -29.31 -23.77 26.95
N PRO D 136 -29.58 -23.57 28.24
CA PRO D 136 -29.03 -24.50 29.25
C PRO D 136 -29.48 -25.94 29.07
N ASN D 137 -30.72 -26.16 28.63
CA ASN D 137 -31.21 -27.52 28.49
C ASN D 137 -30.59 -28.28 27.33
N SER D 138 -29.82 -27.60 26.48
CA SER D 138 -29.23 -28.26 25.32
C SER D 138 -28.22 -29.31 25.76
N GLN D 139 -28.09 -30.36 24.94
CA GLN D 139 -27.18 -31.45 25.28
C GLN D 139 -25.73 -30.99 25.30
N TYR D 140 -25.42 -29.90 24.60
CA TYR D 140 -24.04 -29.41 24.53
C TYR D 140 -23.66 -28.54 25.72
N THR D 141 -24.58 -28.32 26.66
CA THR D 141 -24.34 -27.39 27.75
C THR D 141 -23.15 -27.83 28.61
N THR D 142 -23.09 -29.10 28.99
CA THR D 142 -22.12 -29.52 29.99
C THR D 142 -20.69 -29.39 29.47
N ASP D 143 -20.42 -29.93 28.29
CA ASP D 143 -19.09 -29.77 27.70
C ASP D 143 -18.77 -28.30 27.49
N ALA D 144 -19.77 -27.52 27.08
CA ALA D 144 -19.58 -26.08 26.97
C ALA D 144 -19.18 -25.49 28.31
N THR D 145 -19.75 -25.99 29.41
CA THR D 145 -19.39 -25.49 30.72
C THR D 145 -17.95 -25.83 31.08
N LYS D 146 -17.53 -27.07 30.79
CA LYS D 146 -16.14 -27.44 31.06
C LYS D 146 -15.18 -26.57 30.27
N ARG D 147 -15.50 -26.35 28.98
CA ARG D 147 -14.65 -25.49 28.16
C ARG D 147 -14.67 -24.06 28.67
N LEU D 148 -15.81 -23.59 29.15
CA LEU D 148 -15.86 -22.25 29.75
C LEU D 148 -14.92 -22.15 30.93
N VAL D 149 -14.93 -23.16 31.80
CA VAL D 149 -14.06 -23.13 32.96
C VAL D 149 -12.60 -23.08 32.53
N PHE D 150 -12.21 -23.97 31.61
CA PHE D 150 -10.81 -23.99 31.19
C PHE D 150 -10.42 -22.69 30.50
N LEU D 151 -11.30 -22.15 29.68
CA LEU D 151 -10.99 -20.94 28.91
C LEU D 151 -10.88 -19.73 29.82
N LYS D 152 -11.74 -19.65 30.84
CA LYS D 152 -11.63 -18.58 31.83
C LYS D 152 -10.33 -18.70 32.61
N ASP D 153 -9.93 -19.93 32.96
CA ASP D 153 -8.65 -20.12 33.61
C ASP D 153 -7.51 -19.66 32.72
N ARG D 154 -7.60 -19.94 31.41
CA ARG D 154 -6.56 -19.54 30.48
C ARG D 154 -6.47 -18.01 30.39
N LEU D 155 -7.62 -17.35 30.31
CA LEU D 155 -7.62 -15.88 30.29
C LEU D 155 -7.00 -15.32 31.55
N ALA D 156 -7.34 -15.90 32.70
CA ALA D 156 -6.77 -15.43 33.96
C ALA D 156 -5.26 -15.65 33.97
N LYS D 157 -4.79 -16.77 33.39
CA LYS D 157 -3.35 -16.99 33.32
C LYS D 157 -2.67 -15.99 32.40
N TYR D 158 -3.33 -15.57 31.33
CA TYR D 158 -2.75 -14.52 30.49
C TYR D 158 -2.62 -13.22 31.28
N GLU D 159 -3.65 -12.85 32.01
CA GLU D 159 -3.56 -11.64 32.84
C GLU D 159 -2.44 -11.77 33.86
N TYR D 160 -2.31 -12.95 34.46
CA TYR D 160 -1.23 -13.18 35.42
C TYR D 160 0.14 -13.07 34.75
N SER D 161 0.25 -13.55 33.51
CA SER D 161 1.53 -13.48 32.80
C SER D 161 1.88 -12.06 32.37
N VAL D 162 0.91 -11.18 32.26
CA VAL D 162 1.18 -9.75 32.10
C VAL D 162 1.56 -9.11 33.43
N ALA D 163 0.87 -9.49 34.50
CA ALA D 163 1.19 -8.95 35.82
C ALA D 163 2.60 -9.31 36.24
N GLU D 164 3.03 -10.54 35.95
CA GLU D 164 4.38 -10.96 36.31
C GLU D 164 5.42 -10.11 35.57
N TYR D 165 5.20 -9.87 34.28
CA TYR D 165 6.12 -9.00 33.55
C TYR D 165 6.19 -7.62 34.17
N TYR D 166 5.03 -7.00 34.41
CA TYR D 166 5.08 -5.64 34.95
C TYR D 166 5.67 -5.62 36.36
N THR D 167 5.55 -6.72 37.11
CA THR D 167 6.24 -6.82 38.38
C THR D 167 7.75 -6.85 38.18
N GLU D 168 8.22 -7.61 37.18
CA GLU D 168 9.66 -7.67 36.93
C GLU D 168 10.20 -6.32 36.50
N ARG D 169 9.50 -5.64 35.60
CA ARG D 169 9.92 -4.31 35.17
C ARG D 169 9.69 -3.28 36.27
N GLY D 170 8.66 -3.47 37.09
CA GLY D 170 8.40 -2.57 38.20
C GLY D 170 7.38 -1.49 37.95
N ALA D 171 6.57 -1.61 36.88
CA ALA D 171 5.46 -0.69 36.65
C ALA D 171 4.36 -1.02 37.65
N TRP D 172 4.61 -0.66 38.91
CA TRP D 172 3.78 -1.13 40.00
C TRP D 172 2.33 -0.70 39.88
N VAL D 173 2.07 0.50 39.36
CA VAL D 173 0.68 0.91 39.13
C VAL D 173 0.03 -0.02 38.11
N ALA D 174 0.78 -0.41 37.08
CA ALA D 174 0.24 -1.35 36.10
C ALA D 174 -0.07 -2.69 36.76
N VAL D 175 0.80 -3.16 37.64
CA VAL D 175 0.58 -4.44 38.32
C VAL D 175 -0.68 -4.37 39.16
N VAL D 176 -0.83 -3.30 39.94
CA VAL D 176 -2.00 -3.16 40.78
C VAL D 176 -3.26 -3.13 39.94
N ASN D 177 -3.24 -2.33 38.86
CA ASN D 177 -4.41 -2.24 38.00
C ASN D 177 -4.77 -3.58 37.39
N ARG D 178 -3.76 -4.32 36.92
CA ARG D 178 -4.01 -5.60 36.27
C ARG D 178 -4.58 -6.62 37.25
N VAL D 179 -4.01 -6.69 38.46
CA VAL D 179 -4.52 -7.66 39.42
C VAL D 179 -5.91 -7.27 39.88
N GLU D 180 -6.19 -5.97 40.03
CA GLU D 180 -7.54 -5.54 40.35
C GLU D 180 -8.52 -5.92 39.26
N GLY D 181 -8.12 -5.75 38.00
CA GLY D 181 -8.97 -6.18 36.90
C GLY D 181 -9.22 -7.68 36.91
N MET D 182 -8.18 -8.45 37.23
CA MET D 182 -8.36 -9.90 37.34
C MET D 182 -9.36 -10.24 38.44
N LEU D 183 -9.25 -9.58 39.59
CA LEU D 183 -10.24 -9.78 40.65
C LEU D 183 -11.64 -9.43 40.17
N ARG D 184 -11.77 -8.35 39.40
CA ARG D 184 -13.10 -7.96 38.92
C ARG D 184 -13.68 -9.00 37.98
N ASP D 185 -12.87 -9.49 37.04
CA ASP D 185 -13.38 -10.38 36.01
C ASP D 185 -13.23 -11.86 36.35
N TYR D 186 -12.08 -12.27 36.89
CA TYR D 186 -11.76 -13.69 37.08
C TYR D 186 -11.51 -14.00 38.57
N PRO D 187 -12.43 -13.61 39.44
CA PRO D 187 -12.16 -13.78 40.89
C PRO D 187 -11.95 -15.22 41.31
N ASP D 188 -12.71 -16.16 40.75
CA ASP D 188 -12.66 -17.55 41.18
C ASP D 188 -11.80 -18.39 40.24
N THR D 189 -10.50 -18.12 40.26
CA THR D 189 -9.54 -18.90 39.48
C THR D 189 -8.26 -19.07 40.28
N GLN D 190 -7.51 -20.12 39.93
CA GLN D 190 -6.20 -20.30 40.55
C GLN D 190 -5.23 -19.19 40.17
N ALA D 191 -5.36 -18.67 38.95
CA ALA D 191 -4.44 -17.63 38.49
C ALA D 191 -4.50 -16.40 39.39
N THR D 192 -5.70 -15.93 39.71
CA THR D 192 -5.81 -14.76 40.57
C THR D 192 -5.41 -15.07 42.00
N ARG D 193 -5.69 -16.29 42.47
CA ARG D 193 -5.24 -16.68 43.80
C ARG D 193 -3.73 -16.62 43.91
N ASP D 194 -3.02 -17.02 42.86
CA ASP D 194 -1.57 -16.87 42.83
C ASP D 194 -1.13 -15.43 42.56
N ALA D 195 -1.98 -14.63 41.90
CA ALA D 195 -1.62 -13.27 41.57
C ALA D 195 -1.67 -12.34 42.79
N LEU D 196 -2.63 -12.55 43.69
CA LEU D 196 -2.77 -11.62 44.80
C LEU D 196 -1.49 -11.49 45.62
N PRO D 197 -0.76 -12.56 45.94
CA PRO D 197 0.55 -12.38 46.59
C PRO D 197 1.49 -11.46 45.83
N LEU D 198 1.23 -11.18 44.55
CA LEU D 198 2.04 -10.26 43.77
C LEU D 198 1.52 -8.83 43.88
N MET D 199 0.20 -8.64 43.92
CA MET D 199 -0.34 -7.32 44.20
C MET D 199 0.04 -6.89 45.62
N GLU D 200 0.21 -7.86 46.52
CA GLU D 200 0.64 -7.52 47.88
C GLU D 200 2.02 -6.89 47.88
N ASN D 201 2.92 -7.36 47.02
CA ASN D 201 4.21 -6.72 46.86
C ASN D 201 4.08 -5.39 46.15
N ALA D 202 3.26 -5.35 45.09
CA ALA D 202 3.14 -4.13 44.30
C ALA D 202 2.65 -2.96 45.14
N TYR D 203 1.62 -3.20 45.96
CA TYR D 203 1.08 -2.11 46.78
C TYR D 203 2.13 -1.58 47.75
N ARG D 204 2.96 -2.46 48.30
CA ARG D 204 3.97 -2.02 49.26
C ARG D 204 5.12 -1.29 48.59
N GLN D 205 5.52 -1.72 47.38
CA GLN D 205 6.61 -1.04 46.69
C GLN D 205 6.31 0.44 46.53
N MET D 206 5.04 0.80 46.37
CA MET D 206 4.64 2.19 46.29
C MET D 206 4.36 2.80 47.66
N GLN D 207 4.77 2.14 48.73
CA GLN D 207 4.69 2.65 50.09
C GLN D 207 3.24 2.86 50.55
N MET D 208 2.28 2.18 49.92
CA MET D 208 0.87 2.32 50.26
C MET D 208 0.51 1.24 51.29
N ASN D 209 0.93 1.48 52.53
CA ASN D 209 1.00 0.41 53.51
C ASN D 209 -0.36 -0.21 53.80
N ALA D 210 -1.38 0.62 54.03
CA ALA D 210 -2.68 0.08 54.46
C ALA D 210 -3.33 -0.77 53.38
N GLN D 211 -3.21 -0.37 52.12
CA GLN D 211 -3.80 -1.17 51.04
C GLN D 211 -3.09 -2.51 50.91
N ALA D 212 -1.76 -2.51 51.04
CA ALA D 212 -1.01 -3.75 51.08
C ALA D 212 -1.46 -4.61 52.25
N GLU D 213 -1.75 -3.99 53.39
CA GLU D 213 -2.22 -4.74 54.55
C GLU D 213 -3.56 -5.40 54.26
N LYS D 214 -4.46 -4.69 53.57
CA LYS D 214 -5.76 -5.27 53.25
C LYS D 214 -5.63 -6.44 52.28
N VAL D 215 -4.79 -6.30 51.25
CA VAL D 215 -4.61 -7.44 50.35
C VAL D 215 -3.92 -8.58 51.09
N ALA D 216 -3.06 -8.28 52.07
CA ALA D 216 -2.49 -9.32 52.90
C ALA D 216 -3.56 -10.03 53.72
N LYS D 217 -4.53 -9.27 54.22
CA LYS D 217 -5.67 -9.88 54.90
C LYS D 217 -6.40 -10.84 53.98
N ILE D 218 -6.60 -10.43 52.73
CA ILE D 218 -7.29 -11.31 51.78
C ILE D 218 -6.50 -12.59 51.56
N ILE D 219 -5.19 -12.47 51.29
CA ILE D 219 -4.39 -13.66 51.03
C ILE D 219 -4.34 -14.57 52.25
N ALA D 220 -4.35 -13.99 53.46
CA ALA D 220 -4.35 -14.80 54.66
C ALA D 220 -5.51 -15.77 54.67
N ALA D 221 -6.72 -15.28 54.40
CA ALA D 221 -7.89 -16.16 54.39
C ALA D 221 -7.86 -17.10 53.20
N ASN D 222 -7.58 -16.57 52.01
CA ASN D 222 -7.67 -17.37 50.78
C ASN D 222 -6.43 -18.22 50.54
N SER D 223 -5.53 -18.35 51.52
CA SER D 223 -4.44 -19.31 51.38
C SER D 223 -4.95 -20.75 51.35
N SER D 224 -6.18 -20.98 51.78
CA SER D 224 -6.78 -22.32 51.79
C SER D 224 -6.77 -22.91 50.39
N LEU E 4 24.20 -6.45 40.55
CA LEU E 4 22.79 -5.98 40.53
C LEU E 4 22.68 -4.58 39.94
N GLU E 5 23.06 -3.58 40.73
CA GLU E 5 23.00 -2.20 40.27
C GLU E 5 24.13 -1.92 39.28
N ARG E 6 23.77 -1.47 38.09
CA ARG E 6 24.74 -1.19 37.05
C ARG E 6 24.19 -0.09 36.15
N VAL E 7 25.09 0.51 35.37
CA VAL E 7 24.68 1.51 34.37
C VAL E 7 24.15 0.78 33.15
N VAL E 8 22.85 0.87 32.91
CA VAL E 8 22.21 0.27 31.75
C VAL E 8 20.93 1.06 31.48
N TYR E 9 20.56 1.13 30.20
CA TYR E 9 19.49 2.04 29.77
C TYR E 9 18.13 1.49 30.19
N ARG E 10 17.84 1.64 31.48
CA ARG E 10 16.51 1.35 31.99
C ARG E 10 15.53 2.38 31.42
N PRO E 11 14.45 1.96 30.73
CA PRO E 11 13.73 2.84 29.81
C PRO E 11 12.78 3.85 30.49
N ASP E 12 13.30 4.59 31.46
CA ASP E 12 12.65 5.78 32.00
C ASP E 12 11.15 5.54 32.22
N ILE E 13 10.85 4.64 33.15
CA ILE E 13 9.47 4.24 33.38
C ILE E 13 8.71 5.40 34.02
N ASN E 14 7.53 5.70 33.48
CA ASN E 14 6.55 6.54 34.14
C ASN E 14 5.43 5.68 34.68
N GLN E 15 4.83 6.11 35.79
CA GLN E 15 3.78 5.34 36.42
C GLN E 15 2.78 6.27 37.08
N GLY E 16 1.51 5.89 37.02
CA GLY E 16 0.47 6.63 37.70
C GLY E 16 0.09 7.90 36.98
N ASN E 17 -0.72 8.70 37.68
CA ASN E 17 -1.26 9.92 37.10
C ASN E 17 -0.21 11.04 37.14
N TYR E 18 -0.61 12.19 36.60
CA TYR E 18 0.21 13.39 36.62
C TYR E 18 -0.38 14.36 37.65
N LEU E 19 0.45 14.79 38.60
CA LEU E 19 0.02 15.63 39.70
C LEU E 19 0.69 17.00 39.65
N THR E 20 0.70 17.63 38.47
CA THR E 20 1.25 18.97 38.36
C THR E 20 0.69 19.86 39.46
N ALA E 21 1.57 20.66 40.07
CA ALA E 21 1.24 21.34 41.31
C ALA E 21 -0.04 22.17 41.18
N ASN E 22 -0.30 22.74 40.00
CA ASN E 22 -1.50 23.54 39.83
C ASN E 22 -2.76 22.71 40.05
N ASP E 23 -2.80 21.51 39.46
CA ASP E 23 -3.96 20.65 39.64
C ASP E 23 -4.06 20.14 41.07
N VAL E 24 -2.92 20.00 41.75
CA VAL E 24 -2.96 19.66 43.17
C VAL E 24 -3.62 20.78 43.96
N SER E 25 -3.25 22.02 43.66
CA SER E 25 -3.87 23.18 44.31
C SER E 25 -5.34 23.32 43.93
N LYS E 26 -5.75 22.75 42.80
CA LYS E 26 -7.15 22.86 42.38
C LYS E 26 -8.08 22.19 43.39
N ILE E 27 -7.63 21.10 44.01
CA ILE E 27 -8.52 20.32 44.86
C ILE E 27 -8.91 21.09 46.10
N ARG E 28 -10.15 20.91 46.53
CA ARG E 28 -10.65 21.44 47.79
C ARG E 28 -11.57 20.42 48.44
N VAL E 29 -11.70 20.51 49.77
CA VAL E 29 -12.39 19.46 50.52
C VAL E 29 -13.87 19.38 50.19
N GLY E 30 -14.47 20.45 49.68
CA GLY E 30 -15.89 20.49 49.42
C GLY E 30 -16.34 19.85 48.13
N MET E 31 -15.43 19.25 47.38
CA MET E 31 -15.76 18.72 46.06
C MET E 31 -16.48 17.38 46.16
N THR E 32 -17.18 17.04 45.07
CA THR E 32 -17.66 15.69 44.82
C THR E 32 -16.75 15.01 43.80
N GLN E 33 -16.97 13.72 43.60
CA GLN E 33 -16.07 12.95 42.73
C GLN E 33 -15.96 13.57 41.35
N GLN E 34 -17.03 14.19 40.85
CA GLN E 34 -16.98 14.78 39.52
C GLN E 34 -15.97 15.92 39.45
N GLN E 35 -15.94 16.78 40.47
CA GLN E 35 -14.97 17.87 40.49
C GLN E 35 -13.54 17.33 40.57
N VAL E 36 -13.33 16.27 41.35
CA VAL E 36 -12.01 15.65 41.42
C VAL E 36 -11.60 15.12 40.06
N ALA E 37 -12.52 14.43 39.38
CA ALA E 37 -12.21 13.88 38.07
C ALA E 37 -11.88 14.98 37.08
N TYR E 38 -12.64 16.08 37.10
CA TYR E 38 -12.35 17.20 36.20
C TYR E 38 -10.99 17.81 36.51
N ALA E 39 -10.67 18.00 37.79
CA ALA E 39 -9.44 18.71 38.14
C ALA E 39 -8.20 17.87 37.88
N LEU E 40 -8.21 16.60 38.29
CA LEU E 40 -7.02 15.77 38.23
C LEU E 40 -7.07 14.70 37.15
N GLY E 41 -8.19 14.53 36.47
CA GLY E 41 -8.39 13.40 35.59
C GLY E 41 -8.84 12.17 36.35
N THR E 42 -9.25 11.15 35.59
CA THR E 42 -9.79 9.96 36.21
C THR E 42 -8.73 9.29 37.09
N PRO E 43 -9.12 8.76 38.25
CA PRO E 43 -8.15 8.09 39.12
C PRO E 43 -7.71 6.77 38.50
N LEU E 44 -6.43 6.63 38.20
CA LEU E 44 -5.91 5.41 37.62
C LEU E 44 -5.77 4.28 38.63
N MET E 45 -5.97 4.56 39.93
CA MET E 45 -5.96 3.53 40.96
C MET E 45 -7.17 3.74 41.86
N SER E 46 -8.31 3.19 41.45
CA SER E 46 -9.49 3.18 42.31
C SER E 46 -9.36 2.08 43.35
N ASP E 47 -9.77 2.38 44.57
CA ASP E 47 -9.66 1.40 45.65
C ASP E 47 -10.71 0.32 45.46
N PRO E 48 -10.34 -0.94 45.21
CA PRO E 48 -11.36 -1.97 44.97
C PRO E 48 -12.01 -2.48 46.23
N PHE E 49 -11.31 -2.46 47.37
CA PHE E 49 -11.75 -3.17 48.56
C PHE E 49 -12.69 -2.32 49.40
N GLY E 50 -13.90 -2.13 48.86
CA GLY E 50 -15.00 -1.57 49.61
C GLY E 50 -15.02 -0.06 49.73
N THR E 51 -13.98 0.52 50.33
CA THR E 51 -14.00 1.94 50.64
C THR E 51 -13.96 2.77 49.35
N ASN E 52 -14.77 3.83 49.32
CA ASN E 52 -14.81 4.74 48.17
C ASN E 52 -13.59 5.65 48.21
N THR E 53 -12.43 5.03 48.04
CA THR E 53 -11.15 5.72 48.14
C THR E 53 -10.52 5.81 46.76
N TRP E 54 -10.07 7.01 46.40
CA TRP E 54 -9.30 7.24 45.19
C TRP E 54 -7.84 7.48 45.56
N PHE E 55 -6.93 6.74 44.93
CA PHE E 55 -5.50 6.94 45.11
C PHE E 55 -4.92 7.57 43.85
N TYR E 56 -4.28 8.73 44.02
CA TYR E 56 -3.54 9.38 42.95
C TYR E 56 -2.05 9.18 43.20
N VAL E 57 -1.38 8.47 42.29
CA VAL E 57 0.04 8.16 42.40
C VAL E 57 0.75 8.76 41.20
N PHE E 58 1.81 9.52 41.46
CA PHE E 58 2.64 10.14 40.44
C PHE E 58 4.07 9.66 40.66
N ARG E 59 4.53 8.75 39.81
CA ARG E 59 5.78 8.02 40.04
C ARG E 59 6.63 8.05 38.79
N GLN E 60 7.92 8.35 38.95
CA GLN E 60 8.86 8.32 37.84
C GLN E 60 10.17 7.71 38.31
N GLN E 61 10.92 7.14 37.36
CA GLN E 61 12.28 6.69 37.62
C GLN E 61 13.12 7.02 36.40
N PRO E 62 13.57 8.26 36.25
CA PRO E 62 14.42 8.62 35.10
C PRO E 62 15.68 7.77 35.09
N GLY E 63 15.97 7.19 33.93
CA GLY E 63 17.13 6.31 33.83
C GLY E 63 17.00 5.15 34.82
N HIS E 64 18.09 4.91 35.56
CA HIS E 64 18.13 3.85 36.55
C HIS E 64 18.45 4.37 37.95
N GLU E 65 18.31 5.67 38.18
CA GLU E 65 18.71 6.29 39.44
C GLU E 65 17.68 7.32 39.86
N GLY E 66 17.38 7.36 41.15
CA GLY E 66 16.57 8.43 41.71
C GLY E 66 15.07 8.27 41.53
N VAL E 67 14.50 7.20 42.08
CA VAL E 67 13.05 7.03 42.04
C VAL E 67 12.39 8.24 42.71
N THR E 68 11.39 8.81 42.03
CA THR E 68 10.66 9.96 42.54
C THR E 68 9.17 9.66 42.45
N GLN E 69 8.42 9.99 43.51
CA GLN E 69 7.01 9.69 43.55
C GLN E 69 6.28 10.65 44.48
N GLN E 70 5.04 10.98 44.10
CA GLN E 70 4.08 11.62 44.99
C GLN E 70 2.87 10.72 45.13
N THR E 71 2.36 10.62 46.35
CA THR E 71 1.13 9.88 46.64
C THR E 71 0.09 10.85 47.15
N LEU E 72 -1.06 10.91 46.46
CA LEU E 72 -2.16 11.77 46.86
C LEU E 72 -3.39 10.87 47.02
N THR E 73 -3.86 10.71 48.24
CA THR E 73 -4.94 9.79 48.57
C THR E 73 -6.21 10.58 48.86
N LEU E 74 -7.30 10.16 48.23
CA LEU E 74 -8.60 10.78 48.41
C LEU E 74 -9.64 9.73 48.77
N THR E 75 -10.58 10.11 49.62
CA THR E 75 -11.67 9.23 50.01
C THR E 75 -12.98 10.00 49.99
N PHE E 76 -14.07 9.29 49.71
CA PHE E 76 -15.38 9.89 49.56
C PHE E 76 -16.40 9.09 50.36
N ASN E 77 -17.52 9.74 50.68
CA ASN E 77 -18.66 9.03 51.20
C ASN E 77 -19.32 8.22 50.09
N SER E 78 -20.29 7.39 50.46
CA SER E 78 -21.02 6.62 49.46
C SER E 78 -21.70 7.51 48.44
N SER E 79 -22.01 8.75 48.81
CA SER E 79 -22.58 9.71 47.88
C SER E 79 -21.55 10.33 46.95
N GLY E 80 -20.27 10.05 47.16
CA GLY E 80 -19.22 10.67 46.37
C GLY E 80 -18.72 11.98 46.91
N VAL E 81 -19.24 12.45 48.05
CA VAL E 81 -18.74 13.68 48.66
C VAL E 81 -17.39 13.40 49.31
N LEU E 82 -16.46 14.33 49.12
CA LEU E 82 -15.07 14.11 49.55
C LEU E 82 -14.82 14.70 50.93
N THR E 83 -14.26 13.89 51.82
CA THR E 83 -13.55 14.43 52.99
C THR E 83 -12.43 13.44 53.34
N ASN E 84 -11.28 13.60 52.67
CA ASN E 84 -10.03 12.95 53.06
C ASN E 84 -8.95 13.41 52.11
N ILE E 85 -7.82 13.84 52.65
CA ILE E 85 -6.66 14.18 51.81
C ILE E 85 -5.38 13.76 52.53
N ASP E 86 -4.52 13.06 51.79
CA ASP E 86 -3.14 12.81 52.20
C ASP E 86 -2.24 13.14 51.02
N ASN E 87 -1.18 13.89 51.29
CA ASN E 87 -0.29 14.40 50.24
C ASN E 87 1.14 14.24 50.70
N LYS E 88 1.95 13.53 49.91
CA LYS E 88 3.25 13.10 50.38
C LYS E 88 4.27 13.02 49.25
N PRO E 89 5.58 13.25 49.55
CA PRO E 89 6.65 12.95 48.63
C PRO E 89 7.10 11.56 49.11
N ALA E 90 7.44 10.63 48.22
CA ALA E 90 7.75 9.25 48.58
C ALA E 90 9.21 9.12 49.02
N LEU E 91 9.48 8.01 49.71
CA LEU E 91 10.84 7.69 50.11
C LEU E 91 11.66 7.22 48.91
N SER E 92 12.97 7.15 49.10
CA SER E 92 13.89 6.92 48.00
C SER E 92 13.90 5.45 47.58
N GLY E 93 14.42 5.22 46.38
CA GLY E 93 14.64 3.89 45.85
C GLY E 93 16.11 3.66 45.54
N ASN E 94 16.41 3.31 44.29
CA ASN E 94 17.80 3.16 43.86
C ASN E 94 18.56 4.47 44.08
#